data_7S0Z
#
_entry.id   7S0Z
#
_cell.length_a   76.308
_cell.length_b   112.112
_cell.length_c   101.571
_cell.angle_alpha   90.00
_cell.angle_beta   95.89
_cell.angle_gamma   90.00
#
_symmetry.space_group_name_H-M   'P 1 21 1'
#
loop_
_entity.id
_entity.type
_entity.pdbx_description
1 polymer 'Toxin B'
2 polymer 'Ras-related protein R-Ras'
3 non-polymer "URIDINE-5'-DIPHOSPHATE"
4 non-polymer 'AMMONIUM ION'
5 non-polymer 1,2-ETHANEDIOL
6 non-polymer 'ACETATE ION'
7 non-polymer DI(HYDROXYETHYL)ETHER
8 non-polymer 'MANGANESE (II) ION'
9 non-polymer alpha-D-glucopyranose
10 non-polymer 'MAGNESIUM ION'
11 non-polymer "GUANOSINE-5'-DIPHOSPHATE"
12 water water
#
loop_
_entity_poly.entity_id
_entity_poly.type
_entity_poly.pdbx_seq_one_letter_code
_entity_poly.pdbx_strand_id
1 'polypeptide(L)'
;MSLVNRKQLEKMANVRFRVQEDEYVAILDALEEYHNMSENTVVEKYLKLKDINSLTDTYIDTYKKSGRNKALKKFKEYLV
IEILELKNSNLTPVEKNLHFIWIGGQINDTAINYINQWKDVNSDYNVNVFYDSNAFLINTLKKTIIESASNDTLESFREN
LNDPEFNHTAFFRKRMQIIYDKQQNFINYYKAQKEENPDLIIDDIVKTYLSNEYSKDIDELNAYIEESLNKVTENSGNDV
RNFEEFKTGEVFNLYEQELVERWNLAGASDILRVAILKNIGGVYLDVDMLPGIHPDLFKDINKPDSVKTAVDWEEMQLEA
IMKHKEYIPEYTSKHFDTLDEEVQSSFESVLASKSDKSEIFLPLGDIEVSPLEVKIAFAKGSIINQALISAKDSYCSDLL
IKQIQNRYKILNDTLGPIISQGNDFNTTMNNFGESLGAIANEENISFIAKIGSYLRVGFYPEANTTITLSGPTIYAGAYK
DLLTFKEMSIDTSILSSELRNFEFPKVNISQATEQEKNSLWQFNEERAKIQFEEYKKNYFE
;
B,A
2 'polypeptide(L)'
;DPPPSETHKLVVVGGGGVGKSALTIQFIQSYFVSDYDPNIEDSYTKICSVDGIPARLDILDTAGQEEFGAMREQYMRAGH
GFLLVFAINDRQSFNEVGKLFTQILRVKDRDDFPVVLVGNKADLESQRQVPRSEASAFGASHHVAYFEASAKLRLNVDEA
FEQLVRAVRKYQEQELPPS
;
C,D
#
# COMPACT_ATOMS: atom_id res chain seq x y z
N MET A 1 12.56 3.47 30.96
CA MET A 1 11.06 3.40 30.88
C MET A 1 10.63 2.86 29.51
N SER A 2 11.31 3.22 28.43
CA SER A 2 10.97 2.69 27.07
C SER A 2 11.34 1.20 27.00
N LEU A 3 12.61 0.89 27.20
CA LEU A 3 13.13 -0.50 27.12
C LEU A 3 12.87 -1.24 28.45
N VAL A 4 12.59 -2.54 28.36
CA VAL A 4 12.43 -3.47 29.52
C VAL A 4 13.59 -3.29 30.50
N ASN A 5 13.28 -3.45 31.77
CA ASN A 5 14.31 -3.45 32.84
C ASN A 5 14.81 -4.89 33.02
N ARG A 6 15.76 -5.08 33.91
CA ARG A 6 16.37 -6.39 34.17
C ARG A 6 15.30 -7.40 34.60
N LYS A 7 14.41 -7.05 35.53
CA LYS A 7 13.42 -8.03 36.07
C LYS A 7 12.44 -8.40 34.95
N GLN A 8 12.09 -7.46 34.09
CA GLN A 8 11.16 -7.75 32.96
C GLN A 8 11.84 -8.73 32.01
N LEU A 9 13.11 -8.49 31.68
CA LEU A 9 13.83 -9.40 30.77
C LEU A 9 13.99 -10.76 31.44
N GLU A 10 14.26 -10.79 32.73
CA GLU A 10 14.45 -12.05 33.49
C GLU A 10 13.18 -12.89 33.41
N LYS A 11 11.99 -12.29 33.48
CA LYS A 11 10.75 -13.10 33.42
C LYS A 11 10.43 -13.42 31.96
N MET A 12 10.75 -12.51 31.04
CA MET A 12 10.60 -12.76 29.58
C MET A 12 11.39 -14.02 29.19
N ALA A 13 12.66 -14.09 29.59
CA ALA A 13 13.59 -15.16 29.17
C ALA A 13 13.71 -16.22 30.26
N ASN A 14 12.75 -16.26 31.17
CA ASN A 14 12.75 -17.27 32.25
C ASN A 14 12.63 -18.67 31.61
N VAL A 15 13.49 -19.59 32.02
CA VAL A 15 13.35 -21.03 31.69
C VAL A 15 13.44 -21.81 32.99
N ARG A 16 12.40 -22.60 33.27
CA ARG A 16 12.35 -23.39 34.51
C ARG A 16 13.45 -24.45 34.47
N PHE A 17 14.10 -24.66 35.61
CA PHE A 17 15.14 -25.71 35.80
C PHE A 17 16.33 -25.48 34.88
N ARG A 18 16.59 -24.23 34.51
CA ARG A 18 17.78 -23.90 33.68
C ARG A 18 18.67 -22.93 34.43
N VAL A 19 19.96 -23.18 34.36
CA VAL A 19 21.01 -22.36 35.02
C VAL A 19 21.06 -20.97 34.37
N GLN A 20 21.29 -19.94 35.15
CA GLN A 20 21.64 -18.61 34.63
C GLN A 20 23.09 -18.66 34.13
N GLU A 21 23.25 -18.82 32.82
CA GLU A 21 24.57 -18.91 32.15
C GLU A 21 25.27 -17.56 32.25
N ASP A 22 26.60 -17.59 32.27
CA ASP A 22 27.44 -16.36 32.36
C ASP A 22 27.11 -15.41 31.21
N GLU A 23 26.94 -15.93 30.00
CA GLU A 23 26.65 -15.08 28.81
C GLU A 23 25.26 -14.43 28.98
N TYR A 24 24.38 -15.07 29.75
CA TYR A 24 23.02 -14.55 30.02
C TYR A 24 23.08 -13.43 31.05
N VAL A 25 23.77 -13.67 32.16
CA VAL A 25 23.98 -12.65 33.22
C VAL A 25 24.67 -11.42 32.62
N ALA A 26 25.58 -11.62 31.65
CA ALA A 26 26.30 -10.50 30.98
C ALA A 26 25.28 -9.57 30.31
N ILE A 27 24.22 -10.14 29.74
CA ILE A 27 23.13 -9.33 29.12
C ILE A 27 22.40 -8.58 30.23
N LEU A 28 22.01 -9.28 31.29
CA LEU A 28 21.28 -8.66 32.42
C LEU A 28 22.10 -7.52 33.02
N ASP A 29 23.38 -7.75 33.32
CA ASP A 29 24.28 -6.71 33.89
C ASP A 29 24.31 -5.50 32.95
N ALA A 30 24.52 -5.73 31.66
CA ALA A 30 24.64 -4.64 30.66
C ALA A 30 23.33 -3.86 30.60
N LEU A 31 22.18 -4.56 30.63
CA LEU A 31 20.86 -3.89 30.55
C LEU A 31 20.62 -3.08 31.82
N GLU A 32 21.12 -3.55 32.96
CA GLU A 32 21.01 -2.81 34.25
C GLU A 32 21.90 -1.57 34.20
N GLU A 33 23.12 -1.71 33.68
CA GLU A 33 24.01 -0.54 33.43
C GLU A 33 23.24 0.51 32.64
N TYR A 34 22.59 0.09 31.55
CA TYR A 34 21.95 1.01 30.61
C TYR A 34 20.90 1.86 31.32
N HIS A 35 20.09 1.24 32.20
CA HIS A 35 19.00 1.96 32.91
C HIS A 35 19.54 2.89 34.01
N ASN A 36 20.84 2.90 34.26
CA ASN A 36 21.43 3.84 35.25
C ASN A 36 22.35 4.85 34.56
N MET A 37 22.30 4.93 33.23
CA MET A 37 23.14 5.88 32.45
C MET A 37 22.39 7.20 32.25
N SER A 38 21.69 7.65 33.29
CA SER A 38 21.00 8.96 33.36
C SER A 38 21.92 10.06 32.84
N GLU A 39 23.21 10.02 33.22
CA GLU A 39 24.12 11.19 33.13
C GLU A 39 24.85 11.23 31.78
N ASN A 40 24.72 10.19 30.96
CA ASN A 40 25.63 9.99 29.81
C ASN A 40 25.09 10.67 28.56
N THR A 41 25.98 10.82 27.58
CA THR A 41 25.65 11.35 26.24
C THR A 41 24.71 10.38 25.55
N VAL A 42 23.96 10.91 24.59
CA VAL A 42 23.12 10.10 23.66
C VAL A 42 24.00 9.05 23.00
N VAL A 43 25.21 9.43 22.59
CA VAL A 43 26.09 8.50 21.84
C VAL A 43 26.53 7.37 22.77
N GLU A 44 26.78 7.67 24.04
CA GLU A 44 27.23 6.64 25.01
C GLU A 44 26.09 5.67 25.30
N LYS A 45 24.85 6.16 25.41
CA LYS A 45 23.69 5.26 25.58
C LYS A 45 23.54 4.38 24.34
N TYR A 46 23.76 4.91 23.14
CA TYR A 46 23.66 4.09 21.91
C TYR A 46 24.74 3.00 21.92
N LEU A 47 25.98 3.38 22.24
CA LEU A 47 27.10 2.41 22.28
C LEU A 47 26.80 1.31 23.30
N LYS A 48 26.12 1.65 24.39
CA LYS A 48 25.72 0.66 25.41
C LYS A 48 24.67 -0.29 24.81
N LEU A 49 23.68 0.21 24.10
CA LEU A 49 22.69 -0.68 23.42
C LEU A 49 23.41 -1.57 22.41
N LYS A 50 24.47 -1.07 21.78
CA LYS A 50 25.31 -1.89 20.86
C LYS A 50 25.91 -3.06 21.63
N ASP A 51 26.51 -2.79 22.80
CA ASP A 51 27.12 -3.86 23.64
C ASP A 51 26.03 -4.87 24.01
N ILE A 52 24.92 -4.39 24.57
CA ILE A 52 23.79 -5.28 25.00
C ILE A 52 23.41 -6.18 23.82
N ASN A 53 23.16 -5.59 22.65
CA ASN A 53 22.78 -6.36 21.44
C ASN A 53 23.85 -7.40 21.11
N SER A 54 25.11 -7.02 21.21
CA SER A 54 26.27 -7.87 20.84
C SER A 54 26.42 -9.02 21.84
N LEU A 55 26.14 -8.76 23.11
CA LEU A 55 26.16 -9.80 24.17
C LEU A 55 24.98 -10.76 23.94
N THR A 56 23.85 -10.23 23.48
CA THR A 56 22.64 -11.06 23.23
C THR A 56 22.93 -12.02 22.07
N ASP A 57 23.53 -11.53 20.99
CA ASP A 57 23.93 -12.38 19.85
C ASP A 57 24.92 -13.45 20.33
N THR A 58 25.90 -13.07 21.15
CA THR A 58 26.89 -14.02 21.68
C THR A 58 26.16 -15.14 22.42
N TYR A 59 25.17 -14.80 23.24
CA TYR A 59 24.39 -15.82 24.00
C TYR A 59 23.70 -16.77 23.02
N ILE A 60 22.95 -16.20 22.07
CA ILE A 60 22.14 -16.98 21.10
C ILE A 60 23.07 -17.88 20.29
N ASP A 61 24.27 -17.39 19.98
CA ASP A 61 25.25 -18.15 19.17
C ASP A 61 25.86 -19.27 20.01
N THR A 62 25.93 -19.11 21.34
CA THR A 62 26.54 -20.12 22.23
C THR A 62 25.54 -21.25 22.50
N TYR A 63 24.29 -20.90 22.82
CA TYR A 63 23.24 -21.88 23.19
C TYR A 63 22.15 -21.87 22.13
N LYS A 64 22.47 -22.42 20.97
CA LYS A 64 21.66 -22.23 19.73
C LYS A 64 20.25 -22.79 19.90
N LYS A 65 20.03 -23.71 20.84
CA LYS A 65 18.69 -24.33 21.02
C LYS A 65 18.11 -23.99 22.39
N SER A 66 18.58 -22.91 23.03
CA SER A 66 18.14 -22.49 24.38
C SER A 66 16.66 -22.06 24.35
N GLY A 67 15.92 -22.38 25.40
CA GLY A 67 14.53 -21.91 25.56
C GLY A 67 14.46 -20.40 25.73
N ARG A 68 15.58 -19.71 25.97
CA ARG A 68 15.58 -18.25 26.18
C ARG A 68 15.58 -17.50 24.83
N ASN A 69 15.89 -18.17 23.71
CA ASN A 69 16.22 -17.48 22.43
C ASN A 69 15.01 -16.69 21.89
N LYS A 70 13.79 -17.22 22.01
CA LYS A 70 12.56 -16.53 21.53
C LYS A 70 12.42 -15.20 22.26
N ALA A 71 12.67 -15.17 23.57
CA ALA A 71 12.55 -13.92 24.37
C ALA A 71 13.73 -13.01 24.07
N LEU A 72 14.92 -13.56 23.80
CA LEU A 72 16.10 -12.70 23.53
C LEU A 72 15.99 -12.07 22.15
N LYS A 73 15.43 -12.81 21.19
CA LYS A 73 15.18 -12.24 19.84
C LYS A 73 14.13 -11.15 19.95
N LYS A 74 13.15 -11.27 20.85
CA LYS A 74 12.17 -10.17 21.02
C LYS A 74 12.83 -9.02 21.79
N PHE A 75 13.80 -9.33 22.64
CA PHE A 75 14.54 -8.30 23.38
C PHE A 75 15.35 -7.48 22.36
N LYS A 76 15.92 -8.17 21.38
CA LYS A 76 16.72 -7.54 20.30
C LYS A 76 15.88 -6.53 19.53
N GLU A 77 14.63 -6.86 19.23
CA GLU A 77 13.67 -5.93 18.57
C GLU A 77 13.47 -4.70 19.45
N TYR A 78 13.29 -4.92 20.75
CA TYR A 78 13.10 -3.83 21.74
C TYR A 78 14.32 -2.93 21.74
N LEU A 79 15.51 -3.49 21.54
CA LEU A 79 16.73 -2.63 21.44
C LEU A 79 16.61 -1.71 20.24
N VAL A 80 16.08 -2.21 19.12
CA VAL A 80 16.01 -1.39 17.86
C VAL A 80 15.02 -0.24 18.11
N ILE A 81 13.86 -0.54 18.68
CA ILE A 81 12.85 0.49 19.05
C ILE A 81 13.49 1.51 20.00
N GLU A 82 14.32 1.04 20.93
CA GLU A 82 14.97 1.92 21.93
C GLU A 82 16.00 2.84 21.24
N ILE A 83 16.65 2.40 20.16
CA ILE A 83 17.46 3.34 19.33
C ILE A 83 16.57 4.52 18.97
N LEU A 84 15.39 4.24 18.44
CA LEU A 84 14.49 5.30 17.93
C LEU A 84 13.95 6.14 19.09
N GLU A 85 13.64 5.53 20.23
CA GLU A 85 13.20 6.30 21.42
C GLU A 85 14.36 7.22 21.86
N LEU A 86 15.57 6.68 21.91
CA LEU A 86 16.79 7.47 22.22
C LEU A 86 16.92 8.60 21.18
N LYS A 87 16.74 8.27 19.91
CA LYS A 87 16.86 9.28 18.83
C LYS A 87 15.84 10.41 19.06
N ASN A 88 14.60 10.07 19.39
CA ASN A 88 13.49 11.04 19.43
C ASN A 88 13.51 11.89 20.70
N SER A 89 14.16 11.43 21.77
CA SER A 89 13.94 11.99 23.12
C SER A 89 15.00 13.02 23.51
N ASN A 90 16.14 13.06 22.83
CA ASN A 90 17.28 13.89 23.28
C ASN A 90 17.80 14.69 22.11
N LEU A 91 17.20 15.86 21.88
CA LEU A 91 17.52 16.67 20.69
C LEU A 91 18.53 17.72 21.07
N THR A 92 19.31 18.11 20.08
CA THR A 92 20.36 19.13 20.24
C THR A 92 20.19 20.14 19.12
N PRO A 93 20.52 21.42 19.40
CA PRO A 93 20.42 22.46 18.39
C PRO A 93 21.30 22.21 17.16
N VAL A 94 20.70 22.36 15.99
CA VAL A 94 21.41 22.27 14.68
C VAL A 94 22.11 23.61 14.45
N GLU A 95 23.41 23.56 14.16
CA GLU A 95 24.22 24.78 13.88
C GLU A 95 23.56 25.55 12.75
N LYS A 96 23.46 26.88 12.89
CA LYS A 96 22.74 27.72 11.91
C LYS A 96 23.65 28.04 10.73
N ASN A 97 24.03 26.99 10.02
CA ASN A 97 24.75 27.06 8.73
C ASN A 97 23.85 26.49 7.63
N LEU A 98 23.69 27.26 6.55
CA LEU A 98 23.21 26.74 5.24
C LEU A 98 24.44 26.45 4.38
N HIS A 99 24.73 25.19 4.11
CA HIS A 99 25.88 24.77 3.27
C HIS A 99 25.40 24.45 1.86
N PHE A 100 25.97 25.14 0.88
CA PHE A 100 25.85 24.79 -0.55
C PHE A 100 27.25 24.46 -1.06
N ILE A 101 27.28 23.83 -2.22
CA ILE A 101 28.55 23.42 -2.89
C ILE A 101 28.42 23.76 -4.37
N TRP A 102 29.39 24.49 -4.89
CA TRP A 102 29.61 24.57 -6.34
C TRP A 102 31.11 24.49 -6.65
N ILE A 103 31.52 23.37 -7.24
CA ILE A 103 32.95 23.07 -7.53
C ILE A 103 33.12 22.70 -8.99
N GLY A 104 34.34 22.88 -9.49
CA GLY A 104 34.78 22.40 -10.82
C GLY A 104 34.66 23.47 -11.89
N GLY A 105 33.94 24.56 -11.62
CA GLY A 105 33.75 25.62 -12.62
C GLY A 105 33.09 26.84 -12.02
N GLN A 106 32.86 27.84 -12.86
CA GLN A 106 32.33 29.14 -12.41
C GLN A 106 30.88 28.95 -11.97
N ILE A 107 30.54 29.44 -10.78
CA ILE A 107 29.15 29.37 -10.26
C ILE A 107 28.26 30.19 -11.19
N ASN A 108 27.13 29.59 -11.58
CA ASN A 108 26.14 30.17 -12.51
C ASN A 108 25.24 31.16 -11.76
N ASP A 109 24.65 32.10 -12.49
CA ASP A 109 23.69 33.08 -11.93
C ASP A 109 22.46 32.36 -11.39
N THR A 110 22.09 31.24 -12.00
CA THR A 110 20.88 30.47 -11.60
C THR A 110 21.10 29.87 -10.20
N ALA A 111 22.29 29.33 -9.94
CA ALA A 111 22.64 28.82 -8.59
C ALA A 111 22.52 29.95 -7.56
N ILE A 112 23.15 31.09 -7.87
CA ILE A 112 23.12 32.30 -6.98
C ILE A 112 21.68 32.62 -6.61
N ASN A 113 20.82 32.71 -7.63
CA ASN A 113 19.43 33.20 -7.43
C ASN A 113 18.65 32.25 -6.53
N TYR A 114 18.94 30.94 -6.57
CA TYR A 114 18.30 29.95 -5.66
C TYR A 114 18.82 30.17 -4.25
N ILE A 115 20.14 30.27 -4.12
CA ILE A 115 20.82 30.48 -2.81
C ILE A 115 20.27 31.75 -2.15
N ASN A 116 20.04 32.80 -2.95
CA ASN A 116 19.56 34.10 -2.41
C ASN A 116 18.20 33.92 -1.73
N GLN A 117 17.33 33.05 -2.26
CA GLN A 117 16.00 32.81 -1.64
C GLN A 117 16.19 32.26 -0.22
N TRP A 118 17.15 31.36 -0.04
CA TRP A 118 17.47 30.79 1.29
C TRP A 118 18.07 31.87 2.19
N LYS A 119 19.06 32.60 1.66
CA LYS A 119 19.78 33.65 2.41
C LYS A 119 18.78 34.72 2.86
N ASP A 120 17.91 35.15 1.98
CA ASP A 120 16.98 36.30 2.22
C ASP A 120 16.07 36.01 3.43
N VAL A 121 15.60 34.77 3.58
CA VAL A 121 14.57 34.46 4.63
C VAL A 121 15.20 33.73 5.81
N ASN A 122 16.52 33.59 5.84
CA ASN A 122 17.24 32.93 6.96
C ASN A 122 18.41 33.82 7.40
N SER A 123 18.10 35.08 7.70
CA SER A 123 19.11 36.09 8.12
C SER A 123 19.81 35.66 9.41
N ASP A 124 19.28 34.67 10.13
CA ASP A 124 19.94 34.14 11.36
C ASP A 124 20.81 32.92 11.03
N TYR A 125 20.98 32.59 9.75
CA TYR A 125 21.88 31.50 9.32
C TYR A 125 23.10 32.08 8.64
N ASN A 126 24.26 31.50 8.92
CA ASN A 126 25.46 31.74 8.08
C ASN A 126 25.30 30.92 6.80
N VAL A 127 25.60 31.53 5.67
CA VAL A 127 25.52 30.86 4.34
C VAL A 127 26.95 30.60 3.86
N ASN A 128 27.23 29.36 3.52
CA ASN A 128 28.51 28.93 2.91
C ASN A 128 28.23 28.45 1.49
N VAL A 129 29.01 28.95 0.54
CA VAL A 129 29.05 28.36 -0.82
C VAL A 129 30.43 27.74 -1.00
N PHE A 130 30.51 26.43 -0.78
CA PHE A 130 31.80 25.70 -0.83
C PHE A 130 32.21 25.52 -2.28
N TYR A 131 33.44 25.94 -2.56
CA TYR A 131 34.06 25.85 -3.90
C TYR A 131 35.52 25.46 -3.70
N ASP A 132 36.16 25.04 -4.77
CA ASP A 132 37.57 24.58 -4.74
C ASP A 132 38.36 25.55 -5.59
N SER A 133 39.22 26.36 -4.98
CA SER A 133 39.96 27.42 -5.70
C SER A 133 41.07 26.82 -6.58
N ASN A 134 41.37 25.54 -6.42
CA ASN A 134 42.44 24.87 -7.22
C ASN A 134 41.88 24.25 -8.50
N ALA A 135 40.56 24.26 -8.69
CA ALA A 135 39.90 23.35 -9.66
C ALA A 135 38.72 24.03 -10.33
N PHE A 136 38.92 25.25 -10.84
CA PHE A 136 37.89 25.99 -11.60
C PHE A 136 37.79 25.49 -13.05
N LEU A 137 38.72 24.67 -13.52
CA LEU A 137 38.76 24.32 -14.96
C LEU A 137 38.28 22.89 -15.22
N ILE A 138 37.86 22.15 -14.20
CA ILE A 138 37.42 20.74 -14.40
C ILE A 138 36.24 20.71 -15.37
N ASN A 139 35.27 21.61 -15.22
CA ASN A 139 34.06 21.63 -16.07
C ASN A 139 34.44 21.97 -17.51
N THR A 140 35.50 22.75 -17.72
CA THR A 140 36.00 23.10 -19.08
C THR A 140 36.76 21.91 -19.66
N LEU A 141 37.56 21.21 -18.84
CA LEU A 141 38.29 20.01 -19.30
C LEU A 141 37.27 18.96 -19.76
N LYS A 142 36.27 18.67 -18.92
CA LYS A 142 35.24 17.64 -19.24
C LYS A 142 34.51 18.03 -20.52
N LYS A 143 34.02 19.26 -20.62
CA LYS A 143 33.21 19.69 -21.79
C LYS A 143 34.09 19.60 -23.05
N THR A 144 35.34 20.04 -22.97
CA THR A 144 36.27 20.02 -24.13
C THR A 144 36.49 18.58 -24.59
N ILE A 145 36.83 17.68 -23.68
CA ILE A 145 37.19 16.29 -24.06
C ILE A 145 35.96 15.56 -24.57
N ILE A 146 34.79 15.89 -24.06
CA ILE A 146 33.53 15.28 -24.58
C ILE A 146 33.26 15.83 -25.98
N GLU A 147 33.45 17.14 -26.17
CA GLU A 147 33.24 17.75 -27.51
C GLU A 147 34.21 17.11 -28.51
N SER A 148 35.49 17.05 -28.18
CA SER A 148 36.52 16.42 -29.04
C SER A 148 36.11 14.97 -29.35
N ALA A 149 35.71 14.19 -28.35
CA ALA A 149 35.35 12.78 -28.53
C ALA A 149 34.09 12.66 -29.40
N SER A 150 33.16 13.59 -29.28
CA SER A 150 31.92 13.59 -30.11
C SER A 150 32.31 13.85 -31.57
N ASN A 151 33.10 14.90 -31.80
CA ASN A 151 33.57 15.28 -33.16
C ASN A 151 34.18 14.06 -33.84
N ASP A 152 35.16 13.43 -33.19
CA ASP A 152 35.84 12.23 -33.74
C ASP A 152 34.79 11.20 -34.15
N THR A 153 33.83 10.93 -33.27
CA THR A 153 32.84 9.83 -33.49
C THR A 153 31.91 10.19 -34.64
N LEU A 154 31.44 11.44 -34.71
CA LEU A 154 30.51 11.89 -35.79
C LEU A 154 31.21 11.82 -37.15
N GLU A 155 32.50 12.18 -37.18
CA GLU A 155 33.31 12.11 -38.43
C GLU A 155 33.47 10.66 -38.86
N SER A 156 33.65 9.74 -37.91
CA SER A 156 33.77 8.29 -38.20
C SER A 156 32.44 7.73 -38.70
N PHE A 157 31.35 8.49 -38.57
CA PHE A 157 30.00 8.13 -39.08
C PHE A 157 29.72 8.85 -40.40
N ARG A 158 30.76 9.45 -41.00
CA ARG A 158 30.68 10.28 -42.24
C ARG A 158 29.57 9.76 -43.15
N GLU A 159 29.78 8.57 -43.72
CA GLU A 159 28.97 8.06 -44.85
C GLU A 159 28.23 6.78 -44.45
N ASN A 160 27.92 6.62 -43.16
CA ASN A 160 27.01 5.54 -42.70
C ASN A 160 25.81 6.14 -41.99
N LEU A 161 25.65 7.46 -42.13
CA LEU A 161 24.60 8.29 -41.49
C LEU A 161 23.23 7.60 -41.49
N ASN A 162 22.77 7.00 -42.60
CA ASN A 162 21.37 6.49 -42.65
C ASN A 162 21.33 4.96 -42.53
N ASP A 163 22.43 4.31 -42.15
CA ASP A 163 22.43 2.86 -41.79
C ASP A 163 21.73 2.68 -40.46
N PRO A 164 21.17 1.48 -40.19
CA PRO A 164 20.48 1.23 -38.92
C PRO A 164 21.48 1.06 -37.78
N GLU A 165 22.69 0.61 -38.12
CA GLU A 165 23.79 0.35 -37.14
C GLU A 165 24.12 1.66 -36.42
N PHE A 166 24.19 2.76 -37.16
CA PHE A 166 24.69 4.07 -36.65
C PHE A 166 23.55 4.82 -35.97
N ASN A 167 23.14 4.33 -34.81
CA ASN A 167 22.07 5.00 -34.01
C ASN A 167 22.70 5.60 -32.75
N HIS A 168 21.86 6.07 -31.84
CA HIS A 168 22.30 6.76 -30.60
C HIS A 168 23.16 5.80 -29.76
N THR A 169 22.81 4.51 -29.69
CA THR A 169 23.60 3.54 -28.89
C THR A 169 24.99 3.40 -29.52
N ALA A 170 25.07 3.28 -30.84
CA ALA A 170 26.36 3.12 -31.54
C ALA A 170 27.24 4.36 -31.27
N PHE A 171 26.66 5.55 -31.31
CA PHE A 171 27.40 6.82 -31.08
C PHE A 171 27.99 6.82 -29.67
N PHE A 172 27.14 6.75 -28.66
CA PHE A 172 27.58 6.93 -27.24
C PHE A 172 28.59 5.84 -26.86
N ARG A 173 28.46 4.65 -27.43
CA ARG A 173 29.39 3.54 -27.12
C ARG A 173 30.77 3.83 -27.71
N LYS A 174 30.83 4.24 -28.98
CA LYS A 174 32.15 4.50 -29.61
C LYS A 174 32.73 5.82 -29.09
N ARG A 175 31.89 6.80 -28.77
CA ARG A 175 32.38 8.06 -28.16
C ARG A 175 32.97 7.74 -26.79
N MET A 176 32.35 6.83 -26.04
CA MET A 176 32.82 6.43 -24.70
C MET A 176 34.21 5.79 -24.81
N GLN A 177 34.45 4.98 -25.83
CA GLN A 177 35.80 4.37 -26.04
C GLN A 177 36.82 5.48 -26.22
N ILE A 178 36.46 6.53 -26.94
CA ILE A 178 37.42 7.64 -27.23
C ILE A 178 37.60 8.46 -25.96
N ILE A 179 36.51 8.70 -25.22
CA ILE A 179 36.56 9.48 -23.95
C ILE A 179 37.51 8.77 -22.99
N TYR A 180 37.42 7.44 -22.90
CA TYR A 180 38.25 6.65 -21.96
C TYR A 180 39.74 6.87 -22.28
N ASP A 181 40.10 6.69 -23.55
CA ASP A 181 41.48 6.93 -24.04
C ASP A 181 41.94 8.34 -23.67
N LYS A 182 41.09 9.34 -23.92
CA LYS A 182 41.43 10.76 -23.64
C LYS A 182 41.52 10.99 -22.13
N GLN A 183 40.49 10.57 -21.38
CA GLN A 183 40.43 10.77 -19.90
C GLN A 183 41.69 10.16 -19.26
N GLN A 184 42.07 8.95 -19.67
CA GLN A 184 43.29 8.29 -19.14
C GLN A 184 44.53 9.09 -19.52
N ASN A 185 44.58 9.60 -20.74
CA ASN A 185 45.72 10.43 -21.19
C ASN A 185 45.89 11.60 -20.24
N PHE A 186 44.80 12.28 -19.88
CA PHE A 186 44.85 13.39 -18.91
C PHE A 186 45.25 12.87 -17.53
N ILE A 187 44.56 11.83 -17.04
CA ILE A 187 44.81 11.30 -15.67
C ILE A 187 46.29 10.96 -15.55
N ASN A 188 46.85 10.26 -16.52
CA ASN A 188 48.29 9.86 -16.46
C ASN A 188 49.16 11.12 -16.50
N TYR A 189 48.72 12.17 -17.22
CA TYR A 189 49.43 13.47 -17.26
C TYR A 189 49.38 14.12 -15.87
N TYR A 190 48.19 14.19 -15.27
CA TYR A 190 48.02 14.77 -13.91
C TYR A 190 48.86 13.99 -12.91
N LYS A 191 48.76 12.66 -12.91
CA LYS A 191 49.52 11.82 -11.96
C LYS A 191 51.01 12.08 -12.11
N ALA A 192 51.52 12.10 -13.35
CA ALA A 192 52.97 12.31 -13.62
C ALA A 192 53.38 13.69 -13.11
N GLN A 193 52.61 14.73 -13.40
CA GLN A 193 52.99 16.15 -13.09
C GLN A 193 52.92 16.39 -11.57
N LYS A 194 51.88 15.89 -10.90
CA LYS A 194 51.76 16.00 -9.43
C LYS A 194 52.96 15.34 -8.76
N GLU A 195 53.29 14.13 -9.19
CA GLU A 195 54.45 13.37 -8.64
C GLU A 195 55.73 14.20 -8.77
N GLU A 196 55.94 14.80 -9.95
CA GLU A 196 57.20 15.51 -10.26
C GLU A 196 57.25 16.85 -9.52
N ASN A 197 56.14 17.59 -9.51
CA ASN A 197 56.07 18.92 -8.86
C ASN A 197 54.80 19.01 -8.01
N PRO A 198 54.84 18.49 -6.76
CA PRO A 198 53.66 18.50 -5.90
C PRO A 198 53.12 19.88 -5.52
N ASP A 199 53.85 20.96 -5.82
CA ASP A 199 53.36 22.35 -5.61
C ASP A 199 52.36 22.75 -6.70
N LEU A 200 52.28 21.99 -7.79
CA LEU A 200 51.28 22.30 -8.85
C LEU A 200 49.88 22.12 -8.27
N ILE A 201 49.00 23.07 -8.53
CA ILE A 201 47.57 22.91 -8.20
C ILE A 201 46.88 22.34 -9.46
N ILE A 202 45.64 21.88 -9.29
CA ILE A 202 44.92 21.15 -10.36
C ILE A 202 44.81 22.03 -11.60
N ASP A 203 44.37 23.28 -11.45
CA ASP A 203 44.11 24.17 -12.61
C ASP A 203 45.42 24.45 -13.36
N ASP A 204 46.57 24.50 -12.69
CA ASP A 204 47.87 24.65 -13.38
C ASP A 204 48.08 23.50 -14.37
N ILE A 205 47.77 22.28 -13.96
CA ILE A 205 47.94 21.08 -14.84
C ILE A 205 46.85 21.08 -15.91
N VAL A 206 45.63 21.48 -15.58
CA VAL A 206 44.50 21.41 -16.53
C VAL A 206 44.71 22.42 -17.67
N LYS A 207 45.10 23.65 -17.35
CA LYS A 207 45.20 24.70 -18.39
C LYS A 207 46.39 24.41 -19.31
N THR A 208 47.51 23.96 -18.76
CA THR A 208 48.66 23.50 -19.58
C THR A 208 48.18 22.38 -20.50
N TYR A 209 47.38 21.45 -19.99
CA TYR A 209 46.87 20.30 -20.77
C TYR A 209 45.93 20.79 -21.87
N LEU A 210 45.07 21.77 -21.57
CA LEU A 210 44.08 22.24 -22.57
C LEU A 210 44.79 23.02 -23.68
N SER A 211 45.83 23.79 -23.37
CA SER A 211 46.55 24.59 -24.38
C SER A 211 47.43 23.67 -25.24
N ASN A 212 48.21 22.80 -24.60
CA ASN A 212 49.02 21.78 -25.30
C ASN A 212 48.15 21.00 -26.28
N GLU A 213 47.16 20.28 -25.74
CA GLU A 213 46.49 19.16 -26.44
C GLU A 213 45.24 19.61 -27.20
N TYR A 214 44.61 20.72 -26.79
CA TYR A 214 43.31 21.14 -27.38
C TYR A 214 43.35 22.62 -27.80
N SER A 215 44.56 23.19 -27.88
CA SER A 215 44.81 24.53 -28.48
C SER A 215 43.83 25.57 -27.90
N LYS A 216 43.65 25.54 -26.58
CA LYS A 216 42.90 26.58 -25.85
C LYS A 216 43.87 27.69 -25.47
N ASP A 217 43.36 28.91 -25.35
CA ASP A 217 44.17 30.10 -25.04
C ASP A 217 44.32 30.19 -23.53
N ILE A 218 45.56 30.25 -23.06
CA ILE A 218 45.85 30.23 -21.59
C ILE A 218 45.37 31.55 -20.99
N ASP A 219 45.10 32.57 -21.79
CA ASP A 219 44.70 33.89 -21.26
C ASP A 219 43.20 33.94 -21.01
N GLU A 220 42.37 33.40 -21.91
CA GLU A 220 40.92 33.25 -21.62
C GLU A 220 40.79 32.35 -20.39
N LEU A 221 41.57 31.26 -20.32
CA LEU A 221 41.55 30.32 -19.16
C LEU A 221 41.90 31.08 -17.87
N ASN A 222 43.02 31.81 -17.86
CA ASN A 222 43.46 32.57 -16.65
C ASN A 222 42.40 33.61 -16.29
N ALA A 223 41.82 34.29 -17.28
CA ALA A 223 40.75 35.29 -17.05
C ALA A 223 39.51 34.58 -16.48
N TYR A 224 39.24 33.35 -16.92
CA TYR A 224 38.09 32.55 -16.44
C TYR A 224 38.32 32.19 -14.96
N ILE A 225 39.53 31.73 -14.65
CA ILE A 225 39.91 31.42 -13.23
C ILE A 225 39.66 32.67 -12.40
N GLU A 226 40.16 33.82 -12.85
CA GLU A 226 40.01 35.10 -12.11
C GLU A 226 38.53 35.44 -11.99
N GLU A 227 37.78 35.37 -13.09
CA GLU A 227 36.33 35.67 -13.06
C GLU A 227 35.64 34.73 -12.07
N SER A 228 35.95 33.44 -12.13
CA SER A 228 35.23 32.41 -11.32
C SER A 228 35.55 32.63 -9.84
N LEU A 229 36.82 32.92 -9.52
CA LEU A 229 37.23 33.10 -8.11
C LEU A 229 36.54 34.33 -7.52
N ASN A 230 36.41 35.40 -8.31
CA ASN A 230 35.83 36.66 -7.80
C ASN A 230 34.31 36.50 -7.60
N LYS A 231 33.65 35.72 -8.46
CA LYS A 231 32.18 35.55 -8.39
C LYS A 231 31.76 34.80 -7.13
N VAL A 232 32.46 33.72 -6.77
CA VAL A 232 32.08 32.89 -5.58
C VAL A 232 32.40 33.65 -4.30
N THR A 233 33.54 34.36 -4.24
CA THR A 233 33.93 35.14 -3.04
C THR A 233 32.94 36.27 -2.80
N GLU A 234 32.32 36.79 -3.86
CA GLU A 234 31.28 37.85 -3.75
C GLU A 234 29.96 37.25 -3.26
N ASN A 235 29.83 35.92 -3.26
CA ASN A 235 28.56 35.20 -3.01
C ASN A 235 28.78 34.10 -1.97
N SER A 236 29.43 34.44 -0.86
CA SER A 236 29.61 33.56 0.33
C SER A 236 30.56 32.40 0.03
N GLY A 237 31.48 32.58 -0.91
CA GLY A 237 32.46 31.55 -1.26
C GLY A 237 33.19 31.08 -0.03
N ASN A 238 33.30 29.76 0.13
CA ASN A 238 34.04 29.12 1.25
C ASN A 238 34.97 28.09 0.62
N ASP A 239 36.26 28.39 0.57
CA ASP A 239 37.22 27.59 -0.23
C ASP A 239 37.46 26.25 0.47
N VAL A 240 37.28 25.16 -0.27
CA VAL A 240 37.59 23.77 0.16
C VAL A 240 39.06 23.69 0.62
N ARG A 241 39.97 24.43 -0.02
CA ARG A 241 41.42 24.36 0.27
C ARG A 241 41.74 25.00 1.63
N ASN A 242 40.80 25.70 2.24
CA ASN A 242 40.91 26.18 3.65
C ASN A 242 40.18 25.25 4.61
N PHE A 243 39.63 24.13 4.13
CA PHE A 243 38.86 23.19 4.97
C PHE A 243 39.81 22.12 5.51
N GLU A 244 40.45 22.40 6.63
CA GLU A 244 41.64 21.64 7.11
C GLU A 244 41.23 20.24 7.62
N GLU A 245 40.11 20.15 8.34
CA GLU A 245 39.57 18.84 8.81
C GLU A 245 39.27 17.97 7.58
N PHE A 246 38.72 18.56 6.53
CA PHE A 246 38.48 17.83 5.25
C PHE A 246 39.83 17.39 4.67
N LYS A 247 40.77 18.33 4.51
CA LYS A 247 42.00 18.07 3.73
C LYS A 247 42.84 16.97 4.39
N THR A 248 42.85 16.91 5.73
CA THR A 248 43.65 15.92 6.49
C THR A 248 42.79 14.74 6.94
N GLY A 249 41.58 14.60 6.40
CA GLY A 249 40.65 13.50 6.77
C GLY A 249 40.87 12.24 5.96
N GLU A 250 39.99 11.26 6.16
CA GLU A 250 40.07 9.90 5.58
C GLU A 250 39.65 9.86 4.10
N VAL A 251 38.90 10.84 3.62
CA VAL A 251 38.22 10.73 2.31
C VAL A 251 38.61 11.86 1.36
N PHE A 252 39.60 12.67 1.69
CA PHE A 252 39.99 13.81 0.82
C PHE A 252 40.54 13.28 -0.51
N ASN A 253 41.26 12.15 -0.48
CA ASN A 253 41.81 11.54 -1.72
C ASN A 253 40.66 11.06 -2.60
N LEU A 254 39.57 10.57 -2.01
CA LEU A 254 38.38 10.11 -2.77
C LEU A 254 37.71 11.33 -3.43
N TYR A 255 37.56 12.42 -2.70
CA TYR A 255 37.04 13.71 -3.23
C TYR A 255 37.84 14.12 -4.46
N GLU A 256 39.17 14.08 -4.37
CA GLU A 256 40.05 14.47 -5.51
C GLU A 256 39.99 13.41 -6.62
N GLN A 257 39.74 12.15 -6.28
CA GLN A 257 39.57 11.09 -7.31
C GLN A 257 38.40 11.50 -8.22
N GLU A 258 37.27 11.89 -7.62
CA GLU A 258 36.05 12.27 -8.38
C GLU A 258 36.27 13.61 -9.08
N LEU A 259 36.94 14.55 -8.43
CA LEU A 259 37.10 15.92 -8.95
C LEU A 259 38.06 15.88 -10.14
N VAL A 260 39.27 15.36 -9.92
CA VAL A 260 40.38 15.50 -10.90
C VAL A 260 40.31 14.38 -11.94
N GLU A 261 40.10 13.13 -11.50
CA GLU A 261 40.19 11.95 -12.39
C GLU A 261 38.85 11.73 -13.12
N ARG A 262 37.73 11.75 -12.40
CA ARG A 262 36.41 11.34 -12.97
C ARG A 262 35.67 12.53 -13.57
N TRP A 263 36.05 13.76 -13.20
CA TRP A 263 35.28 14.98 -13.55
C TRP A 263 33.81 14.77 -13.15
N ASN A 264 33.59 14.07 -12.04
CA ASN A 264 32.26 13.90 -11.43
C ASN A 264 32.14 14.88 -10.26
N LEU A 265 31.61 16.08 -10.52
CA LEU A 265 31.48 17.15 -9.50
C LEU A 265 30.35 16.79 -8.53
N ALA A 266 29.31 16.11 -9.00
CA ALA A 266 28.22 15.63 -8.14
C ALA A 266 28.77 14.58 -7.16
N GLY A 267 29.63 13.69 -7.64
CA GLY A 267 30.31 12.69 -6.78
C GLY A 267 31.24 13.34 -5.77
N ALA A 268 32.09 14.27 -6.23
CA ALA A 268 33.00 15.02 -5.34
C ALA A 268 32.16 15.75 -4.29
N SER A 269 31.05 16.36 -4.73
CA SER A 269 30.17 17.14 -3.83
C SER A 269 29.46 16.21 -2.85
N ASP A 270 29.11 15.00 -3.28
CA ASP A 270 28.53 13.97 -2.38
C ASP A 270 29.47 13.71 -1.20
N ILE A 271 30.77 13.64 -1.48
CA ILE A 271 31.79 13.31 -0.44
C ILE A 271 32.01 14.54 0.44
N LEU A 272 32.26 15.70 -0.16
CA LEU A 272 32.51 16.96 0.60
C LEU A 272 31.36 17.22 1.58
N ARG A 273 30.11 17.03 1.16
CA ARG A 273 28.95 17.37 2.02
C ARG A 273 28.94 16.49 3.26
N VAL A 274 29.47 15.27 3.18
CA VAL A 274 29.58 14.40 4.40
C VAL A 274 30.61 15.03 5.35
N ALA A 275 31.77 15.43 4.84
CA ALA A 275 32.81 16.08 5.67
C ALA A 275 32.25 17.38 6.26
N ILE A 276 31.41 18.10 5.50
CA ILE A 276 30.77 19.35 5.99
C ILE A 276 29.91 19.03 7.21
N LEU A 277 29.05 18.02 7.10
CA LEU A 277 28.16 17.62 8.22
C LEU A 277 29.00 17.12 9.40
N LYS A 278 30.00 16.29 9.13
CA LYS A 278 30.79 15.68 10.22
C LYS A 278 31.56 16.77 10.98
N ASN A 279 32.18 17.70 10.26
CA ASN A 279 33.17 18.64 10.88
C ASN A 279 32.55 19.98 11.26
N ILE A 280 31.46 20.40 10.61
CA ILE A 280 30.89 21.76 10.82
C ILE A 280 29.45 21.66 11.31
N GLY A 281 28.63 20.84 10.64
CA GLY A 281 27.23 20.65 11.03
C GLY A 281 26.36 21.79 10.52
N GLY A 282 25.08 21.53 10.36
CA GLY A 282 24.13 22.51 9.83
C GLY A 282 23.17 21.87 8.86
N VAL A 283 22.70 22.66 7.90
CA VAL A 283 21.79 22.20 6.82
C VAL A 283 22.58 22.20 5.51
N TYR A 284 22.65 21.07 4.83
CA TYR A 284 23.21 21.02 3.45
C TYR A 284 22.08 21.09 2.43
N LEU A 285 22.33 21.81 1.34
CA LEU A 285 21.32 21.96 0.26
C LEU A 285 22.04 21.94 -1.08
N ASP A 286 21.53 21.12 -1.99
CA ASP A 286 21.88 21.23 -3.41
C ASP A 286 21.42 22.60 -3.89
N VAL A 287 22.17 23.15 -4.83
CA VAL A 287 21.92 24.54 -5.32
C VAL A 287 20.63 24.59 -6.15
N ASP A 288 20.07 23.43 -6.51
CA ASP A 288 18.76 23.41 -7.23
C ASP A 288 17.59 23.29 -6.26
N MET A 289 17.82 23.46 -4.95
CA MET A 289 16.74 23.35 -3.95
C MET A 289 16.28 24.76 -3.56
N LEU A 290 14.97 24.91 -3.37
CA LEU A 290 14.37 26.20 -2.95
C LEU A 290 13.76 26.04 -1.57
N PRO A 291 13.61 27.15 -0.81
CA PRO A 291 13.02 27.08 0.51
C PRO A 291 11.59 26.52 0.48
N GLY A 292 11.18 25.94 1.61
CA GLY A 292 9.79 25.51 1.81
C GLY A 292 8.85 26.68 1.63
N ILE A 293 7.80 26.51 0.84
CA ILE A 293 6.73 27.53 0.65
C ILE A 293 5.95 27.65 1.95
N HIS A 294 5.64 28.87 2.35
CA HIS A 294 4.92 29.14 3.62
C HIS A 294 3.58 28.40 3.58
N PRO A 295 3.34 27.43 4.49
CA PRO A 295 2.14 26.60 4.41
C PRO A 295 0.82 27.39 4.37
N ASP A 296 0.82 28.65 4.80
CA ASP A 296 -0.40 29.50 4.84
C ASP A 296 -0.51 30.37 3.58
N LEU A 297 0.49 30.36 2.70
CA LEU A 297 0.50 31.31 1.57
C LEU A 297 -0.68 31.00 0.62
N PHE A 298 -0.88 29.74 0.27
CA PHE A 298 -1.89 29.33 -0.75
C PHE A 298 -2.98 28.44 -0.15
N LYS A 299 -3.22 28.54 1.16
CA LYS A 299 -4.25 27.73 1.85
C LYS A 299 -5.63 27.97 1.22
N ASP A 300 -5.84 29.09 0.54
CA ASP A 300 -7.17 29.49 0.03
C ASP A 300 -7.35 29.14 -1.45
N ILE A 301 -6.34 28.53 -2.07
CA ILE A 301 -6.43 28.11 -3.49
C ILE A 301 -6.53 26.60 -3.53
N ASN A 302 -7.64 26.10 -4.05
CA ASN A 302 -7.85 24.65 -4.19
C ASN A 302 -7.02 24.15 -5.36
N LYS A 303 -6.26 23.08 -5.14
CA LYS A 303 -5.57 22.35 -6.22
C LYS A 303 -6.60 21.99 -7.28
N PRO A 304 -6.44 22.42 -8.56
CA PRO A 304 -7.35 21.99 -9.59
C PRO A 304 -7.25 20.48 -9.84
N ASP A 305 -8.34 19.92 -10.35
CA ASP A 305 -8.45 18.48 -10.67
C ASP A 305 -7.37 18.10 -11.70
N SER A 306 -7.00 19.02 -12.59
CA SER A 306 -5.96 18.80 -13.63
C SER A 306 -4.60 18.44 -12.99
N VAL A 307 -4.38 18.85 -11.74
CA VAL A 307 -3.04 18.68 -11.07
C VAL A 307 -3.12 17.47 -10.14
N LYS A 308 -2.42 16.39 -10.49
CA LYS A 308 -2.73 15.04 -9.98
C LYS A 308 -1.69 14.50 -9.00
N THR A 309 -0.59 15.23 -8.78
CA THR A 309 0.41 14.84 -7.76
C THR A 309 0.81 16.07 -6.97
N ALA A 310 1.40 15.84 -5.80
CA ALA A 310 1.87 16.92 -4.91
C ALA A 310 3.04 17.62 -5.57
N VAL A 311 3.89 16.85 -6.25
CA VAL A 311 5.06 17.37 -6.99
C VAL A 311 4.59 18.39 -8.04
N ASP A 312 3.54 18.06 -8.81
CA ASP A 312 3.03 18.96 -9.86
C ASP A 312 2.46 20.22 -9.20
N TRP A 313 1.80 20.07 -8.05
CA TRP A 313 1.17 21.21 -7.36
C TRP A 313 2.25 22.14 -6.83
N GLU A 314 3.27 21.59 -6.19
CA GLU A 314 4.41 22.40 -5.70
C GLU A 314 5.03 23.14 -6.88
N GLU A 315 5.19 22.48 -8.02
CA GLU A 315 5.86 23.08 -9.19
C GLU A 315 5.03 24.26 -9.68
N MET A 316 3.70 24.09 -9.76
CA MET A 316 2.75 25.18 -10.07
C MET A 316 3.04 26.37 -9.15
N GLN A 317 3.11 26.14 -7.84
CA GLN A 317 3.21 27.25 -6.85
C GLN A 317 4.55 27.95 -7.01
N LEU A 318 5.64 27.19 -7.08
CA LEU A 318 6.98 27.79 -7.29
C LEU A 318 6.93 28.68 -8.54
N GLU A 319 6.40 28.14 -9.63
CA GLU A 319 6.31 28.90 -10.90
C GLU A 319 5.47 30.16 -10.68
N ALA A 320 4.38 30.07 -9.92
CA ALA A 320 3.48 31.21 -9.64
C ALA A 320 4.26 32.29 -8.88
N ILE A 321 4.92 31.92 -7.79
CA ILE A 321 5.77 32.86 -7.00
C ILE A 321 6.73 33.58 -7.94
N MET A 322 7.42 32.83 -8.81
CA MET A 322 8.51 33.40 -9.65
C MET A 322 7.93 34.26 -10.77
N LYS A 323 6.75 33.94 -11.30
CA LYS A 323 6.17 34.75 -12.39
C LYS A 323 5.77 36.13 -11.86
N HIS A 324 5.15 36.20 -10.69
CA HIS A 324 4.55 37.47 -10.17
C HIS A 324 5.53 38.22 -9.27
N LYS A 325 6.39 37.53 -8.52
CA LYS A 325 7.37 38.23 -7.66
C LYS A 325 8.70 38.42 -8.38
N GLU A 326 8.99 37.57 -9.37
CA GLU A 326 10.20 37.69 -10.24
C GLU A 326 11.46 37.69 -9.38
N TYR A 327 11.45 36.95 -8.26
CA TYR A 327 12.64 36.77 -7.39
C TYR A 327 13.78 36.15 -8.18
N ILE A 328 13.46 35.24 -9.08
CA ILE A 328 14.46 34.51 -9.90
C ILE A 328 14.16 34.79 -11.37
N PRO A 329 14.94 35.67 -12.03
CA PRO A 329 14.69 36.01 -13.41
C PRO A 329 14.96 34.75 -14.26
N GLU A 330 14.19 34.61 -15.33
CA GLU A 330 14.27 33.48 -16.30
C GLU A 330 13.67 32.20 -15.71
N TYR A 331 13.12 32.23 -14.50
CA TYR A 331 12.47 31.01 -13.93
C TYR A 331 11.25 30.70 -14.78
N THR A 332 11.17 29.48 -15.28
CA THR A 332 10.12 29.04 -16.23
C THR A 332 8.73 29.28 -15.62
N SER A 333 7.73 29.38 -16.49
CA SER A 333 6.30 29.48 -16.12
C SER A 333 5.47 28.56 -17.02
N LYS A 334 6.11 27.62 -17.70
CA LYS A 334 5.42 26.80 -18.75
C LYS A 334 4.31 25.95 -18.10
N HIS A 335 4.45 25.58 -16.83
CA HIS A 335 3.41 24.76 -16.15
C HIS A 335 2.30 25.67 -15.62
N PHE A 336 2.67 26.70 -14.87
CA PHE A 336 1.71 27.68 -14.30
C PHE A 336 0.80 28.23 -15.40
N ASP A 337 1.36 28.49 -16.59
CA ASP A 337 0.63 29.16 -17.70
C ASP A 337 -0.49 28.27 -18.24
N THR A 338 -0.44 26.97 -17.99
CA THR A 338 -1.49 26.03 -18.47
C THR A 338 -2.67 26.00 -17.51
N LEU A 339 -2.56 26.60 -16.33
CA LEU A 339 -3.69 26.59 -15.37
C LEU A 339 -4.78 27.51 -15.88
N ASP A 340 -6.00 27.29 -15.42
CA ASP A 340 -7.15 28.11 -15.83
C ASP A 340 -6.96 29.54 -15.35
N GLU A 341 -7.57 30.43 -16.13
CA GLU A 341 -7.61 31.90 -15.96
C GLU A 341 -7.92 32.21 -14.49
N GLU A 342 -9.03 31.67 -14.01
CA GLU A 342 -9.55 31.89 -12.64
C GLU A 342 -8.45 31.55 -11.62
N VAL A 343 -7.74 30.43 -11.77
CA VAL A 343 -6.69 29.97 -10.81
C VAL A 343 -5.47 30.89 -10.92
N GLN A 344 -5.04 31.22 -12.15
CA GLN A 344 -3.89 32.13 -12.37
C GLN A 344 -4.14 33.46 -11.65
N SER A 345 -5.35 33.99 -11.78
CA SER A 345 -5.75 35.29 -11.17
C SER A 345 -5.72 35.15 -9.64
N SER A 346 -6.14 33.99 -9.13
CA SER A 346 -6.14 33.69 -7.67
C SER A 346 -4.71 33.74 -7.13
N PHE A 347 -3.75 33.19 -7.87
CA PHE A 347 -2.32 33.23 -7.46
C PHE A 347 -1.83 34.68 -7.46
N GLU A 348 -2.09 35.40 -8.54
CA GLU A 348 -1.72 36.84 -8.69
C GLU A 348 -2.30 37.62 -7.51
N SER A 349 -3.58 37.43 -7.22
CA SER A 349 -4.30 38.13 -6.12
C SER A 349 -3.56 37.91 -4.80
N VAL A 350 -3.26 36.65 -4.47
CA VAL A 350 -2.64 36.30 -3.16
C VAL A 350 -1.21 36.84 -3.14
N LEU A 351 -0.46 36.73 -4.25
CA LEU A 351 0.96 37.14 -4.28
C LEU A 351 1.08 38.66 -4.21
N ALA A 352 0.16 39.40 -4.83
CA ALA A 352 0.16 40.88 -4.81
C ALA A 352 -0.07 41.37 -3.38
N SER A 353 -0.79 40.58 -2.57
CA SER A 353 -1.15 40.94 -1.18
C SER A 353 0.04 40.74 -0.22
N LYS A 354 1.13 40.10 -0.66
CA LYS A 354 2.30 39.81 0.22
C LYS A 354 3.43 40.76 -0.10
N SER A 355 4.13 41.30 0.91
CA SER A 355 5.29 42.19 0.65
C SER A 355 6.58 41.58 1.18
N ASP A 356 6.51 40.89 2.31
CA ASP A 356 7.68 40.29 3.01
C ASP A 356 7.94 38.93 2.38
N LYS A 357 9.17 38.69 1.90
CA LYS A 357 9.55 37.42 1.24
C LYS A 357 9.39 36.27 2.24
N SER A 358 9.57 36.54 3.53
CA SER A 358 9.43 35.55 4.62
C SER A 358 7.97 35.08 4.78
N GLU A 359 7.01 35.76 4.16
CA GLU A 359 5.60 35.29 4.11
C GLU A 359 5.40 34.36 2.92
N ILE A 360 6.35 34.32 1.98
CA ILE A 360 6.29 33.45 0.79
C ILE A 360 7.06 32.16 1.08
N PHE A 361 8.32 32.30 1.45
CA PHE A 361 9.21 31.16 1.83
C PHE A 361 9.34 31.12 3.34
N LEU A 362 9.28 29.92 3.91
CA LEU A 362 9.20 29.77 5.38
C LEU A 362 10.61 29.78 5.95
N PRO A 363 10.94 30.73 6.85
CA PRO A 363 12.21 30.70 7.57
C PRO A 363 12.37 29.40 8.37
N LEU A 364 13.57 28.85 8.37
CA LEU A 364 13.86 27.57 9.07
C LEU A 364 13.68 27.74 10.57
N GLY A 365 13.98 28.92 11.10
CA GLY A 365 14.00 29.14 12.56
C GLY A 365 14.95 28.19 13.23
N ASP A 366 14.64 27.80 14.47
CA ASP A 366 15.49 26.90 15.28
C ASP A 366 15.14 25.45 14.95
N ILE A 367 16.15 24.70 14.52
CA ILE A 367 16.01 23.25 14.20
C ILE A 367 16.78 22.47 15.25
N GLU A 368 16.20 21.37 15.70
CA GLU A 368 16.90 20.46 16.62
C GLU A 368 16.73 19.04 16.11
N VAL A 369 17.67 18.19 16.49
CA VAL A 369 17.88 16.87 15.86
C VAL A 369 18.62 16.00 16.87
N SER A 370 18.55 14.68 16.69
CA SER A 370 19.30 13.73 17.54
C SER A 370 20.78 13.79 17.19
N PRO A 371 21.69 13.79 18.19
CA PRO A 371 23.12 13.70 17.91
C PRO A 371 23.51 12.41 17.16
N LEU A 372 22.58 11.46 17.06
CA LEU A 372 22.82 10.18 16.35
C LEU A 372 22.69 10.36 14.84
N GLU A 373 21.87 11.29 14.38
CA GLU A 373 21.24 11.16 13.05
C GLU A 373 21.72 12.22 12.07
N VAL A 374 21.65 11.85 10.80
CA VAL A 374 21.57 12.80 9.66
C VAL A 374 20.15 12.69 9.11
N LYS A 375 19.46 13.81 8.96
CA LYS A 375 18.14 13.80 8.31
C LYS A 375 18.33 13.96 6.80
N ILE A 376 17.47 13.34 6.02
CA ILE A 376 17.63 13.30 4.53
C ILE A 376 16.28 13.51 3.86
N ALA A 377 16.30 14.21 2.72
CA ALA A 377 15.09 14.48 1.92
C ALA A 377 14.53 13.17 1.37
N PHE A 378 13.25 13.22 1.02
CA PHE A 378 12.53 12.13 0.33
C PHE A 378 11.98 12.68 -0.96
N ALA A 379 12.07 11.89 -2.02
CA ALA A 379 11.46 12.20 -3.33
C ALA A 379 10.79 10.92 -3.84
N LYS A 380 9.52 11.03 -4.22
CA LYS A 380 8.69 9.85 -4.59
C LYS A 380 8.86 8.75 -3.53
N GLY A 381 9.01 9.13 -2.25
CA GLY A 381 9.07 8.17 -1.13
C GLY A 381 10.40 7.44 -1.01
N SER A 382 11.44 7.83 -1.74
CA SER A 382 12.80 7.27 -1.53
C SER A 382 13.74 8.40 -1.11
N ILE A 383 14.76 8.06 -0.34
CA ILE A 383 15.69 9.09 0.19
C ILE A 383 16.53 9.64 -0.97
N ILE A 384 16.90 10.90 -0.85
CA ILE A 384 17.77 11.62 -1.81
C ILE A 384 18.58 12.64 -1.02
N ASN A 385 19.91 12.62 -1.18
CA ASN A 385 20.86 13.41 -0.35
C ASN A 385 20.97 14.86 -0.84
N GLN A 386 19.97 15.38 -1.56
CA GLN A 386 19.94 16.79 -2.01
C GLN A 386 19.62 17.75 -0.85
N ALA A 387 19.22 17.23 0.32
CA ALA A 387 19.00 18.07 1.52
C ALA A 387 19.25 17.25 2.78
N LEU A 388 20.10 17.76 3.65
CA LEU A 388 20.53 17.04 4.88
C LEU A 388 20.55 18.01 6.06
N ILE A 389 20.28 17.46 7.24
CA ILE A 389 20.43 18.16 8.54
C ILE A 389 21.28 17.27 9.44
N SER A 390 22.31 17.84 10.03
CA SER A 390 23.10 17.16 11.09
C SER A 390 23.78 18.18 11.98
N ALA A 391 23.67 17.97 13.29
CA ALA A 391 24.59 18.59 14.26
C ALA A 391 25.99 18.07 13.99
N LYS A 392 26.97 18.91 14.29
CA LYS A 392 28.40 18.59 14.09
C LYS A 392 28.69 17.22 14.74
N ASP A 393 29.36 16.36 14.00
CA ASP A 393 29.97 15.12 14.57
C ASP A 393 28.89 14.10 14.91
N SER A 394 27.77 14.11 14.21
CA SER A 394 26.68 13.12 14.46
C SER A 394 27.22 11.71 14.23
N TYR A 395 26.62 10.74 14.91
CA TYR A 395 27.04 9.32 14.80
C TYR A 395 26.93 8.87 13.35
N CYS A 396 25.83 9.24 12.70
CA CYS A 396 25.56 8.85 11.29
C CYS A 396 26.60 9.49 10.36
N SER A 397 26.97 10.75 10.59
CA SER A 397 27.98 11.44 9.75
C SER A 397 29.27 10.59 9.74
N ASP A 398 29.62 9.98 10.87
CA ASP A 398 30.80 9.08 10.94
C ASP A 398 30.50 7.77 10.21
N LEU A 399 29.29 7.22 10.36
CA LEU A 399 28.92 5.99 9.61
C LEU A 399 28.99 6.28 8.11
N LEU A 400 28.54 7.45 7.67
CA LEU A 400 28.59 7.85 6.24
C LEU A 400 30.04 7.84 5.76
N ILE A 401 30.97 8.33 6.58
CA ILE A 401 32.41 8.37 6.21
C ILE A 401 32.89 6.94 6.00
N LYS A 402 32.53 6.04 6.90
CA LYS A 402 32.96 4.62 6.79
C LYS A 402 32.31 3.99 5.57
N GLN A 403 31.06 4.36 5.26
CA GLN A 403 30.38 3.86 4.04
C GLN A 403 31.19 4.23 2.80
N ILE A 404 31.64 5.47 2.71
CA ILE A 404 32.39 5.95 1.50
C ILE A 404 33.71 5.20 1.41
N GLN A 405 34.43 5.05 2.52
CA GLN A 405 35.76 4.38 2.54
C GLN A 405 35.63 2.94 2.04
N ASN A 406 34.69 2.19 2.59
CA ASN A 406 34.50 0.76 2.26
C ASN A 406 34.13 0.63 0.77
N ARG A 407 33.16 1.42 0.32
CA ARG A 407 32.66 1.32 -1.07
C ARG A 407 33.77 1.64 -2.06
N TYR A 408 34.54 2.69 -1.81
CA TYR A 408 35.68 3.04 -2.68
C TYR A 408 36.82 2.06 -2.48
N LYS A 409 36.94 1.42 -1.33
CA LYS A 409 38.00 0.38 -1.18
C LYS A 409 37.67 -0.78 -2.12
N ILE A 410 36.43 -1.29 -2.10
CA ILE A 410 36.03 -2.38 -3.03
C ILE A 410 36.24 -1.91 -4.47
N LEU A 411 35.79 -0.70 -4.81
CA LEU A 411 35.91 -0.20 -6.20
C LEU A 411 37.39 -0.07 -6.58
N ASN A 412 38.16 0.71 -5.83
CA ASN A 412 39.55 1.06 -6.23
C ASN A 412 40.43 -0.18 -6.22
N ASP A 413 40.28 -1.03 -5.20
CA ASP A 413 41.05 -2.30 -5.10
C ASP A 413 40.78 -3.18 -6.32
N THR A 414 39.57 -3.14 -6.86
CA THR A 414 39.14 -4.06 -7.94
C THR A 414 39.49 -3.46 -9.30
N LEU A 415 39.06 -2.23 -9.59
CA LEU A 415 39.18 -1.64 -10.95
C LEU A 415 40.59 -1.11 -11.20
N GLY A 416 41.24 -0.55 -10.16
CA GLY A 416 42.56 0.12 -10.30
C GLY A 416 43.59 -0.73 -11.03
N PRO A 417 43.93 -1.93 -10.50
CA PRO A 417 44.92 -2.80 -11.15
C PRO A 417 44.54 -3.22 -12.57
N ILE A 418 43.25 -3.27 -12.88
CA ILE A 418 42.80 -3.56 -14.28
C ILE A 418 43.10 -2.35 -15.15
N ILE A 419 42.80 -1.14 -14.68
CA ILE A 419 43.05 0.09 -15.48
C ILE A 419 44.55 0.19 -15.75
N SER A 420 45.37 -0.25 -14.79
CA SER A 420 46.85 -0.07 -14.81
C SER A 420 47.53 -0.92 -15.89
N GLN A 421 46.88 -1.95 -16.43
CA GLN A 421 47.50 -2.80 -17.48
C GLN A 421 47.28 -2.16 -18.87
N GLY A 422 46.63 -1.00 -18.94
CA GLY A 422 46.75 -0.08 -20.10
C GLY A 422 46.03 -0.56 -21.35
N ASN A 423 45.01 -1.40 -21.21
CA ASN A 423 44.16 -1.81 -22.37
C ASN A 423 43.08 -0.76 -22.57
N ASP A 424 42.39 -0.85 -23.70
CA ASP A 424 41.38 0.16 -24.11
C ASP A 424 40.11 -0.04 -23.26
N PHE A 425 39.06 0.72 -23.57
CA PHE A 425 37.81 0.73 -22.77
C PHE A 425 37.21 -0.68 -22.74
N ASN A 426 36.95 -1.28 -23.90
CA ASN A 426 36.21 -2.56 -23.98
C ASN A 426 36.97 -3.65 -23.22
N THR A 427 38.29 -3.74 -23.38
CA THR A 427 39.12 -4.75 -22.69
C THR A 427 39.08 -4.50 -21.18
N THR A 428 39.19 -3.24 -20.77
CA THR A 428 39.19 -2.84 -19.35
C THR A 428 37.85 -3.24 -18.74
N MET A 429 36.76 -3.01 -19.47
CA MET A 429 35.40 -3.22 -18.91
C MET A 429 35.13 -4.71 -18.73
N ASN A 430 35.44 -5.52 -19.73
CA ASN A 430 35.27 -6.99 -19.67
C ASN A 430 36.11 -7.56 -18.51
N ASN A 431 37.36 -7.14 -18.40
CA ASN A 431 38.24 -7.61 -17.29
C ASN A 431 37.66 -7.15 -15.95
N PHE A 432 37.16 -5.92 -15.89
CA PHE A 432 36.55 -5.37 -14.64
C PHE A 432 35.33 -6.22 -14.27
N GLY A 433 34.46 -6.48 -15.26
CA GLY A 433 33.27 -7.32 -15.06
C GLY A 433 33.64 -8.71 -14.54
N GLU A 434 34.74 -9.29 -15.03
CA GLU A 434 35.17 -10.65 -14.59
C GLU A 434 35.73 -10.56 -13.17
N SER A 435 36.47 -9.49 -12.87
CA SER A 435 37.01 -9.27 -11.50
C SER A 435 35.87 -9.08 -10.51
N LEU A 436 34.81 -8.38 -10.92
CA LEU A 436 33.66 -8.13 -10.02
C LEU A 436 32.94 -9.45 -9.74
N GLY A 437 32.72 -10.27 -10.77
CA GLY A 437 32.10 -11.59 -10.60
C GLY A 437 32.85 -12.45 -9.62
N ALA A 438 34.19 -12.34 -9.60
CA ALA A 438 35.04 -13.21 -8.78
C ALA A 438 34.92 -12.87 -7.29
N ILE A 439 34.49 -11.65 -6.94
CA ILE A 439 34.38 -11.24 -5.50
C ILE A 439 32.93 -11.16 -5.08
N ALA A 440 31.98 -11.42 -5.99
CA ALA A 440 30.54 -11.26 -5.67
C ALA A 440 30.10 -12.35 -4.70
N ASN A 441 29.24 -11.99 -3.77
CA ASN A 441 28.50 -12.94 -2.92
C ASN A 441 27.07 -12.42 -2.78
N GLU A 442 26.23 -13.14 -2.06
CA GLU A 442 24.81 -12.78 -1.92
C GLU A 442 24.70 -11.43 -1.21
N GLU A 443 25.58 -11.15 -0.25
CA GLU A 443 25.51 -9.89 0.53
C GLU A 443 25.77 -8.67 -0.35
N ASN A 444 26.73 -8.74 -1.29
CA ASN A 444 27.20 -7.51 -1.98
C ASN A 444 26.80 -7.46 -3.46
N ILE A 445 26.10 -8.47 -3.98
CA ILE A 445 25.91 -8.60 -5.46
C ILE A 445 25.17 -7.39 -6.03
N SER A 446 24.20 -6.82 -5.30
CA SER A 446 23.46 -5.61 -5.74
C SER A 446 24.44 -4.45 -5.97
N PHE A 447 25.23 -4.14 -4.94
CA PHE A 447 26.33 -3.15 -5.04
C PHE A 447 27.22 -3.48 -6.24
N ILE A 448 27.69 -4.73 -6.32
CA ILE A 448 28.66 -5.16 -7.37
C ILE A 448 28.06 -4.89 -8.75
N ALA A 449 26.79 -5.22 -8.94
CA ALA A 449 26.12 -4.99 -10.24
C ALA A 449 26.01 -3.49 -10.52
N LYS A 450 25.98 -2.62 -9.50
CA LYS A 450 25.72 -1.18 -9.74
C LYS A 450 27.00 -0.39 -9.96
N ILE A 451 28.18 -0.97 -9.73
CA ILE A 451 29.45 -0.18 -9.88
C ILE A 451 30.17 -0.52 -11.19
N GLY A 452 29.61 -1.40 -12.02
CA GLY A 452 30.25 -1.76 -13.32
C GLY A 452 30.29 -0.60 -14.29
N SER A 453 29.41 0.40 -14.12
CA SER A 453 29.28 1.56 -15.04
C SER A 453 30.12 2.74 -14.58
N TYR A 454 31.08 2.53 -13.70
CA TYR A 454 31.83 3.63 -13.04
C TYR A 454 32.52 4.50 -14.10
N LEU A 455 33.25 3.88 -15.02
CA LEU A 455 34.03 4.62 -16.04
C LEU A 455 33.11 5.35 -17.02
N ARG A 456 31.83 5.00 -17.06
CA ARG A 456 30.88 5.65 -18.00
C ARG A 456 30.27 6.91 -17.37
N VAL A 457 30.48 7.16 -16.08
CA VAL A 457 29.69 8.18 -15.34
C VAL A 457 29.92 9.55 -15.97
N GLY A 458 28.83 10.20 -16.36
CA GLY A 458 28.87 11.55 -16.96
C GLY A 458 28.89 11.51 -18.48
N PHE A 459 29.17 10.35 -19.09
CA PHE A 459 29.44 10.28 -20.55
C PHE A 459 28.46 9.37 -21.30
N TYR A 460 27.64 8.62 -20.58
CA TYR A 460 26.83 7.53 -21.18
C TYR A 460 25.47 7.47 -20.49
N PRO A 461 24.39 7.17 -21.24
CA PRO A 461 23.06 7.09 -20.66
C PRO A 461 22.96 6.05 -19.54
N GLU A 462 22.19 6.38 -18.51
CA GLU A 462 21.90 5.55 -17.30
C GLU A 462 23.18 5.04 -16.63
N ALA A 463 24.25 5.82 -16.59
CA ALA A 463 25.41 5.48 -15.74
C ALA A 463 25.17 6.11 -14.37
N ASN A 464 24.55 5.35 -13.46
CA ASN A 464 24.04 5.89 -12.16
C ASN A 464 24.93 5.49 -10.99
N THR A 465 26.16 5.02 -11.24
CA THR A 465 27.05 4.46 -10.20
C THR A 465 27.20 5.42 -9.01
N THR A 466 27.19 6.73 -9.24
CA THR A 466 27.43 7.74 -8.16
C THR A 466 26.42 7.56 -7.02
N ILE A 467 25.16 7.25 -7.33
CA ILE A 467 24.12 7.01 -6.29
C ILE A 467 24.63 5.94 -5.33
N THR A 468 25.27 4.90 -5.87
CA THR A 468 25.70 3.71 -5.13
C THR A 468 26.97 4.00 -4.33
N LEU A 469 27.94 4.72 -4.91
CA LEU A 469 29.26 4.94 -4.27
C LEU A 469 29.19 6.07 -3.24
N SER A 470 28.60 7.21 -3.57
CA SER A 470 28.72 8.41 -2.69
C SER A 470 27.37 9.05 -2.35
N GLY A 471 26.31 8.74 -3.09
CA GLY A 471 25.03 9.45 -2.95
C GLY A 471 24.04 8.72 -2.04
N PRO A 472 22.75 8.73 -2.41
CA PRO A 472 21.69 8.27 -1.52
C PRO A 472 21.94 6.90 -0.87
N THR A 473 22.56 5.97 -1.60
CA THR A 473 22.77 4.58 -1.12
C THR A 473 23.63 4.57 0.15
N ILE A 474 24.63 5.44 0.28
CA ILE A 474 25.48 5.41 1.51
C ILE A 474 24.62 5.77 2.72
N TYR A 475 23.57 6.57 2.53
CA TYR A 475 22.69 6.98 3.65
C TYR A 475 21.81 5.80 4.06
N ALA A 476 21.32 5.03 3.09
CA ALA A 476 20.60 3.77 3.39
C ALA A 476 21.56 2.83 4.12
N GLY A 477 22.82 2.79 3.69
CA GLY A 477 23.86 2.02 4.39
C GLY A 477 24.00 2.47 5.83
N ALA A 478 24.16 3.78 6.05
CA ALA A 478 24.45 4.32 7.40
C ALA A 478 23.24 4.15 8.32
N TYR A 479 22.03 4.32 7.80
CA TYR A 479 20.80 4.12 8.61
C TYR A 479 20.66 2.63 8.96
N LYS A 480 20.89 1.76 7.99
CA LYS A 480 20.92 0.30 8.27
C LYS A 480 21.97 0.03 9.35
N ASP A 481 23.17 0.59 9.19
CA ASP A 481 24.28 0.47 10.17
C ASP A 481 23.76 0.82 11.56
N LEU A 482 23.21 2.02 11.72
CA LEU A 482 22.72 2.52 13.03
C LEU A 482 21.66 1.56 13.60
N LEU A 483 20.69 1.14 12.78
CA LEU A 483 19.53 0.37 13.28
C LEU A 483 19.88 -1.12 13.45
N THR A 484 21.02 -1.61 12.96
CA THR A 484 21.43 -3.02 13.16
C THR A 484 22.69 -3.11 14.03
N PHE A 485 23.12 -2.00 14.64
CA PHE A 485 24.37 -1.89 15.45
C PHE A 485 25.57 -2.40 14.66
N LYS A 486 25.61 -2.11 13.36
CA LYS A 486 26.69 -2.58 12.47
C LYS A 486 27.43 -1.38 11.89
N GLU A 487 28.43 -1.67 11.07
CA GLU A 487 29.21 -0.65 10.33
C GLU A 487 29.44 -1.15 8.91
N MET A 488 29.55 -0.20 7.97
CA MET A 488 29.89 -0.43 6.55
C MET A 488 29.00 -1.50 5.91
N SER A 489 27.72 -1.56 6.27
CA SER A 489 26.76 -2.48 5.59
C SER A 489 26.82 -2.22 4.09
N ILE A 490 27.00 -3.29 3.31
CA ILE A 490 27.08 -3.19 1.82
C ILE A 490 25.76 -3.66 1.20
N ASP A 491 25.02 -4.51 1.89
CA ASP A 491 23.61 -4.84 1.55
C ASP A 491 22.74 -3.76 2.18
N THR A 492 22.23 -2.85 1.36
CA THR A 492 21.43 -1.69 1.82
C THR A 492 19.94 -1.99 1.62
N SER A 493 19.55 -3.24 1.87
CA SER A 493 18.11 -3.61 1.91
C SER A 493 17.53 -3.09 3.21
N ILE A 494 16.62 -2.12 3.11
CA ILE A 494 15.99 -1.47 4.28
C ILE A 494 14.64 -0.93 3.84
N LEU A 495 13.67 -0.93 4.75
CA LEU A 495 12.29 -0.50 4.42
C LEU A 495 12.17 0.99 4.68
N SER A 496 11.40 1.67 3.84
CA SER A 496 11.03 3.09 4.06
C SER A 496 10.42 3.25 5.46
N SER A 497 9.69 2.24 5.91
CA SER A 497 9.12 2.16 7.28
C SER A 497 10.20 2.53 8.31
N GLU A 498 11.46 2.19 8.06
CA GLU A 498 12.59 2.57 8.96
C GLU A 498 13.15 3.93 8.53
N LEU A 499 13.28 4.18 7.22
CA LEU A 499 13.96 5.40 6.72
C LEU A 499 13.13 6.63 7.02
N ARG A 500 11.81 6.51 7.16
CA ARG A 500 10.94 7.70 7.41
C ARG A 500 11.28 8.34 8.76
N ASN A 501 12.01 7.63 9.61
CA ASN A 501 12.42 8.16 10.95
C ASN A 501 13.49 9.24 10.76
N PHE A 502 14.11 9.32 9.59
CA PHE A 502 15.25 10.23 9.33
C PHE A 502 14.88 11.26 8.27
N GLU A 503 13.59 11.54 8.09
CA GLU A 503 13.15 12.36 6.94
C GLU A 503 13.38 13.84 7.25
N PHE A 504 14.08 14.52 6.36
CA PHE A 504 14.16 16.00 6.28
C PHE A 504 12.74 16.53 6.16
N PRO A 505 12.28 17.38 7.10
CA PRO A 505 10.89 17.83 7.09
C PRO A 505 10.50 18.48 5.75
N LYS A 506 9.47 17.95 5.12
CA LYS A 506 8.98 18.40 3.80
C LYS A 506 8.63 19.89 3.87
N VAL A 507 8.22 20.36 5.05
CA VAL A 507 7.76 21.77 5.23
C VAL A 507 8.94 22.73 5.07
N ASN A 508 10.17 22.26 5.26
CA ASN A 508 11.36 23.15 5.23
C ASN A 508 12.07 23.09 3.87
N ILE A 509 11.39 22.66 2.81
CA ILE A 509 12.04 22.57 1.48
C ILE A 509 11.00 22.49 0.36
N SER A 510 11.35 23.05 -0.80
CA SER A 510 10.66 22.84 -2.09
C SER A 510 11.63 22.12 -3.02
N GLN A 511 11.35 20.86 -3.38
CA GLN A 511 12.26 20.06 -4.23
C GLN A 511 11.82 20.15 -5.70
N ALA A 512 10.58 20.55 -5.96
CA ALA A 512 9.98 20.46 -7.31
C ALA A 512 10.35 21.71 -8.12
N THR A 513 11.64 21.99 -8.26
CA THR A 513 12.15 23.22 -8.89
C THR A 513 12.54 22.91 -10.34
N GLU A 514 12.74 23.95 -11.13
CA GLU A 514 13.11 23.83 -12.56
C GLU A 514 14.48 23.16 -12.66
N GLN A 515 15.46 23.61 -11.89
CA GLN A 515 16.86 23.12 -12.04
C GLN A 515 16.97 21.67 -11.57
N GLU A 516 16.12 21.23 -10.65
CA GLU A 516 16.24 19.85 -10.12
C GLU A 516 15.94 18.83 -11.23
N LYS A 517 15.12 19.20 -12.22
CA LYS A 517 14.76 18.28 -13.34
C LYS A 517 15.90 18.15 -14.36
N ASN A 518 16.90 19.03 -14.32
CA ASN A 518 18.08 18.98 -15.23
C ASN A 518 19.29 18.53 -14.42
N SER A 519 19.50 17.22 -14.34
CA SER A 519 20.63 16.63 -13.58
C SER A 519 21.95 17.01 -14.26
N LEU A 520 22.97 17.34 -13.48
CA LEU A 520 24.26 17.78 -14.06
C LEU A 520 25.23 16.61 -14.21
N TRP A 521 24.83 15.37 -13.89
CA TRP A 521 25.78 14.23 -13.84
C TRP A 521 25.28 12.99 -14.54
N GLN A 522 23.97 12.82 -14.75
CA GLN A 522 23.47 11.58 -15.41
C GLN A 522 22.37 11.97 -16.41
N PHE A 523 22.06 11.07 -17.34
CA PHE A 523 20.97 11.29 -18.32
C PHE A 523 20.40 9.95 -18.77
N ASN A 524 19.11 9.96 -19.10
CA ASN A 524 18.36 8.71 -19.44
C ASN A 524 18.38 8.50 -20.95
N GLU A 525 17.78 7.38 -21.37
CA GLU A 525 17.69 6.91 -22.76
C GLU A 525 17.13 8.03 -23.64
N GLU A 526 16.02 8.63 -23.23
CA GLU A 526 15.37 9.67 -24.06
C GLU A 526 16.34 10.83 -24.29
N ARG A 527 17.00 11.32 -23.23
CA ARG A 527 17.97 12.45 -23.34
C ARG A 527 19.09 12.06 -24.30
N ALA A 528 19.62 10.84 -24.20
CA ALA A 528 20.71 10.38 -25.08
C ALA A 528 20.26 10.46 -26.54
N LYS A 529 19.04 10.04 -26.84
CA LYS A 529 18.53 10.03 -28.25
C LYS A 529 18.29 11.46 -28.72
N ILE A 530 17.85 12.33 -27.82
CA ILE A 530 17.68 13.78 -28.14
C ILE A 530 19.07 14.38 -28.39
N GLN A 531 20.04 14.04 -27.55
CA GLN A 531 21.44 14.52 -27.72
C GLN A 531 21.96 14.10 -29.09
N PHE A 532 21.75 12.83 -29.46
CA PHE A 532 22.33 12.23 -30.68
C PHE A 532 21.86 12.98 -31.91
N GLU A 533 20.56 13.31 -31.99
CA GLU A 533 20.01 13.98 -33.20
C GLU A 533 20.56 15.40 -33.29
N GLU A 534 20.73 16.07 -32.15
CA GLU A 534 21.29 17.46 -32.11
C GLU A 534 22.78 17.42 -32.43
N TYR A 535 23.52 16.48 -31.87
CA TYR A 535 24.96 16.28 -32.19
C TYR A 535 25.13 16.14 -33.70
N LYS A 536 24.32 15.29 -34.33
CA LYS A 536 24.40 15.02 -35.78
C LYS A 536 23.98 16.27 -36.56
N LYS A 537 22.84 16.85 -36.19
CA LYS A 537 22.28 18.00 -36.94
C LYS A 537 23.28 19.16 -36.92
N ASN A 538 23.95 19.36 -35.79
CA ASN A 538 24.96 20.44 -35.65
C ASN A 538 26.19 20.11 -36.48
N TYR A 539 26.69 18.88 -36.40
CA TYR A 539 27.95 18.49 -37.08
C TYR A 539 27.80 18.66 -38.59
N PHE A 540 26.61 18.43 -39.13
CA PHE A 540 26.39 18.43 -40.60
C PHE A 540 25.67 19.70 -41.04
N GLU A 541 24.37 19.79 -40.75
CA GLU A 541 23.49 20.91 -41.19
C GLU A 541 24.10 22.25 -40.75
N MET B 1 5.50 -31.05 -10.72
CA MET B 1 4.72 -31.29 -9.47
C MET B 1 4.65 -29.96 -8.70
N SER B 2 3.50 -29.57 -8.17
CA SER B 2 3.41 -28.36 -7.33
C SER B 2 4.02 -28.68 -5.97
N LEU B 3 3.26 -29.41 -5.15
CA LEU B 3 3.64 -29.80 -3.77
C LEU B 3 4.80 -30.77 -3.79
N VAL B 4 5.71 -30.65 -2.82
CA VAL B 4 6.89 -31.55 -2.68
C VAL B 4 6.40 -33.00 -2.63
N ASN B 5 7.22 -33.89 -3.20
CA ASN B 5 7.06 -35.35 -3.08
C ASN B 5 7.67 -35.79 -1.74
N ARG B 6 7.52 -37.07 -1.42
CA ARG B 6 7.92 -37.65 -0.12
C ARG B 6 9.43 -37.50 0.07
N LYS B 7 10.22 -37.79 -0.96
CA LYS B 7 11.71 -37.75 -0.83
C LYS B 7 12.17 -36.33 -0.55
N GLN B 8 11.43 -35.32 -1.01
CA GLN B 8 11.80 -33.91 -0.74
C GLN B 8 11.44 -33.59 0.70
N LEU B 9 10.25 -33.99 1.15
CA LEU B 9 9.86 -33.76 2.56
C LEU B 9 10.87 -34.46 3.48
N GLU B 10 11.21 -35.71 3.18
CA GLU B 10 12.19 -36.51 3.98
C GLU B 10 13.48 -35.72 4.14
N LYS B 11 13.97 -35.08 3.07
CA LYS B 11 15.23 -34.31 3.14
C LYS B 11 14.98 -33.00 3.90
N MET B 12 13.88 -32.31 3.61
CA MET B 12 13.47 -31.07 4.33
C MET B 12 13.47 -31.34 5.84
N ALA B 13 12.72 -32.35 6.27
CA ALA B 13 12.46 -32.63 7.71
C ALA B 13 13.49 -33.59 8.29
N ASN B 14 14.63 -33.77 7.64
CA ASN B 14 15.71 -34.67 8.12
C ASN B 14 16.30 -34.10 9.41
N VAL B 15 16.42 -34.93 10.43
CA VAL B 15 17.16 -34.62 11.69
C VAL B 15 18.14 -35.76 11.93
N ARG B 16 19.43 -35.48 11.81
CA ARG B 16 20.51 -36.48 12.00
C ARG B 16 20.24 -37.29 13.27
N PHE B 17 20.37 -38.62 13.15
CA PHE B 17 20.29 -39.62 14.25
C PHE B 17 18.86 -39.82 14.76
N ARG B 18 17.88 -39.04 14.30
CA ARG B 18 16.55 -39.05 14.95
C ARG B 18 15.71 -40.21 14.44
N VAL B 19 14.98 -40.83 15.37
CA VAL B 19 14.03 -41.94 15.05
C VAL B 19 12.96 -41.40 14.12
N GLN B 20 12.57 -42.20 13.13
CA GLN B 20 11.39 -41.89 12.29
C GLN B 20 10.16 -42.20 13.13
N GLU B 21 9.54 -41.16 13.70
CA GLU B 21 8.37 -41.31 14.60
C GLU B 21 7.16 -41.77 13.79
N ASP B 22 6.24 -42.46 14.45
CA ASP B 22 5.01 -42.99 13.81
C ASP B 22 4.20 -41.83 13.23
N GLU B 23 4.12 -40.72 13.95
CA GLU B 23 3.33 -39.53 13.52
C GLU B 23 3.99 -38.91 12.28
N TYR B 24 5.31 -39.03 12.16
CA TYR B 24 6.09 -38.51 11.01
C TYR B 24 5.84 -39.39 9.78
N VAL B 25 6.02 -40.70 9.92
CA VAL B 25 5.79 -41.66 8.79
C VAL B 25 4.35 -41.51 8.31
N ALA B 26 3.38 -41.28 9.20
CA ALA B 26 1.96 -41.08 8.81
C ALA B 26 1.86 -39.88 7.86
N ILE B 27 2.60 -38.81 8.09
CA ILE B 27 2.64 -37.62 7.19
C ILE B 27 3.19 -38.06 5.83
N LEU B 28 4.37 -38.69 5.84
CA LEU B 28 5.05 -39.12 4.59
C LEU B 28 4.16 -40.08 3.81
N ASP B 29 3.43 -40.96 4.50
CA ASP B 29 2.52 -41.93 3.86
C ASP B 29 1.36 -41.18 3.19
N ALA B 30 0.78 -40.22 3.92
CA ALA B 30 -0.35 -39.41 3.41
C ALA B 30 0.13 -38.55 2.23
N LEU B 31 1.31 -37.93 2.33
CA LEU B 31 1.85 -37.12 1.21
C LEU B 31 2.05 -38.03 -0.02
N GLU B 32 2.69 -39.17 0.16
CA GLU B 32 2.96 -40.11 -0.96
C GLU B 32 1.65 -40.56 -1.60
N GLU B 33 0.62 -40.83 -0.78
CA GLU B 33 -0.70 -41.27 -1.30
C GLU B 33 -1.36 -40.13 -2.07
N TYR B 34 -1.16 -38.89 -1.63
CA TYR B 34 -1.70 -37.69 -2.33
C TYR B 34 -1.14 -37.63 -3.76
N HIS B 35 0.13 -37.95 -3.93
CA HIS B 35 0.78 -37.91 -5.27
C HIS B 35 0.31 -39.10 -6.13
N ASN B 36 -0.52 -39.98 -5.60
CA ASN B 36 -1.08 -41.11 -6.41
C ASN B 36 -2.57 -40.89 -6.69
N MET B 37 -3.05 -39.65 -6.66
CA MET B 37 -4.50 -39.37 -6.76
C MET B 37 -4.83 -38.59 -8.03
N SER B 38 -4.08 -38.81 -9.11
CA SER B 38 -4.43 -38.29 -10.46
C SER B 38 -5.86 -38.70 -10.81
N GLU B 39 -6.27 -39.90 -10.40
CA GLU B 39 -7.60 -40.51 -10.71
C GLU B 39 -8.74 -39.79 -9.97
N ASN B 40 -8.45 -39.06 -8.89
CA ASN B 40 -9.50 -38.60 -7.94
C ASN B 40 -10.07 -37.24 -8.34
N THR B 41 -11.14 -36.86 -7.65
CA THR B 41 -11.82 -35.56 -7.83
C THR B 41 -11.04 -34.46 -7.14
N VAL B 42 -11.42 -33.22 -7.40
CA VAL B 42 -10.78 -32.04 -6.77
C VAL B 42 -11.13 -32.03 -5.28
N VAL B 43 -12.39 -32.29 -4.95
CA VAL B 43 -12.81 -32.35 -3.52
C VAL B 43 -12.01 -33.43 -2.79
N GLU B 44 -11.86 -34.60 -3.40
CA GLU B 44 -11.12 -35.73 -2.77
C GLU B 44 -9.67 -35.30 -2.52
N LYS B 45 -9.03 -34.66 -3.49
CA LYS B 45 -7.62 -34.22 -3.34
C LYS B 45 -7.52 -33.19 -2.20
N TYR B 46 -8.45 -32.23 -2.16
CA TYR B 46 -8.50 -31.24 -1.07
C TYR B 46 -8.63 -31.95 0.28
N LEU B 47 -9.56 -32.89 0.40
CA LEU B 47 -9.75 -33.66 1.66
C LEU B 47 -8.47 -34.40 2.03
N LYS B 48 -7.65 -34.75 1.04
CA LYS B 48 -6.35 -35.40 1.34
C LYS B 48 -5.38 -34.38 1.94
N LEU B 49 -5.28 -33.19 1.34
CA LEU B 49 -4.43 -32.09 1.86
C LEU B 49 -4.86 -31.78 3.29
N LYS B 50 -6.17 -31.80 3.55
CA LYS B 50 -6.71 -31.54 4.92
C LYS B 50 -6.18 -32.59 5.89
N ASP B 51 -6.21 -33.88 5.52
CA ASP B 51 -5.73 -34.98 6.38
C ASP B 51 -4.22 -34.82 6.59
N ILE B 52 -3.48 -34.51 5.53
CA ILE B 52 -2.01 -34.29 5.64
C ILE B 52 -1.75 -33.13 6.60
N ASN B 53 -2.49 -32.02 6.44
CA ASN B 53 -2.35 -30.84 7.33
C ASN B 53 -2.69 -31.28 8.75
N SER B 54 -3.76 -32.05 8.92
CA SER B 54 -4.18 -32.56 10.25
C SER B 54 -3.08 -33.44 10.84
N LEU B 55 -2.50 -34.35 10.06
CA LEU B 55 -1.40 -35.21 10.56
C LEU B 55 -0.19 -34.37 10.91
N THR B 56 0.05 -33.29 10.17
CA THR B 56 1.25 -32.45 10.43
C THR B 56 1.08 -31.70 11.76
N ASP B 57 -0.09 -31.14 12.01
CA ASP B 57 -0.38 -30.44 13.29
C ASP B 57 -0.22 -31.44 14.44
N THR B 58 -0.67 -32.68 14.25
CA THR B 58 -0.54 -33.74 15.28
C THR B 58 0.93 -33.91 15.63
N TYR B 59 1.80 -34.10 14.64
CA TYR B 59 3.25 -34.28 14.87
C TYR B 59 3.79 -33.11 15.69
N ILE B 60 3.53 -31.88 15.23
CA ILE B 60 4.14 -30.66 15.82
C ILE B 60 3.67 -30.52 17.27
N ASP B 61 2.42 -30.89 17.56
CA ASP B 61 1.86 -30.82 18.94
C ASP B 61 2.43 -31.95 19.79
N THR B 62 2.69 -33.11 19.20
CA THR B 62 3.25 -34.27 19.96
C THR B 62 4.69 -33.97 20.39
N TYR B 63 5.55 -33.57 19.44
CA TYR B 63 7.01 -33.39 19.69
C TYR B 63 7.36 -31.92 19.57
N LYS B 64 7.02 -31.16 20.60
CA LYS B 64 6.93 -29.68 20.47
C LYS B 64 8.32 -29.06 20.39
N LYS B 65 9.40 -29.83 20.55
CA LYS B 65 10.77 -29.27 20.43
C LYS B 65 11.55 -30.03 19.35
N SER B 66 10.87 -30.77 18.48
CA SER B 66 11.52 -31.60 17.45
C SER B 66 12.22 -30.70 16.44
N GLY B 67 13.41 -31.11 15.99
CA GLY B 67 14.13 -30.44 14.89
C GLY B 67 13.37 -30.51 13.58
N ARG B 68 12.33 -31.35 13.46
CA ARG B 68 11.54 -31.45 12.21
C ARG B 68 10.55 -30.29 12.09
N ASN B 69 10.22 -29.64 13.20
CA ASN B 69 9.03 -28.75 13.25
C ASN B 69 9.18 -27.57 12.27
N LYS B 70 10.36 -26.96 12.20
CA LYS B 70 10.59 -25.85 11.26
C LYS B 70 10.28 -26.31 9.83
N ALA B 71 10.86 -27.43 9.40
CA ALA B 71 10.61 -27.98 8.04
C ALA B 71 9.12 -28.26 7.88
N LEU B 72 8.45 -28.76 8.92
CA LEU B 72 7.04 -29.20 8.80
C LEU B 72 6.09 -27.99 8.74
N LYS B 73 6.43 -26.91 9.43
CA LYS B 73 5.65 -25.64 9.32
C LYS B 73 5.77 -25.08 7.91
N LYS B 74 6.96 -25.14 7.31
CA LYS B 74 7.17 -24.71 5.91
C LYS B 74 6.35 -25.60 4.97
N PHE B 75 6.37 -26.91 5.21
CA PHE B 75 5.51 -27.90 4.50
C PHE B 75 4.05 -27.44 4.57
N LYS B 76 3.59 -26.99 5.74
CA LYS B 76 2.18 -26.54 5.93
C LYS B 76 1.89 -25.35 5.00
N GLU B 77 2.84 -24.43 4.82
CA GLU B 77 2.65 -23.33 3.84
C GLU B 77 2.52 -23.92 2.44
N TYR B 78 3.29 -24.96 2.12
CA TYR B 78 3.23 -25.61 0.78
C TYR B 78 1.84 -26.22 0.58
N LEU B 79 1.21 -26.73 1.65
CA LEU B 79 -0.16 -27.30 1.55
C LEU B 79 -1.14 -26.19 1.16
N VAL B 80 -1.01 -25.00 1.74
CA VAL B 80 -1.91 -23.86 1.45
C VAL B 80 -1.75 -23.47 -0.02
N ILE B 81 -0.51 -23.28 -0.47
CA ILE B 81 -0.21 -22.97 -1.90
C ILE B 81 -0.85 -24.04 -2.78
N GLU B 82 -0.77 -25.31 -2.38
CA GLU B 82 -1.35 -26.44 -3.14
C GLU B 82 -2.86 -26.28 -3.27
N ILE B 83 -3.55 -25.77 -2.24
CA ILE B 83 -5.03 -25.52 -2.32
C ILE B 83 -5.31 -24.63 -3.52
N LEU B 84 -4.66 -23.47 -3.56
CA LEU B 84 -4.87 -22.47 -4.63
C LEU B 84 -4.48 -23.07 -5.97
N GLU B 85 -3.44 -23.90 -6.00
CA GLU B 85 -3.02 -24.55 -7.27
C GLU B 85 -4.06 -25.59 -7.67
N LEU B 86 -4.56 -26.38 -6.73
CA LEU B 86 -5.72 -27.28 -6.98
C LEU B 86 -6.87 -26.44 -7.55
N LYS B 87 -7.17 -25.31 -6.91
CA LYS B 87 -8.32 -24.45 -7.27
C LYS B 87 -8.16 -23.95 -8.71
N ASN B 88 -6.95 -23.56 -9.10
CA ASN B 88 -6.75 -22.89 -10.40
C ASN B 88 -6.71 -23.90 -11.55
N SER B 89 -6.30 -25.14 -11.28
CA SER B 89 -5.87 -26.10 -12.32
C SER B 89 -6.98 -27.07 -12.75
N ASN B 90 -8.16 -27.01 -12.12
CA ASN B 90 -9.25 -27.95 -12.48
C ASN B 90 -10.58 -27.22 -12.37
N LEU B 91 -11.12 -26.80 -13.51
CA LEU B 91 -12.35 -25.98 -13.50
C LEU B 91 -13.51 -26.81 -14.00
N THR B 92 -14.70 -26.39 -13.60
CA THR B 92 -15.97 -27.02 -14.01
C THR B 92 -16.84 -25.90 -14.57
N PRO B 93 -17.72 -26.21 -15.55
CA PRO B 93 -18.57 -25.20 -16.15
C PRO B 93 -19.61 -24.79 -15.11
N VAL B 94 -19.92 -23.50 -15.07
CA VAL B 94 -20.95 -22.94 -14.17
C VAL B 94 -22.29 -23.12 -14.85
N GLU B 95 -23.28 -23.61 -14.12
CA GLU B 95 -24.65 -23.83 -14.62
C GLU B 95 -25.20 -22.50 -15.15
N LYS B 96 -25.88 -22.54 -16.28
CA LYS B 96 -26.35 -21.32 -16.99
C LYS B 96 -27.63 -20.81 -16.34
N ASN B 97 -27.51 -20.43 -15.07
CA ASN B 97 -28.63 -19.89 -14.25
C ASN B 97 -28.26 -18.50 -13.75
N LEU B 98 -29.12 -17.53 -14.02
CA LEU B 98 -29.11 -16.22 -13.31
C LEU B 98 -30.15 -16.28 -12.21
N HIS B 99 -29.69 -16.30 -10.96
CA HIS B 99 -30.57 -16.38 -9.78
C HIS B 99 -30.76 -14.99 -9.18
N PHE B 100 -32.00 -14.52 -9.13
CA PHE B 100 -32.39 -13.31 -8.37
C PHE B 100 -33.36 -13.71 -7.27
N ILE B 101 -33.48 -12.85 -6.26
CA ILE B 101 -34.36 -13.07 -5.09
C ILE B 101 -35.15 -11.80 -4.85
N TRP B 102 -36.48 -11.92 -4.82
CA TRP B 102 -37.33 -10.86 -4.24
C TRP B 102 -38.43 -11.50 -3.38
N ILE B 103 -38.26 -11.41 -2.07
CA ILE B 103 -39.19 -12.04 -1.09
C ILE B 103 -39.76 -10.96 -0.18
N GLY B 104 -40.93 -11.24 0.40
CA GLY B 104 -41.56 -10.42 1.44
C GLY B 104 -42.67 -9.52 0.92
N GLY B 105 -42.77 -9.31 -0.40
CA GLY B 105 -43.74 -8.37 -0.96
C GLY B 105 -43.76 -8.38 -2.47
N GLN B 106 -44.60 -7.53 -3.07
CA GLN B 106 -44.72 -7.46 -4.54
C GLN B 106 -43.39 -6.97 -5.11
N ILE B 107 -42.84 -7.69 -6.08
CA ILE B 107 -41.63 -7.22 -6.81
C ILE B 107 -42.03 -5.94 -7.52
N ASN B 108 -41.17 -4.93 -7.50
CA ASN B 108 -41.58 -3.65 -8.11
C ASN B 108 -40.86 -3.49 -9.45
N ASP B 109 -41.35 -2.56 -10.27
CA ASP B 109 -40.94 -2.34 -11.68
C ASP B 109 -39.42 -2.09 -11.77
N THR B 110 -38.85 -1.36 -10.81
CA THR B 110 -37.41 -1.03 -10.81
C THR B 110 -36.58 -2.31 -10.82
N ALA B 111 -36.93 -3.29 -9.98
CA ALA B 111 -36.22 -4.59 -9.95
C ALA B 111 -36.34 -5.27 -11.32
N ILE B 112 -37.55 -5.30 -11.87
CA ILE B 112 -37.84 -5.94 -13.19
C ILE B 112 -36.89 -5.36 -14.24
N ASN B 113 -36.84 -4.03 -14.32
CA ASN B 113 -36.06 -3.33 -15.37
C ASN B 113 -34.57 -3.64 -15.21
N TYR B 114 -34.09 -3.82 -13.98
CA TYR B 114 -32.68 -4.20 -13.74
C TYR B 114 -32.47 -5.63 -14.22
N ILE B 115 -33.37 -6.52 -13.83
CA ILE B 115 -33.29 -7.96 -14.22
C ILE B 115 -33.35 -8.08 -15.74
N ASN B 116 -34.17 -7.24 -16.40
CA ASN B 116 -34.39 -7.35 -17.86
C ASN B 116 -33.08 -7.12 -18.62
N GLN B 117 -32.20 -6.29 -18.09
CA GLN B 117 -30.89 -5.99 -18.73
C GLN B 117 -30.05 -7.27 -18.78
N TRP B 118 -29.96 -8.01 -17.68
CA TRP B 118 -29.23 -9.29 -17.65
C TRP B 118 -29.87 -10.26 -18.63
N LYS B 119 -31.20 -10.39 -18.57
CA LYS B 119 -31.96 -11.36 -19.40
C LYS B 119 -31.77 -11.03 -20.88
N ASP B 120 -31.88 -9.75 -21.24
CA ASP B 120 -31.77 -9.26 -22.64
C ASP B 120 -30.44 -9.72 -23.24
N VAL B 121 -29.33 -9.59 -22.51
CA VAL B 121 -27.99 -9.85 -23.11
C VAL B 121 -27.49 -11.26 -22.73
N ASN B 122 -28.27 -12.06 -22.00
CA ASN B 122 -27.90 -13.46 -21.66
C ASN B 122 -29.03 -14.40 -22.06
N SER B 123 -29.31 -14.51 -23.35
CA SER B 123 -30.37 -15.39 -23.90
C SER B 123 -30.09 -16.86 -23.57
N ASP B 124 -28.83 -17.21 -23.33
CA ASP B 124 -28.43 -18.62 -23.06
C ASP B 124 -28.51 -18.94 -21.56
N TYR B 125 -28.95 -17.99 -20.73
CA TYR B 125 -29.10 -18.24 -19.28
C TYR B 125 -30.58 -18.38 -18.95
N ASN B 126 -30.86 -19.35 -18.09
CA ASN B 126 -32.19 -19.46 -17.45
C ASN B 126 -32.23 -18.42 -16.33
N VAL B 127 -33.23 -17.55 -16.34
CA VAL B 127 -33.43 -16.54 -15.28
C VAL B 127 -34.41 -17.09 -14.25
N ASN B 128 -34.05 -17.00 -12.98
CA ASN B 128 -34.96 -17.32 -11.85
C ASN B 128 -35.11 -16.05 -11.02
N VAL B 129 -36.34 -15.69 -10.73
CA VAL B 129 -36.63 -14.65 -9.71
C VAL B 129 -37.31 -15.36 -8.55
N PHE B 130 -36.55 -15.60 -7.49
CA PHE B 130 -37.01 -16.40 -6.34
C PHE B 130 -37.93 -15.56 -5.48
N TYR B 131 -39.05 -16.13 -5.11
CA TYR B 131 -40.04 -15.45 -4.24
C TYR B 131 -40.62 -16.49 -3.29
N ASP B 132 -41.31 -16.01 -2.27
CA ASP B 132 -41.98 -16.88 -1.27
C ASP B 132 -43.48 -16.66 -1.40
N SER B 133 -44.19 -17.65 -1.97
CA SER B 133 -45.64 -17.60 -2.23
C SER B 133 -46.45 -17.50 -0.92
N ASN B 134 -45.85 -17.81 0.22
CA ASN B 134 -46.54 -17.80 1.53
C ASN B 134 -46.38 -16.45 2.24
N ALA B 135 -45.46 -15.58 1.79
CA ALA B 135 -45.02 -14.44 2.61
C ALA B 135 -44.95 -13.16 1.77
N PHE B 136 -45.96 -12.90 0.96
CA PHE B 136 -46.07 -11.64 0.19
C PHE B 136 -46.38 -10.45 1.10
N LEU B 137 -46.77 -10.68 2.36
CA LEU B 137 -47.29 -9.60 3.23
C LEU B 137 -46.27 -9.17 4.29
N ILE B 138 -45.09 -9.77 4.34
CA ILE B 138 -44.10 -9.41 5.39
C ILE B 138 -43.75 -7.93 5.26
N ASN B 139 -43.49 -7.45 4.04
CA ASN B 139 -43.11 -6.03 3.83
C ASN B 139 -44.27 -5.12 4.26
N THR B 140 -45.52 -5.55 4.06
CA THR B 140 -46.69 -4.73 4.43
C THR B 140 -46.79 -4.66 5.96
N LEU B 141 -46.53 -5.78 6.64
CA LEU B 141 -46.59 -5.86 8.12
C LEU B 141 -45.49 -4.97 8.72
N LYS B 142 -44.24 -5.18 8.27
CA LYS B 142 -43.08 -4.39 8.77
C LYS B 142 -43.36 -2.90 8.60
N LYS B 143 -43.77 -2.47 7.41
CA LYS B 143 -44.00 -1.03 7.14
C LYS B 143 -45.10 -0.50 8.07
N THR B 144 -46.11 -1.32 8.35
CA THR B 144 -47.29 -0.93 9.16
C THR B 144 -46.87 -0.76 10.63
N ILE B 145 -46.09 -1.71 11.15
CA ILE B 145 -45.64 -1.66 12.58
C ILE B 145 -44.63 -0.53 12.76
N ILE B 146 -43.84 -0.20 11.73
CA ILE B 146 -42.87 0.94 11.82
C ILE B 146 -43.65 2.25 11.77
N GLU B 147 -44.75 2.29 11.03
CA GLU B 147 -45.58 3.52 10.88
C GLU B 147 -46.35 3.75 12.18
N SER B 148 -46.92 2.68 12.75
CA SER B 148 -47.64 2.75 14.06
C SER B 148 -46.67 3.16 15.16
N ALA B 149 -45.42 2.68 15.12
CA ALA B 149 -44.40 3.00 16.15
C ALA B 149 -43.92 4.44 15.97
N SER B 150 -43.77 4.93 14.72
CA SER B 150 -43.30 6.31 14.46
C SER B 150 -44.36 7.30 14.95
N ASN B 151 -45.63 7.06 14.61
CA ASN B 151 -46.77 7.90 15.06
C ASN B 151 -46.75 8.00 16.58
N ASP B 152 -46.74 6.86 17.26
CA ASP B 152 -46.73 6.81 18.74
C ASP B 152 -45.56 7.64 19.27
N THR B 153 -44.38 7.51 18.69
CA THR B 153 -43.17 8.21 19.14
C THR B 153 -43.32 9.72 18.95
N LEU B 154 -43.80 10.13 17.77
CA LEU B 154 -44.00 11.57 17.47
C LEU B 154 -45.06 12.14 18.42
N GLU B 155 -46.10 11.36 18.68
CA GLU B 155 -47.15 11.75 19.65
C GLU B 155 -46.49 12.10 20.97
N SER B 156 -45.66 11.18 21.47
CA SER B 156 -45.03 11.28 22.80
C SER B 156 -43.96 12.38 22.82
N PHE B 157 -43.68 13.04 21.69
CA PHE B 157 -42.70 14.15 21.62
C PHE B 157 -43.41 15.50 21.45
N ARG B 158 -44.73 15.46 21.34
CA ARG B 158 -45.59 16.65 21.09
C ARG B 158 -45.18 17.86 21.94
N GLU B 159 -44.98 17.63 23.24
CA GLU B 159 -44.66 18.69 24.24
C GLU B 159 -43.16 18.95 24.25
N ASN B 160 -42.36 17.88 24.19
CA ASN B 160 -40.89 17.98 23.95
C ASN B 160 -40.68 18.29 22.43
N LEU B 161 -41.46 19.27 21.95
CA LEU B 161 -41.34 19.88 20.61
C LEU B 161 -40.35 21.04 20.68
N ASN B 162 -39.33 21.01 19.82
CA ASN B 162 -38.26 22.04 19.69
C ASN B 162 -37.20 21.87 20.78
N ASP B 163 -37.38 21.01 21.78
CA ASP B 163 -36.26 20.74 22.72
C ASP B 163 -35.16 20.07 21.92
N PRO B 164 -33.92 20.63 21.85
CA PRO B 164 -32.82 20.00 21.10
C PRO B 164 -32.41 18.58 21.54
N GLU B 165 -32.73 18.18 22.78
CA GLU B 165 -32.44 16.82 23.31
C GLU B 165 -33.34 15.78 22.66
N PHE B 166 -34.48 16.18 22.10
CA PHE B 166 -35.41 15.30 21.35
C PHE B 166 -35.07 15.37 19.87
N ASN B 167 -33.96 14.70 19.54
CA ASN B 167 -33.35 14.69 18.18
C ASN B 167 -33.62 13.34 17.53
N HIS B 168 -33.02 13.13 16.35
CA HIS B 168 -33.12 11.88 15.55
C HIS B 168 -32.75 10.66 16.42
N THR B 169 -31.69 10.75 17.22
CA THR B 169 -31.27 9.63 18.11
C THR B 169 -32.38 9.29 19.10
N ALA B 170 -32.98 10.30 19.74
CA ALA B 170 -34.05 10.08 20.74
C ALA B 170 -35.26 9.45 20.04
N PHE B 171 -35.60 9.96 18.86
CA PHE B 171 -36.74 9.45 18.06
C PHE B 171 -36.54 7.96 17.77
N PHE B 172 -35.42 7.61 17.14
CA PHE B 172 -35.17 6.20 16.72
C PHE B 172 -35.06 5.29 17.94
N ARG B 173 -34.56 5.80 19.06
CA ARG B 173 -34.38 4.98 20.28
C ARG B 173 -35.75 4.69 20.91
N LYS B 174 -36.57 5.71 21.15
CA LYS B 174 -37.91 5.48 21.72
C LYS B 174 -38.71 4.58 20.77
N ARG B 175 -38.70 4.89 19.47
CA ARG B 175 -39.45 4.11 18.45
C ARG B 175 -39.01 2.65 18.51
N MET B 176 -37.71 2.38 18.62
CA MET B 176 -37.19 1.00 18.66
C MET B 176 -37.82 0.23 19.81
N GLN B 177 -37.92 0.84 20.99
CA GLN B 177 -38.52 0.19 22.19
C GLN B 177 -39.96 -0.24 21.86
N ILE B 178 -40.69 0.61 21.14
CA ILE B 178 -42.11 0.33 20.77
C ILE B 178 -42.14 -0.79 19.73
N ILE B 179 -41.31 -0.69 18.68
CA ILE B 179 -41.25 -1.72 17.61
C ILE B 179 -40.97 -3.07 18.25
N TYR B 180 -39.99 -3.14 19.15
CA TYR B 180 -39.68 -4.39 19.88
C TYR B 180 -40.97 -4.95 20.50
N ASP B 181 -41.73 -4.10 21.19
CA ASP B 181 -42.99 -4.51 21.86
C ASP B 181 -43.97 -5.08 20.82
N LYS B 182 -44.22 -4.34 19.75
CA LYS B 182 -45.18 -4.77 18.72
C LYS B 182 -44.67 -6.01 18.01
N GLN B 183 -43.39 -6.02 17.65
CA GLN B 183 -42.80 -7.13 16.87
C GLN B 183 -42.85 -8.42 17.70
N GLN B 184 -42.59 -8.33 19.01
CA GLN B 184 -42.73 -9.52 19.90
C GLN B 184 -44.20 -9.91 20.01
N ASN B 185 -45.10 -8.92 20.06
CA ASN B 185 -46.55 -9.18 20.07
C ASN B 185 -46.91 -10.00 18.82
N PHE B 186 -46.50 -9.56 17.64
CA PHE B 186 -46.74 -10.31 16.38
C PHE B 186 -46.05 -11.68 16.46
N ILE B 187 -44.78 -11.72 16.86
CA ILE B 187 -44.01 -13.00 16.83
C ILE B 187 -44.74 -14.03 17.69
N ASN B 188 -45.10 -13.67 18.91
CA ASN B 188 -45.77 -14.61 19.84
C ASN B 188 -47.13 -15.01 19.27
N TYR B 189 -47.83 -14.08 18.63
CA TYR B 189 -49.10 -14.40 17.93
C TYR B 189 -48.81 -15.44 16.85
N TYR B 190 -47.76 -15.23 16.05
CA TYR B 190 -47.44 -16.13 14.90
C TYR B 190 -47.26 -17.55 15.41
N LYS B 191 -46.38 -17.77 16.38
CA LYS B 191 -46.04 -19.15 16.81
C LYS B 191 -47.16 -19.77 17.63
N ALA B 192 -48.01 -18.96 18.27
CA ALA B 192 -49.23 -19.50 18.92
C ALA B 192 -50.14 -20.09 17.83
N GLN B 193 -50.33 -19.36 16.72
CA GLN B 193 -51.23 -19.80 15.61
C GLN B 193 -50.63 -21.01 14.90
N LYS B 194 -49.30 -21.10 14.79
CA LYS B 194 -48.65 -22.25 14.10
C LYS B 194 -48.85 -23.52 14.92
N GLU B 195 -48.97 -23.41 16.24
CA GLU B 195 -49.26 -24.61 17.07
C GLU B 195 -50.76 -24.88 17.07
N GLU B 196 -51.59 -23.84 17.07
CA GLU B 196 -53.07 -23.98 16.99
C GLU B 196 -53.43 -24.73 15.71
N ASN B 197 -53.09 -24.15 14.56
CA ASN B 197 -53.39 -24.71 13.22
C ASN B 197 -52.11 -24.66 12.39
N PRO B 198 -51.31 -25.74 12.34
CA PRO B 198 -50.06 -25.74 11.60
C PRO B 198 -50.23 -25.69 10.08
N ASP B 199 -51.48 -25.74 9.60
CA ASP B 199 -51.79 -25.66 8.16
C ASP B 199 -51.86 -24.21 7.69
N LEU B 200 -51.90 -23.25 8.62
CA LEU B 200 -51.89 -21.82 8.23
C LEU B 200 -50.53 -21.50 7.61
N ILE B 201 -50.56 -20.72 6.54
CA ILE B 201 -49.34 -20.18 5.89
C ILE B 201 -49.09 -18.79 6.47
N ILE B 202 -47.87 -18.30 6.29
CA ILE B 202 -47.40 -17.05 6.95
C ILE B 202 -48.37 -15.91 6.63
N ASP B 203 -48.74 -15.76 5.36
CA ASP B 203 -49.65 -14.67 4.91
C ASP B 203 -51.05 -14.83 5.49
N ASP B 204 -51.44 -16.05 5.88
CA ASP B 204 -52.75 -16.25 6.57
C ASP B 204 -52.69 -15.58 7.93
N ILE B 205 -51.77 -16.04 8.78
CA ILE B 205 -51.52 -15.47 10.12
C ILE B 205 -51.33 -13.96 9.99
N VAL B 206 -50.49 -13.53 9.07
CA VAL B 206 -50.13 -12.09 8.92
C VAL B 206 -51.39 -11.29 8.57
N LYS B 207 -52.19 -11.74 7.59
CA LYS B 207 -53.32 -10.91 7.09
C LYS B 207 -54.39 -10.79 8.17
N THR B 208 -54.61 -11.80 9.01
CA THR B 208 -55.61 -11.72 10.11
C THR B 208 -55.10 -10.74 11.16
N TYR B 209 -53.80 -10.78 11.45
CA TYR B 209 -53.14 -9.90 12.45
C TYR B 209 -53.34 -8.45 12.04
N LEU B 210 -53.13 -8.14 10.76
CA LEU B 210 -53.23 -6.74 10.28
C LEU B 210 -54.68 -6.25 10.35
N SER B 211 -55.66 -7.15 10.21
CA SER B 211 -57.09 -6.79 10.30
C SER B 211 -57.46 -6.51 11.76
N ASN B 212 -57.14 -7.44 12.65
CA ASN B 212 -57.51 -7.33 14.08
C ASN B 212 -56.89 -6.07 14.69
N GLU B 213 -55.56 -5.92 14.57
CA GLU B 213 -54.80 -4.96 15.40
C GLU B 213 -54.54 -3.65 14.65
N TYR B 214 -54.71 -3.60 13.33
CA TYR B 214 -54.43 -2.36 12.55
C TYR B 214 -55.54 -2.06 11.54
N SER B 215 -56.68 -2.77 11.63
CA SER B 215 -57.93 -2.39 10.92
C SER B 215 -57.67 -2.32 9.42
N LYS B 216 -56.95 -3.31 8.89
CA LYS B 216 -56.71 -3.40 7.43
C LYS B 216 -57.74 -4.34 6.82
N ASP B 217 -58.09 -4.07 5.57
CA ASP B 217 -59.16 -4.78 4.84
C ASP B 217 -58.59 -6.08 4.30
N ILE B 218 -59.18 -7.21 4.70
CA ILE B 218 -58.70 -8.56 4.26
C ILE B 218 -58.84 -8.67 2.75
N ASP B 219 -59.89 -8.09 2.16
CA ASP B 219 -60.10 -8.22 0.70
C ASP B 219 -58.98 -7.48 -0.02
N GLU B 220 -58.55 -6.34 0.54
CA GLU B 220 -57.46 -5.53 -0.02
C GLU B 220 -56.16 -6.30 0.12
N LEU B 221 -55.98 -6.97 1.26
CA LEU B 221 -54.79 -7.79 1.53
C LEU B 221 -54.76 -8.97 0.57
N ASN B 222 -55.93 -9.55 0.29
CA ASN B 222 -56.05 -10.69 -0.65
C ASN B 222 -55.75 -10.24 -2.07
N ALA B 223 -56.28 -9.08 -2.49
CA ALA B 223 -56.04 -8.55 -3.84
C ALA B 223 -54.54 -8.33 -4.03
N TYR B 224 -53.88 -7.74 -3.04
CA TYR B 224 -52.42 -7.48 -3.09
C TYR B 224 -51.68 -8.80 -3.26
N ILE B 225 -52.15 -9.88 -2.64
CA ILE B 225 -51.45 -11.20 -2.71
C ILE B 225 -51.50 -11.68 -4.16
N GLU B 226 -52.69 -11.77 -4.75
CA GLU B 226 -52.88 -12.29 -6.13
C GLU B 226 -52.17 -11.40 -7.13
N GLU B 227 -52.22 -10.08 -6.93
CA GLU B 227 -51.44 -9.11 -7.74
C GLU B 227 -49.95 -9.48 -7.66
N SER B 228 -49.44 -9.71 -6.44
CA SER B 228 -48.01 -10.02 -6.19
C SER B 228 -47.70 -11.40 -6.77
N LEU B 229 -48.58 -12.37 -6.55
CA LEU B 229 -48.37 -13.74 -7.08
C LEU B 229 -48.27 -13.67 -8.60
N ASN B 230 -49.09 -12.84 -9.24
CA ASN B 230 -49.17 -12.84 -10.73
C ASN B 230 -48.03 -12.02 -11.31
N LYS B 231 -47.68 -10.90 -10.69
CA LYS B 231 -46.60 -10.04 -11.21
C LYS B 231 -45.28 -10.82 -11.23
N VAL B 232 -44.98 -11.59 -10.18
CA VAL B 232 -43.68 -12.30 -10.11
C VAL B 232 -43.72 -13.58 -10.95
N THR B 233 -44.86 -14.27 -11.06
CA THR B 233 -44.96 -15.46 -11.95
C THR B 233 -44.71 -15.04 -13.40
N GLU B 234 -45.11 -13.83 -13.77
CA GLU B 234 -44.96 -13.32 -15.16
C GLU B 234 -43.53 -12.80 -15.39
N ASN B 235 -42.68 -12.81 -14.36
CA ASN B 235 -41.28 -12.32 -14.47
C ASN B 235 -40.33 -13.38 -13.92
N SER B 236 -40.44 -14.61 -14.42
CA SER B 236 -39.51 -15.73 -14.14
C SER B 236 -39.60 -16.15 -12.67
N GLY B 237 -40.72 -15.85 -12.01
CA GLY B 237 -41.01 -16.31 -10.64
C GLY B 237 -40.64 -17.76 -10.46
N ASN B 238 -40.03 -18.05 -9.31
CA ASN B 238 -39.65 -19.42 -8.90
C ASN B 238 -39.87 -19.47 -7.40
N ASP B 239 -40.83 -20.29 -6.97
CA ASP B 239 -41.35 -20.24 -5.58
C ASP B 239 -40.41 -21.05 -4.68
N VAL B 240 -39.97 -20.45 -3.57
CA VAL B 240 -39.09 -21.18 -2.61
C VAL B 240 -39.90 -22.29 -1.94
N ARG B 241 -41.23 -22.19 -1.90
CA ARG B 241 -42.07 -23.30 -1.35
C ARG B 241 -42.03 -24.51 -2.30
N ASN B 242 -41.45 -24.36 -3.49
CA ASN B 242 -41.15 -25.48 -4.42
C ASN B 242 -39.66 -25.84 -4.40
N PHE B 243 -38.84 -25.14 -3.61
CA PHE B 243 -37.39 -25.41 -3.45
C PHE B 243 -37.23 -26.48 -2.38
N GLU B 244 -37.30 -27.74 -2.79
CA GLU B 244 -37.44 -28.91 -1.88
C GLU B 244 -36.15 -29.15 -1.12
N GLU B 245 -35.01 -29.09 -1.80
CA GLU B 245 -33.68 -29.30 -1.15
C GLU B 245 -33.50 -28.27 -0.03
N PHE B 246 -34.08 -27.08 -0.22
CA PHE B 246 -33.98 -25.94 0.73
C PHE B 246 -34.92 -26.15 1.90
N LYS B 247 -36.18 -26.52 1.64
CA LYS B 247 -37.20 -26.72 2.71
C LYS B 247 -36.78 -27.87 3.64
N THR B 248 -36.00 -28.84 3.16
CA THR B 248 -35.59 -30.01 3.98
C THR B 248 -34.13 -29.89 4.43
N GLY B 249 -33.54 -28.70 4.30
CA GLY B 249 -32.11 -28.51 4.59
C GLY B 249 -31.87 -27.99 5.99
N GLU B 250 -30.62 -27.63 6.24
CA GLU B 250 -30.14 -27.30 7.60
C GLU B 250 -30.52 -25.87 7.97
N VAL B 251 -30.90 -25.01 7.02
CA VAL B 251 -30.97 -23.55 7.30
C VAL B 251 -32.34 -22.97 6.98
N PHE B 252 -33.34 -23.81 6.70
CA PHE B 252 -34.68 -23.29 6.31
C PHE B 252 -35.34 -22.59 7.51
N ASN B 253 -35.16 -23.14 8.71
CA ASN B 253 -35.68 -22.51 9.95
C ASN B 253 -35.03 -21.14 10.18
N LEU B 254 -33.77 -20.96 9.80
CA LEU B 254 -33.08 -19.65 9.94
C LEU B 254 -33.58 -18.70 8.86
N TYR B 255 -33.86 -19.21 7.68
CA TYR B 255 -34.49 -18.41 6.60
C TYR B 255 -35.84 -17.88 7.10
N GLU B 256 -36.66 -18.77 7.67
CA GLU B 256 -38.00 -18.42 8.20
C GLU B 256 -37.88 -17.51 9.42
N GLN B 257 -36.84 -17.69 10.24
CA GLN B 257 -36.58 -16.79 11.39
C GLN B 257 -36.41 -15.36 10.88
N GLU B 258 -35.57 -15.15 9.87
CA GLU B 258 -35.35 -13.80 9.30
C GLU B 258 -36.62 -13.31 8.59
N LEU B 259 -37.30 -14.20 7.86
CA LEU B 259 -38.47 -13.81 7.04
C LEU B 259 -39.61 -13.40 7.96
N VAL B 260 -40.05 -14.29 8.84
CA VAL B 260 -41.32 -14.08 9.61
C VAL B 260 -41.04 -13.31 10.90
N GLU B 261 -39.98 -13.64 11.63
CA GLU B 261 -39.73 -13.03 12.95
C GLU B 261 -39.09 -11.65 12.76
N ARG B 262 -37.97 -11.59 12.05
CA ARG B 262 -37.14 -10.35 11.97
C ARG B 262 -37.62 -9.40 10.89
N TRP B 263 -38.43 -9.87 9.94
CA TRP B 263 -38.82 -9.07 8.74
C TRP B 263 -37.57 -8.46 8.09
N ASN B 264 -36.50 -9.25 8.05
CA ASN B 264 -35.22 -8.87 7.40
C ASN B 264 -35.11 -9.69 6.12
N LEU B 265 -35.71 -9.19 5.03
CA LEU B 265 -35.73 -9.91 3.74
C LEU B 265 -34.29 -10.04 3.23
N ALA B 266 -33.44 -9.05 3.50
CA ALA B 266 -32.02 -9.08 3.06
C ALA B 266 -31.32 -10.28 3.69
N GLY B 267 -31.47 -10.46 5.00
CA GLY B 267 -30.87 -11.61 5.71
C GLY B 267 -31.46 -12.92 5.24
N ALA B 268 -32.77 -12.98 5.01
CA ALA B 268 -33.41 -14.22 4.51
C ALA B 268 -32.87 -14.49 3.10
N SER B 269 -32.70 -13.43 2.31
CA SER B 269 -32.10 -13.50 0.95
C SER B 269 -30.68 -14.07 1.03
N ASP B 270 -29.87 -13.53 1.93
CA ASP B 270 -28.50 -14.02 2.20
C ASP B 270 -28.51 -15.54 2.42
N ILE B 271 -29.46 -16.03 3.19
CA ILE B 271 -29.49 -17.47 3.57
C ILE B 271 -29.96 -18.28 2.36
N LEU B 272 -30.97 -17.78 1.63
CA LEU B 272 -31.55 -18.51 0.48
C LEU B 272 -30.51 -18.60 -0.65
N ARG B 273 -29.66 -17.60 -0.82
CA ARG B 273 -28.74 -17.57 -1.98
C ARG B 273 -27.66 -18.64 -1.80
N VAL B 274 -27.26 -18.92 -0.56
CA VAL B 274 -26.28 -20.00 -0.28
C VAL B 274 -26.92 -21.33 -0.65
N ALA B 275 -28.16 -21.55 -0.23
CA ALA B 275 -28.90 -22.78 -0.59
C ALA B 275 -29.05 -22.88 -2.11
N ILE B 276 -29.30 -21.76 -2.80
CA ILE B 276 -29.36 -21.76 -4.29
C ILE B 276 -28.02 -22.27 -4.85
N LEU B 277 -26.89 -21.72 -4.41
CA LEU B 277 -25.58 -22.12 -4.98
C LEU B 277 -25.28 -23.57 -4.57
N LYS B 278 -25.61 -23.95 -3.34
CA LYS B 278 -25.34 -25.33 -2.86
C LYS B 278 -26.10 -26.34 -3.72
N ASN B 279 -27.36 -26.06 -4.07
CA ASN B 279 -28.26 -27.10 -4.62
C ASN B 279 -28.47 -26.95 -6.14
N ILE B 280 -28.17 -25.80 -6.72
CA ILE B 280 -28.46 -25.54 -8.15
C ILE B 280 -27.19 -25.12 -8.87
N GLY B 281 -26.43 -24.20 -8.29
CA GLY B 281 -25.24 -23.65 -8.95
C GLY B 281 -25.64 -22.61 -9.97
N GLY B 282 -24.71 -21.72 -10.29
CA GLY B 282 -24.91 -20.68 -11.30
C GLY B 282 -24.42 -19.33 -10.82
N VAL B 283 -25.08 -18.27 -11.27
CA VAL B 283 -24.70 -16.87 -10.96
C VAL B 283 -25.81 -16.26 -10.12
N TYR B 284 -25.53 -15.96 -8.85
CA TYR B 284 -26.45 -15.17 -8.00
C TYR B 284 -26.17 -13.68 -8.19
N LEU B 285 -27.24 -12.89 -8.29
CA LEU B 285 -27.13 -11.41 -8.39
C LEU B 285 -28.24 -10.76 -7.58
N ASP B 286 -27.87 -9.72 -6.85
CA ASP B 286 -28.86 -8.80 -6.24
C ASP B 286 -29.58 -8.04 -7.34
N VAL B 287 -30.84 -7.70 -7.09
CA VAL B 287 -31.73 -7.03 -8.07
C VAL B 287 -31.24 -5.61 -8.38
N ASP B 288 -30.31 -5.06 -7.59
CA ASP B 288 -29.74 -3.72 -7.85
C ASP B 288 -28.43 -3.81 -8.64
N MET B 289 -28.06 -4.99 -9.12
CA MET B 289 -26.81 -5.14 -9.91
C MET B 289 -27.14 -5.07 -11.40
N LEU B 290 -26.26 -4.47 -12.18
CA LEU B 290 -26.44 -4.38 -13.64
C LEU B 290 -25.30 -5.10 -14.35
N PRO B 291 -25.51 -5.53 -15.61
CA PRO B 291 -24.44 -6.19 -16.34
C PRO B 291 -23.23 -5.28 -16.43
N GLY B 292 -22.05 -5.87 -16.60
CA GLY B 292 -20.83 -5.12 -16.90
C GLY B 292 -20.99 -4.34 -18.17
N ILE B 293 -20.42 -3.15 -18.21
CA ILE B 293 -20.42 -2.30 -19.43
C ILE B 293 -19.36 -2.88 -20.38
N HIS B 294 -19.71 -3.02 -21.65
CA HIS B 294 -18.78 -3.55 -22.67
C HIS B 294 -17.50 -2.72 -22.62
N PRO B 295 -16.33 -3.32 -22.29
CA PRO B 295 -15.13 -2.51 -22.05
C PRO B 295 -14.65 -1.70 -23.26
N ASP B 296 -15.10 -2.02 -24.47
CA ASP B 296 -14.78 -1.22 -25.67
C ASP B 296 -15.80 -0.11 -25.88
N LEU B 297 -16.97 -0.18 -25.26
CA LEU B 297 -18.06 0.80 -25.54
C LEU B 297 -17.49 2.24 -25.50
N PHE B 298 -16.81 2.61 -24.41
CA PHE B 298 -16.39 4.02 -24.17
C PHE B 298 -14.88 4.16 -24.20
N LYS B 299 -14.18 3.34 -24.98
CA LYS B 299 -12.70 3.34 -25.05
C LYS B 299 -12.18 4.72 -25.46
N ASP B 300 -12.96 5.50 -26.21
CA ASP B 300 -12.47 6.76 -26.82
C ASP B 300 -12.92 7.98 -26.01
N ILE B 301 -13.56 7.78 -24.86
CA ILE B 301 -14.00 8.89 -23.98
C ILE B 301 -13.06 8.92 -22.78
N ASN B 302 -12.04 9.78 -22.86
CA ASN B 302 -11.11 10.04 -21.74
C ASN B 302 -11.93 10.46 -20.53
N LYS B 303 -11.69 9.79 -19.40
CA LYS B 303 -12.26 10.18 -18.09
C LYS B 303 -11.86 11.61 -17.78
N PRO B 304 -12.83 12.53 -17.58
CA PRO B 304 -12.50 13.90 -17.19
C PRO B 304 -11.81 13.94 -15.82
N ASP B 305 -10.96 14.95 -15.64
CA ASP B 305 -10.12 15.12 -14.42
C ASP B 305 -11.00 15.21 -13.18
N SER B 306 -12.21 15.74 -13.30
CA SER B 306 -13.14 15.93 -12.15
C SER B 306 -13.70 14.59 -11.65
N VAL B 307 -13.58 13.52 -12.44
CA VAL B 307 -14.08 12.17 -12.06
C VAL B 307 -12.92 11.38 -11.47
N LYS B 308 -12.92 11.17 -10.15
CA LYS B 308 -11.70 10.82 -9.40
C LYS B 308 -11.59 9.33 -9.14
N THR B 309 -12.66 8.55 -9.32
CA THR B 309 -12.64 7.11 -8.98
C THR B 309 -13.32 6.31 -10.09
N ALA B 310 -12.91 5.06 -10.24
CA ALA B 310 -13.51 4.11 -11.20
C ALA B 310 -15.01 4.00 -10.94
N VAL B 311 -15.41 4.04 -9.67
CA VAL B 311 -16.84 3.97 -9.28
C VAL B 311 -17.59 5.21 -9.79
N ASP B 312 -17.00 6.40 -9.65
CA ASP B 312 -17.67 7.63 -10.12
C ASP B 312 -17.78 7.58 -11.64
N TRP B 313 -16.76 7.06 -12.32
CA TRP B 313 -16.75 6.94 -13.79
C TRP B 313 -17.80 5.91 -14.23
N GLU B 314 -17.91 4.77 -13.56
CA GLU B 314 -18.89 3.72 -13.96
C GLU B 314 -20.32 4.25 -13.75
N GLU B 315 -20.55 4.99 -12.68
CA GLU B 315 -21.87 5.67 -12.45
C GLU B 315 -22.16 6.61 -13.63
N MET B 316 -21.18 7.42 -14.03
CA MET B 316 -21.35 8.33 -15.19
C MET B 316 -21.75 7.50 -16.41
N GLN B 317 -21.08 6.37 -16.64
CA GLN B 317 -21.30 5.54 -17.85
C GLN B 317 -22.71 4.94 -17.81
N LEU B 318 -23.13 4.40 -16.68
CA LEU B 318 -24.50 3.82 -16.56
C LEU B 318 -25.54 4.91 -16.82
N GLU B 319 -25.35 6.11 -16.24
CA GLU B 319 -26.34 7.21 -16.37
C GLU B 319 -26.39 7.70 -17.83
N ALA B 320 -25.23 7.74 -18.50
CA ALA B 320 -25.10 8.09 -19.92
C ALA B 320 -25.86 7.07 -20.77
N ILE B 321 -25.70 5.78 -20.48
CA ILE B 321 -26.41 4.70 -21.19
C ILE B 321 -27.92 4.91 -21.00
N MET B 322 -28.37 5.07 -19.76
CA MET B 322 -29.83 5.17 -19.46
C MET B 322 -30.39 6.50 -19.96
N LYS B 323 -29.56 7.54 -20.10
CA LYS B 323 -30.03 8.86 -20.57
C LYS B 323 -30.40 8.78 -22.06
N HIS B 324 -29.60 8.07 -22.86
CA HIS B 324 -29.73 8.09 -24.33
C HIS B 324 -30.33 6.79 -24.89
N LYS B 325 -30.46 5.74 -24.08
CA LYS B 325 -31.12 4.49 -24.54
C LYS B 325 -32.41 4.24 -23.77
N GLU B 326 -32.51 4.72 -22.53
CA GLU B 326 -33.78 4.67 -21.75
C GLU B 326 -34.21 3.22 -21.48
N TYR B 327 -33.28 2.28 -21.34
CA TYR B 327 -33.62 0.86 -21.08
C TYR B 327 -34.37 0.74 -19.75
N ILE B 328 -33.98 1.59 -18.80
CA ILE B 328 -34.57 1.62 -17.43
C ILE B 328 -35.21 2.99 -17.27
N PRO B 329 -36.56 3.08 -17.36
CA PRO B 329 -37.23 4.37 -17.22
C PRO B 329 -37.03 4.88 -15.79
N GLU B 330 -36.83 6.20 -15.67
CA GLU B 330 -36.72 6.96 -14.40
C GLU B 330 -35.32 6.80 -13.79
N TYR B 331 -34.38 6.11 -14.46
CA TYR B 331 -32.99 6.01 -13.97
C TYR B 331 -32.40 7.42 -13.93
N THR B 332 -31.80 7.79 -12.79
CA THR B 332 -31.24 9.14 -12.55
C THR B 332 -30.20 9.50 -13.60
N SER B 333 -30.05 10.79 -13.88
CA SER B 333 -28.92 11.36 -14.63
C SER B 333 -28.24 12.45 -13.81
N LYS B 334 -28.47 12.46 -12.49
CA LYS B 334 -28.02 13.57 -11.62
C LYS B 334 -26.52 13.80 -11.80
N HIS B 335 -25.73 12.75 -11.96
CA HIS B 335 -24.26 12.88 -12.04
C HIS B 335 -23.84 13.13 -13.49
N PHE B 336 -24.47 12.45 -14.44
CA PHE B 336 -24.15 12.62 -15.87
C PHE B 336 -24.33 14.09 -16.27
N ASP B 337 -25.42 14.71 -15.82
CA ASP B 337 -25.74 16.13 -16.15
C ASP B 337 -24.65 17.07 -15.63
N THR B 338 -23.89 16.68 -14.60
CA THR B 338 -22.79 17.52 -14.07
C THR B 338 -21.58 17.44 -15.00
N LEU B 339 -21.57 16.52 -15.97
CA LEU B 339 -20.40 16.43 -16.86
C LEU B 339 -20.36 17.64 -17.79
N ASP B 340 -19.13 18.01 -18.12
CA ASP B 340 -18.73 19.04 -19.13
C ASP B 340 -19.47 18.76 -20.44
N GLU B 341 -19.92 19.80 -21.13
CA GLU B 341 -20.80 19.65 -22.33
C GLU B 341 -20.13 18.80 -23.43
N GLU B 342 -18.81 18.84 -23.62
CA GLU B 342 -18.22 18.08 -24.75
C GLU B 342 -18.24 16.58 -24.41
N VAL B 343 -18.00 16.19 -23.16
CA VAL B 343 -17.96 14.74 -22.79
C VAL B 343 -19.39 14.19 -22.84
N GLN B 344 -20.38 14.96 -22.40
CA GLN B 344 -21.81 14.57 -22.48
C GLN B 344 -22.15 14.24 -23.93
N SER B 345 -21.71 15.11 -24.85
CA SER B 345 -21.99 14.96 -26.29
C SER B 345 -21.20 13.77 -26.85
N SER B 346 -19.98 13.56 -26.37
CA SER B 346 -19.16 12.38 -26.74
C SER B 346 -19.93 11.10 -26.39
N PHE B 347 -20.55 11.03 -25.22
CA PHE B 347 -21.38 9.86 -24.81
C PHE B 347 -22.53 9.68 -25.81
N GLU B 348 -23.24 10.75 -26.14
CA GLU B 348 -24.43 10.66 -27.02
C GLU B 348 -24.00 10.16 -28.40
N SER B 349 -22.85 10.62 -28.90
CA SER B 349 -22.33 10.20 -30.23
C SER B 349 -22.02 8.71 -30.21
N VAL B 350 -21.33 8.23 -29.17
CA VAL B 350 -20.95 6.80 -29.07
C VAL B 350 -22.22 5.96 -29.05
N LEU B 351 -23.17 6.32 -28.18
CA LEU B 351 -24.37 5.48 -27.93
C LEU B 351 -25.28 5.45 -29.16
N ALA B 352 -25.41 6.56 -29.88
CA ALA B 352 -26.26 6.60 -31.09
C ALA B 352 -25.66 5.71 -32.18
N SER B 353 -24.36 5.43 -32.13
CA SER B 353 -23.67 4.59 -33.16
C SER B 353 -23.80 3.09 -32.85
N LYS B 354 -24.58 2.70 -31.84
CA LYS B 354 -24.73 1.26 -31.48
C LYS B 354 -26.22 0.93 -31.44
N SER B 355 -26.61 -0.13 -32.16
CA SER B 355 -28.01 -0.58 -32.30
C SER B 355 -28.30 -1.75 -31.35
N ASP B 356 -27.30 -2.59 -31.06
CA ASP B 356 -27.49 -3.87 -30.32
C ASP B 356 -27.15 -3.65 -28.86
N LYS B 357 -28.05 -4.04 -27.96
CA LYS B 357 -27.85 -3.86 -26.49
C LYS B 357 -26.63 -4.64 -26.02
N SER B 358 -26.28 -5.74 -26.71
CA SER B 358 -25.10 -6.57 -26.37
C SER B 358 -23.80 -5.85 -26.75
N GLU B 359 -23.90 -4.67 -27.36
CA GLU B 359 -22.72 -3.81 -27.63
C GLU B 359 -22.55 -2.81 -26.48
N ILE B 360 -23.56 -2.72 -25.62
CA ILE B 360 -23.56 -1.80 -24.44
C ILE B 360 -23.21 -2.64 -23.21
N PHE B 361 -24.07 -3.62 -22.92
CA PHE B 361 -23.91 -4.55 -21.78
C PHE B 361 -23.27 -5.84 -22.28
N LEU B 362 -22.26 -6.30 -21.53
CA LEU B 362 -21.44 -7.45 -21.95
C LEU B 362 -22.11 -8.74 -21.50
N PRO B 363 -22.38 -9.67 -22.43
CA PRO B 363 -22.93 -10.97 -22.04
C PRO B 363 -21.91 -11.75 -21.20
N LEU B 364 -22.40 -12.58 -20.28
CA LEU B 364 -21.55 -13.43 -19.41
C LEU B 364 -20.81 -14.48 -20.24
N GLY B 365 -21.49 -15.13 -21.19
CA GLY B 365 -20.90 -16.25 -21.93
C GLY B 365 -20.72 -17.44 -21.02
N ASP B 366 -19.81 -18.34 -21.38
CA ASP B 366 -19.52 -19.55 -20.59
C ASP B 366 -18.54 -19.19 -19.47
N ILE B 367 -18.90 -19.54 -18.25
CA ILE B 367 -18.03 -19.34 -17.05
C ILE B 367 -17.60 -20.70 -16.55
N GLU B 368 -16.36 -20.78 -16.08
CA GLU B 368 -15.91 -21.99 -15.35
C GLU B 368 -15.18 -21.55 -14.08
N VAL B 369 -15.36 -22.36 -13.05
CA VAL B 369 -14.77 -22.10 -11.71
C VAL B 369 -14.33 -23.43 -11.13
N SER B 370 -13.54 -23.37 -10.07
CA SER B 370 -13.11 -24.56 -9.32
C SER B 370 -14.31 -25.14 -8.60
N PRO B 371 -14.42 -26.48 -8.51
CA PRO B 371 -15.43 -27.11 -7.67
C PRO B 371 -15.30 -26.79 -6.17
N LEU B 372 -14.19 -26.17 -5.76
CA LEU B 372 -13.96 -25.87 -4.32
C LEU B 372 -14.61 -24.54 -3.91
N GLU B 373 -14.84 -23.64 -4.87
CA GLU B 373 -14.93 -22.19 -4.56
C GLU B 373 -16.33 -21.63 -4.80
N VAL B 374 -16.60 -20.52 -4.15
CA VAL B 374 -17.63 -19.53 -4.55
C VAL B 374 -16.87 -18.24 -4.84
N LYS B 375 -17.16 -17.62 -5.99
CA LYS B 375 -16.56 -16.32 -6.34
C LYS B 375 -17.49 -15.22 -5.86
N ILE B 376 -16.91 -14.13 -5.38
CA ILE B 376 -17.69 -13.04 -4.71
C ILE B 376 -17.23 -11.71 -5.28
N ALA B 377 -18.13 -10.74 -5.30
CA ALA B 377 -17.84 -9.38 -5.79
C ALA B 377 -16.98 -8.65 -4.76
N PHE B 378 -16.22 -7.68 -5.24
CA PHE B 378 -15.49 -6.72 -4.38
C PHE B 378 -16.12 -5.35 -4.57
N ALA B 379 -16.13 -4.57 -3.49
CA ALA B 379 -16.51 -3.14 -3.53
C ALA B 379 -15.61 -2.37 -2.57
N LYS B 380 -14.93 -1.34 -3.09
CA LYS B 380 -13.92 -0.55 -2.33
C LYS B 380 -12.85 -1.48 -1.77
N GLY B 381 -12.55 -2.57 -2.47
CA GLY B 381 -11.47 -3.49 -2.09
C GLY B 381 -11.89 -4.58 -1.13
N SER B 382 -13.17 -4.65 -0.74
CA SER B 382 -13.69 -5.62 0.25
C SER B 382 -14.75 -6.50 -0.40
N ILE B 383 -14.88 -7.73 0.07
CA ILE B 383 -15.82 -8.70 -0.53
C ILE B 383 -17.24 -8.29 -0.17
N ILE B 384 -18.15 -8.46 -1.11
CA ILE B 384 -19.58 -8.15 -0.89
C ILE B 384 -20.39 -9.19 -1.64
N ASN B 385 -21.36 -9.81 -0.97
CA ASN B 385 -22.06 -11.01 -1.48
C ASN B 385 -23.20 -10.63 -2.43
N GLN B 386 -23.10 -9.51 -3.14
CA GLN B 386 -24.20 -9.04 -4.04
C GLN B 386 -24.10 -9.70 -5.41
N ALA B 387 -22.99 -10.36 -5.70
CA ALA B 387 -22.75 -11.09 -6.96
C ALA B 387 -21.90 -12.32 -6.63
N LEU B 388 -22.37 -13.50 -7.02
CA LEU B 388 -21.74 -14.78 -6.63
C LEU B 388 -21.75 -15.71 -7.83
N ILE B 389 -20.69 -16.52 -7.93
CA ILE B 389 -20.59 -17.60 -8.94
C ILE B 389 -20.23 -18.87 -8.17
N SER B 390 -20.92 -19.96 -8.48
CA SER B 390 -20.56 -21.27 -7.91
C SER B 390 -21.15 -22.37 -8.79
N ALA B 391 -20.36 -23.39 -9.06
CA ALA B 391 -20.90 -24.65 -9.59
C ALA B 391 -21.70 -25.31 -8.46
N LYS B 392 -22.74 -26.04 -8.84
CA LYS B 392 -23.62 -26.78 -7.91
C LYS B 392 -22.76 -27.54 -6.89
N ASP B 393 -23.09 -27.41 -5.61
CA ASP B 393 -22.51 -28.21 -4.50
C ASP B 393 -21.01 -27.97 -4.37
N SER B 394 -20.55 -26.74 -4.59
CA SER B 394 -19.12 -26.38 -4.37
C SER B 394 -18.77 -26.65 -2.91
N TYR B 395 -17.50 -26.94 -2.66
CA TYR B 395 -17.02 -27.15 -1.27
C TYR B 395 -17.35 -25.90 -0.45
N CYS B 396 -17.01 -24.72 -0.95
CA CYS B 396 -17.27 -23.44 -0.24
C CYS B 396 -18.75 -23.28 0.08
N SER B 397 -19.64 -23.68 -0.83
CA SER B 397 -21.10 -23.51 -0.59
C SER B 397 -21.47 -24.32 0.66
N ASP B 398 -20.88 -25.49 0.85
CA ASP B 398 -21.14 -26.29 2.08
C ASP B 398 -20.53 -25.57 3.29
N LEU B 399 -19.34 -24.96 3.13
CA LEU B 399 -18.72 -24.20 4.24
C LEU B 399 -19.58 -22.99 4.61
N LEU B 400 -20.31 -22.41 3.65
CA LEU B 400 -21.17 -21.23 3.96
C LEU B 400 -22.36 -21.68 4.80
N ILE B 401 -22.90 -22.87 4.51
CA ILE B 401 -24.00 -23.46 5.32
C ILE B 401 -23.49 -23.61 6.76
N LYS B 402 -22.30 -24.16 6.93
CA LYS B 402 -21.74 -24.39 8.29
C LYS B 402 -21.46 -23.05 8.97
N GLN B 403 -21.03 -22.02 8.22
CA GLN B 403 -20.86 -20.66 8.79
C GLN B 403 -22.20 -20.14 9.35
N ILE B 404 -23.27 -20.24 8.55
CA ILE B 404 -24.61 -19.71 8.94
C ILE B 404 -25.08 -20.45 10.19
N GLN B 405 -24.94 -21.77 10.21
CA GLN B 405 -25.41 -22.62 11.33
C GLN B 405 -24.67 -22.24 12.61
N ASN B 406 -23.35 -22.09 12.53
CA ASN B 406 -22.55 -21.79 13.74
C ASN B 406 -22.94 -20.40 14.26
N ARG B 407 -22.99 -19.41 13.37
CA ARG B 407 -23.28 -18.01 13.74
C ARG B 407 -24.68 -17.90 14.37
N TYR B 408 -25.70 -18.46 13.72
CA TYR B 408 -27.09 -18.41 14.26
C TYR B 408 -27.18 -19.22 15.55
N LYS B 409 -26.39 -20.28 15.71
CA LYS B 409 -26.40 -21.09 16.96
C LYS B 409 -25.89 -20.27 18.13
N ILE B 410 -24.83 -19.48 17.95
CA ILE B 410 -24.31 -18.60 19.04
C ILE B 410 -25.34 -17.53 19.34
N LEU B 411 -25.88 -16.87 18.30
CA LEU B 411 -26.88 -15.81 18.50
C LEU B 411 -28.10 -16.37 19.23
N ASN B 412 -28.63 -17.50 18.78
CA ASN B 412 -29.95 -18.02 19.24
C ASN B 412 -29.84 -18.62 20.64
N ASP B 413 -28.83 -19.44 20.89
CA ASP B 413 -28.55 -19.99 22.25
C ASP B 413 -28.34 -18.85 23.24
N THR B 414 -27.90 -17.68 22.78
CA THR B 414 -27.60 -16.53 23.65
C THR B 414 -28.83 -15.65 23.80
N LEU B 415 -29.35 -15.13 22.69
CA LEU B 415 -30.44 -14.13 22.73
C LEU B 415 -31.79 -14.80 22.99
N GLY B 416 -31.97 -16.06 22.59
CA GLY B 416 -33.26 -16.76 22.70
C GLY B 416 -33.79 -16.74 24.13
N PRO B 417 -33.10 -17.40 25.08
CA PRO B 417 -33.55 -17.41 26.47
C PRO B 417 -33.82 -16.02 27.06
N ILE B 418 -33.09 -15.00 26.62
CA ILE B 418 -33.24 -13.63 27.20
C ILE B 418 -34.56 -13.03 26.71
N ILE B 419 -34.88 -13.18 25.43
CA ILE B 419 -36.19 -12.72 24.89
C ILE B 419 -37.31 -13.44 25.64
N SER B 420 -37.10 -14.72 25.96
CA SER B 420 -38.09 -15.64 26.59
C SER B 420 -38.52 -15.16 27.98
N GLN B 421 -37.81 -14.18 28.57
CA GLN B 421 -38.14 -13.63 29.93
C GLN B 421 -39.20 -12.53 29.81
N GLY B 422 -39.44 -11.99 28.61
CA GLY B 422 -40.62 -11.13 28.35
C GLY B 422 -40.42 -9.68 28.73
N ASN B 423 -39.19 -9.23 28.92
CA ASN B 423 -38.95 -7.85 29.41
C ASN B 423 -38.94 -6.89 28.22
N ASP B 424 -38.89 -5.59 28.54
CA ASP B 424 -38.92 -4.53 27.51
C ASP B 424 -37.67 -4.62 26.63
N PHE B 425 -37.52 -3.67 25.72
CA PHE B 425 -36.37 -3.66 24.79
C PHE B 425 -35.08 -3.34 25.56
N ASN B 426 -35.10 -2.29 26.38
CA ASN B 426 -33.89 -1.79 27.07
C ASN B 426 -33.34 -2.87 28.00
N THR B 427 -34.21 -3.57 28.73
CA THR B 427 -33.78 -4.63 29.69
C THR B 427 -33.20 -5.82 28.94
N THR B 428 -33.86 -6.24 27.86
CA THR B 428 -33.42 -7.41 27.04
C THR B 428 -32.04 -7.11 26.45
N MET B 429 -31.85 -5.91 25.93
CA MET B 429 -30.56 -5.52 25.29
C MET B 429 -29.42 -5.59 26.32
N ASN B 430 -29.58 -5.03 27.52
CA ASN B 430 -28.47 -5.02 28.50
C ASN B 430 -28.16 -6.44 28.96
N ASN B 431 -29.19 -7.27 29.15
CA ASN B 431 -28.98 -8.69 29.53
C ASN B 431 -28.23 -9.41 28.40
N PHE B 432 -28.63 -9.16 27.17
CA PHE B 432 -27.96 -9.70 25.96
C PHE B 432 -26.48 -9.32 25.97
N GLY B 433 -26.20 -8.02 26.13
CA GLY B 433 -24.82 -7.52 26.22
C GLY B 433 -24.04 -8.22 27.31
N GLU B 434 -24.68 -8.52 28.45
CA GLU B 434 -23.96 -9.14 29.60
C GLU B 434 -23.67 -10.60 29.28
N SER B 435 -24.63 -11.34 28.71
CA SER B 435 -24.37 -12.76 28.31
C SER B 435 -23.32 -12.80 27.20
N LEU B 436 -23.42 -11.89 26.22
CA LEU B 436 -22.37 -11.75 25.16
C LEU B 436 -21.00 -11.57 25.81
N GLY B 437 -20.87 -10.61 26.73
CA GLY B 437 -19.59 -10.37 27.44
C GLY B 437 -19.12 -11.62 28.17
N ALA B 438 -20.06 -12.42 28.70
CA ALA B 438 -19.73 -13.65 29.44
C ALA B 438 -19.10 -14.69 28.50
N ILE B 439 -19.58 -14.80 27.25
CA ILE B 439 -19.10 -15.86 26.32
C ILE B 439 -17.98 -15.35 25.43
N ALA B 440 -17.61 -14.07 25.51
CA ALA B 440 -16.60 -13.48 24.62
C ALA B 440 -15.21 -13.99 24.99
N ASN B 441 -14.44 -14.35 23.97
CA ASN B 441 -13.00 -14.71 24.08
C ASN B 441 -12.25 -13.95 23.00
N GLU B 442 -10.94 -14.13 22.92
CA GLU B 442 -10.11 -13.33 22.01
C GLU B 442 -10.51 -13.59 20.56
N GLU B 443 -10.88 -14.84 20.21
CA GLU B 443 -11.10 -15.18 18.78
C GLU B 443 -12.53 -14.80 18.35
N ASN B 444 -13.49 -14.70 19.27
CA ASN B 444 -14.89 -14.39 18.89
C ASN B 444 -15.29 -12.95 19.23
N ILE B 445 -14.41 -12.16 19.86
CA ILE B 445 -14.81 -10.84 20.43
C ILE B 445 -15.38 -9.96 19.32
N SER B 446 -14.78 -9.99 18.13
CA SER B 446 -15.20 -9.12 16.99
C SER B 446 -16.62 -9.50 16.56
N PHE B 447 -16.87 -10.79 16.39
CA PHE B 447 -18.22 -11.34 16.12
C PHE B 447 -19.19 -10.91 17.22
N ILE B 448 -18.81 -11.13 18.47
CA ILE B 448 -19.67 -10.80 19.65
C ILE B 448 -20.03 -9.32 19.62
N ALA B 449 -19.05 -8.44 19.38
CA ALA B 449 -19.27 -6.97 19.39
C ALA B 449 -20.26 -6.59 18.28
N LYS B 450 -20.31 -7.35 17.19
CA LYS B 450 -21.09 -6.98 15.98
C LYS B 450 -22.52 -7.52 16.04
N ILE B 451 -22.84 -8.51 16.89
CA ILE B 451 -24.20 -9.12 16.87
C ILE B 451 -25.10 -8.49 17.94
N GLY B 452 -24.58 -7.59 18.77
CA GLY B 452 -25.39 -6.94 19.81
C GLY B 452 -26.56 -6.19 19.22
N SER B 453 -26.41 -5.66 18.00
CA SER B 453 -27.44 -4.82 17.33
C SER B 453 -28.48 -5.68 16.59
N TYR B 454 -28.51 -7.01 16.78
CA TYR B 454 -29.42 -7.90 16.02
C TYR B 454 -30.86 -7.39 16.08
N LEU B 455 -31.36 -7.02 17.26
CA LEU B 455 -32.81 -6.67 17.40
C LEU B 455 -33.11 -5.32 16.75
N ARG B 456 -32.09 -4.53 16.41
CA ARG B 456 -32.29 -3.19 15.80
C ARG B 456 -32.43 -3.28 14.27
N VAL B 457 -32.10 -4.41 13.66
CA VAL B 457 -31.86 -4.46 12.19
C VAL B 457 -33.12 -4.01 11.45
N GLY B 458 -32.95 -3.10 10.49
CA GLY B 458 -34.05 -2.52 9.70
C GLY B 458 -34.75 -1.34 10.39
N PHE B 459 -34.45 -1.06 11.67
CA PHE B 459 -35.25 -0.09 12.47
C PHE B 459 -34.42 1.08 13.01
N TYR B 460 -33.10 0.96 13.03
CA TYR B 460 -32.20 1.87 13.76
C TYR B 460 -30.97 2.13 12.91
N PRO B 461 -30.40 3.35 12.94
CA PRO B 461 -29.20 3.64 12.16
C PRO B 461 -28.01 2.76 12.58
N GLU B 462 -27.27 2.27 11.60
CA GLU B 462 -25.98 1.55 11.79
C GLU B 462 -26.21 0.23 12.54
N ALA B 463 -27.31 -0.47 12.22
CA ALA B 463 -27.61 -1.83 12.72
C ALA B 463 -27.17 -2.84 11.66
N ASN B 464 -25.88 -3.15 11.64
CA ASN B 464 -25.18 -3.82 10.49
C ASN B 464 -25.02 -5.32 10.72
N THR B 465 -25.76 -5.90 11.66
CA THR B 465 -25.54 -7.28 12.15
C THR B 465 -25.66 -8.29 11.00
N THR B 466 -26.52 -8.03 10.02
CA THR B 466 -26.83 -8.98 8.92
C THR B 466 -25.54 -9.35 8.17
N ILE B 467 -24.65 -8.37 7.95
CA ILE B 467 -23.33 -8.59 7.30
C ILE B 467 -22.59 -9.70 8.02
N THR B 468 -22.65 -9.70 9.35
CA THR B 468 -21.89 -10.63 10.20
C THR B 468 -22.54 -12.00 10.23
N LEU B 469 -23.87 -12.06 10.33
CA LEU B 469 -24.56 -13.36 10.55
C LEU B 469 -24.72 -14.12 9.24
N SER B 470 -25.13 -13.45 8.16
CA SER B 470 -25.47 -14.16 6.90
C SER B 470 -24.81 -13.54 5.68
N GLY B 471 -24.19 -12.37 5.80
CA GLY B 471 -23.69 -11.63 4.64
C GLY B 471 -22.21 -11.86 4.39
N PRO B 472 -21.50 -10.83 3.91
CA PRO B 472 -20.12 -11.00 3.44
C PRO B 472 -19.18 -11.70 4.43
N THR B 473 -19.44 -11.60 5.72
CA THR B 473 -18.54 -12.18 6.76
C THR B 473 -18.50 -13.70 6.63
N ILE B 474 -19.65 -14.36 6.42
CA ILE B 474 -19.68 -15.85 6.29
C ILE B 474 -18.80 -16.25 5.10
N TYR B 475 -18.62 -15.37 4.12
CA TYR B 475 -17.77 -15.68 2.93
C TYR B 475 -16.31 -15.59 3.35
N ALA B 476 -15.92 -14.51 4.03
CA ALA B 476 -14.58 -14.40 4.63
C ALA B 476 -14.34 -15.60 5.56
N GLY B 477 -15.38 -16.03 6.28
CA GLY B 477 -15.31 -17.21 7.16
C GLY B 477 -15.01 -18.45 6.36
N ALA B 478 -15.78 -18.69 5.29
CA ALA B 478 -15.66 -19.90 4.44
C ALA B 478 -14.30 -19.91 3.74
N TYR B 479 -13.84 -18.78 3.20
CA TYR B 479 -12.55 -18.73 2.49
C TYR B 479 -11.41 -19.01 3.47
N LYS B 480 -11.50 -18.49 4.69
CA LYS B 480 -10.50 -18.79 5.72
C LYS B 480 -10.60 -20.27 6.11
N ASP B 481 -11.81 -20.81 6.21
CA ASP B 481 -12.03 -22.26 6.43
C ASP B 481 -11.27 -23.05 5.35
N LEU B 482 -11.57 -22.75 4.09
CA LEU B 482 -10.95 -23.47 2.96
C LEU B 482 -9.43 -23.39 3.08
N LEU B 483 -8.89 -22.18 3.26
CA LEU B 483 -7.43 -21.96 3.18
C LEU B 483 -6.71 -22.42 4.46
N THR B 484 -7.40 -22.61 5.59
CA THR B 484 -6.74 -23.11 6.82
C THR B 484 -7.11 -24.56 7.10
N PHE B 485 -7.85 -25.22 6.21
CA PHE B 485 -8.27 -26.63 6.38
C PHE B 485 -9.16 -26.78 7.60
N LYS B 486 -10.00 -25.78 7.88
CA LYS B 486 -10.86 -25.79 9.09
C LYS B 486 -12.31 -25.57 8.67
N GLU B 487 -13.19 -25.52 9.67
CA GLU B 487 -14.62 -25.28 9.46
C GLU B 487 -15.11 -24.30 10.52
N MET B 488 -16.12 -23.51 10.15
CA MET B 488 -16.87 -22.62 11.08
C MET B 488 -15.93 -21.61 11.75
N SER B 489 -14.87 -21.17 11.07
CA SER B 489 -13.99 -20.10 11.60
C SER B 489 -14.86 -18.93 12.05
N ILE B 490 -14.66 -18.45 13.28
CA ILE B 490 -15.46 -17.31 13.82
C ILE B 490 -14.61 -16.03 13.80
N ASP B 491 -13.30 -16.14 14.02
CA ASP B 491 -12.37 -15.01 13.75
C ASP B 491 -12.13 -14.95 12.25
N THR B 492 -12.63 -13.90 11.59
CA THR B 492 -12.59 -13.78 10.11
C THR B 492 -11.51 -12.78 9.70
N SER B 493 -10.44 -12.69 10.49
CA SER B 493 -9.18 -12.01 10.08
C SER B 493 -8.61 -12.76 8.88
N ILE B 494 -8.58 -12.09 7.75
CA ILE B 494 -8.10 -12.68 6.47
C ILE B 494 -7.69 -11.52 5.57
N LEU B 495 -6.57 -11.67 4.87
CA LEU B 495 -6.03 -10.59 4.04
C LEU B 495 -6.74 -10.57 2.69
N SER B 496 -6.95 -9.37 2.15
CA SER B 496 -7.44 -9.17 0.76
C SER B 496 -6.54 -9.95 -0.21
N SER B 497 -5.24 -9.95 0.05
CA SER B 497 -4.24 -10.79 -0.66
C SER B 497 -4.73 -12.24 -0.72
N GLU B 498 -5.38 -12.74 0.34
CA GLU B 498 -5.97 -14.10 0.31
C GLU B 498 -7.27 -14.10 -0.51
N LEU B 499 -8.12 -13.08 -0.39
CA LEU B 499 -9.52 -13.18 -0.87
C LEU B 499 -9.60 -12.91 -2.38
N ARG B 500 -8.60 -12.27 -2.95
CA ARG B 500 -8.59 -11.91 -4.39
C ARG B 500 -8.58 -13.17 -5.26
N ASN B 501 -8.18 -14.32 -4.72
CA ASN B 501 -8.25 -15.62 -5.43
C ASN B 501 -9.70 -15.99 -5.75
N PHE B 502 -10.70 -15.39 -5.07
CA PHE B 502 -12.12 -15.77 -5.24
C PHE B 502 -12.94 -14.61 -5.79
N GLU B 503 -12.32 -13.71 -6.57
CA GLU B 503 -13.02 -12.48 -7.02
C GLU B 503 -13.95 -12.79 -8.19
N PHE B 504 -15.20 -12.35 -8.06
CA PHE B 504 -16.18 -12.23 -9.18
C PHE B 504 -15.61 -11.19 -10.14
N PRO B 505 -15.19 -11.56 -11.38
CA PRO B 505 -14.53 -10.61 -12.26
C PRO B 505 -15.35 -9.34 -12.49
N LYS B 506 -14.72 -8.18 -12.27
CA LYS B 506 -15.39 -6.87 -12.40
C LYS B 506 -15.86 -6.66 -13.84
N VAL B 507 -15.23 -7.32 -14.81
CA VAL B 507 -15.64 -7.23 -16.24
C VAL B 507 -17.10 -7.68 -16.39
N ASN B 508 -17.58 -8.55 -15.50
CA ASN B 508 -18.90 -9.21 -15.64
C ASN B 508 -19.99 -8.47 -14.85
N ILE B 509 -19.75 -7.26 -14.35
CA ILE B 509 -20.76 -6.62 -13.46
C ILE B 509 -20.57 -5.10 -13.46
N SER B 510 -21.68 -4.39 -13.24
CA SER B 510 -21.71 -2.94 -12.91
C SER B 510 -22.38 -2.75 -11.55
N GLN B 511 -21.60 -2.43 -10.52
CA GLN B 511 -22.09 -2.33 -9.12
C GLN B 511 -22.48 -0.88 -8.78
N ALA B 512 -21.97 0.12 -9.50
CA ALA B 512 -22.19 1.54 -9.14
C ALA B 512 -23.56 2.01 -9.67
N THR B 513 -24.63 1.38 -9.21
CA THR B 513 -25.99 1.64 -9.71
C THR B 513 -26.76 2.50 -8.72
N GLU B 514 -27.82 3.13 -9.22
CA GLU B 514 -28.68 4.04 -8.42
C GLU B 514 -29.30 3.23 -7.26
N GLN B 515 -29.76 2.01 -7.51
CA GLN B 515 -30.44 1.21 -6.46
C GLN B 515 -29.42 0.63 -5.47
N GLU B 516 -28.17 0.37 -5.90
CA GLU B 516 -27.13 -0.13 -4.96
C GLU B 516 -26.92 0.91 -3.85
N LYS B 517 -27.11 2.19 -4.18
CA LYS B 517 -26.90 3.29 -3.20
C LYS B 517 -28.12 3.47 -2.29
N ASN B 518 -29.21 2.75 -2.55
CA ASN B 518 -30.41 2.73 -1.67
C ASN B 518 -30.52 1.37 -1.00
N SER B 519 -29.82 1.15 0.11
CA SER B 519 -29.93 -0.11 0.89
C SER B 519 -31.36 -0.33 1.36
N LEU B 520 -31.81 -1.59 1.35
CA LEU B 520 -33.20 -1.96 1.73
C LEU B 520 -33.27 -2.49 3.16
N TRP B 521 -32.16 -2.51 3.91
CA TRP B 521 -32.14 -3.17 5.24
C TRP B 521 -31.34 -2.35 6.24
N GLN B 522 -30.53 -1.40 5.78
CA GLN B 522 -29.59 -0.66 6.65
C GLN B 522 -29.62 0.80 6.25
N PHE B 523 -29.41 1.70 7.20
CA PHE B 523 -29.30 3.14 6.91
C PHE B 523 -28.39 3.81 7.95
N ASN B 524 -27.59 4.76 7.50
CA ASN B 524 -26.60 5.45 8.37
C ASN B 524 -27.28 6.62 9.09
N GLU B 525 -26.49 7.38 9.85
CA GLU B 525 -26.98 8.52 10.68
C GLU B 525 -27.42 9.68 9.78
N GLU B 526 -26.72 9.98 8.69
CA GLU B 526 -27.12 11.11 7.81
C GLU B 526 -28.53 10.80 7.27
N ARG B 527 -28.79 9.55 6.88
CA ARG B 527 -30.13 9.11 6.42
C ARG B 527 -31.09 9.12 7.62
N ALA B 528 -30.60 8.77 8.81
CA ALA B 528 -31.44 8.77 10.02
C ALA B 528 -31.92 10.19 10.30
N LYS B 529 -31.04 11.19 10.23
CA LYS B 529 -31.43 12.61 10.43
C LYS B 529 -32.47 13.01 9.41
N ILE B 530 -32.25 12.66 8.14
CA ILE B 530 -33.19 13.02 7.05
C ILE B 530 -34.54 12.39 7.34
N GLN B 531 -34.56 11.11 7.70
CA GLN B 531 -35.82 10.39 7.99
C GLN B 531 -36.54 11.05 9.18
N PHE B 532 -35.78 11.64 10.11
CA PHE B 532 -36.37 12.22 11.34
C PHE B 532 -37.12 13.51 10.99
N GLU B 533 -36.49 14.41 10.23
CA GLU B 533 -37.14 15.69 9.83
C GLU B 533 -38.44 15.38 9.10
N GLU B 534 -38.40 14.50 8.11
CA GLU B 534 -39.58 14.17 7.27
C GLU B 534 -40.68 13.57 8.12
N TYR B 535 -40.32 12.67 9.04
CA TYR B 535 -41.30 12.04 9.97
C TYR B 535 -42.03 13.15 10.75
N LYS B 536 -41.28 14.15 11.19
CA LYS B 536 -41.79 15.28 12.01
C LYS B 536 -42.71 16.17 11.17
N LYS B 537 -42.28 16.39 9.93
CA LYS B 537 -42.92 17.31 8.96
C LYS B 537 -44.30 16.78 8.54
N ASN B 538 -44.55 15.48 8.65
CA ASN B 538 -45.83 14.89 8.19
C ASN B 538 -46.81 14.69 9.36
N TYR B 539 -46.31 14.34 10.55
CA TYR B 539 -47.20 14.21 11.72
C TYR B 539 -47.77 15.59 12.05
N PHE B 540 -46.90 16.60 12.03
CA PHE B 540 -47.24 18.01 12.34
C PHE B 540 -47.24 18.85 11.06
N GLU B 541 -48.03 18.45 10.05
CA GLU B 541 -48.15 19.17 8.75
C GLU B 541 -49.11 20.36 8.92
N ASP C 1 16.81 -16.10 12.31
CA ASP C 1 15.36 -15.90 12.02
C ASP C 1 14.76 -14.95 13.07
N PRO C 2 14.13 -13.83 12.66
CA PRO C 2 13.62 -12.84 13.60
C PRO C 2 12.33 -13.28 14.30
N PRO C 3 11.86 -12.53 15.31
CA PRO C 3 10.63 -12.87 16.02
C PRO C 3 9.42 -12.93 15.11
N PRO C 4 8.46 -13.83 15.37
CA PRO C 4 7.24 -13.89 14.60
C PRO C 4 6.41 -12.61 14.74
N SER C 5 5.63 -12.34 13.71
CA SER C 5 4.74 -11.16 13.62
C SER C 5 3.78 -11.17 14.80
N GLU C 6 3.78 -10.11 15.60
CA GLU C 6 2.71 -9.90 16.59
C GLU C 6 1.45 -9.49 15.84
N THR C 7 0.30 -9.77 16.43
CA THR C 7 -1.02 -9.32 15.95
C THR C 7 -1.58 -8.30 16.94
N HIS C 8 -2.18 -7.23 16.44
CA HIS C 8 -2.75 -6.16 17.29
C HIS C 8 -4.20 -5.93 16.90
N LYS C 9 -5.08 -6.02 17.89
CA LYS C 9 -6.50 -5.64 17.75
C LYS C 9 -6.61 -4.13 17.97
N LEU C 10 -6.89 -3.41 16.89
CA LEU C 10 -7.12 -1.96 16.95
C LEU C 10 -8.60 -1.70 16.79
N VAL C 11 -9.10 -0.72 17.54
CA VAL C 11 -10.53 -0.34 17.50
C VAL C 11 -10.60 1.14 17.18
N VAL C 12 -11.40 1.48 16.20
CA VAL C 12 -11.61 2.87 15.72
C VAL C 12 -12.93 3.34 16.31
N VAL C 13 -12.87 4.30 17.23
CA VAL C 13 -14.07 4.78 17.96
C VAL C 13 -14.33 6.23 17.57
N GLY C 14 -15.56 6.67 17.81
CA GLY C 14 -15.95 8.06 17.53
C GLY C 14 -17.39 8.14 17.09
N GLY C 15 -17.90 9.37 17.05
CA GLY C 15 -19.30 9.66 16.72
C GLY C 15 -19.66 9.18 15.32
N GLY C 16 -20.95 9.19 15.01
CA GLY C 16 -21.44 8.79 13.68
C GLY C 16 -20.97 9.76 12.62
N GLY C 17 -20.54 9.25 11.47
CA GLY C 17 -20.29 10.09 10.28
C GLY C 17 -18.98 10.88 10.36
N VAL C 18 -18.09 10.57 11.32
CA VAL C 18 -16.81 11.33 11.45
C VAL C 18 -15.75 10.78 10.48
N GLY C 19 -15.97 9.61 9.90
CA GLY C 19 -15.05 9.04 8.90
C GLY C 19 -14.31 7.80 9.37
N LYS C 20 -14.86 7.05 10.32
CA LYS C 20 -14.17 5.84 10.85
C LYS C 20 -14.01 4.80 9.74
N SER C 21 -15.10 4.47 9.05
CA SER C 21 -15.08 3.54 7.88
C SER C 21 -14.14 4.10 6.82
N ALA C 22 -14.25 5.39 6.48
CA ALA C 22 -13.45 6.01 5.41
C ALA C 22 -11.95 5.91 5.76
N LEU C 23 -11.57 6.25 7.00
CA LEU C 23 -10.14 6.15 7.43
C LEU C 23 -9.68 4.69 7.29
N THR C 24 -10.46 3.76 7.84
CA THR C 24 -10.08 2.33 7.92
C THR C 24 -9.88 1.77 6.51
N ILE C 25 -10.84 1.99 5.62
CA ILE C 25 -10.80 1.45 4.24
C ILE C 25 -9.60 2.07 3.50
N GLN C 26 -9.37 3.36 3.69
CA GLN C 26 -8.17 4.03 3.10
C GLN C 26 -6.90 3.35 3.61
N PHE C 27 -6.84 3.08 4.92
CA PHE C 27 -5.63 2.52 5.56
C PHE C 27 -5.34 1.12 4.99
N ILE C 28 -6.36 0.28 4.99
CA ILE C 28 -6.26 -1.16 4.62
C ILE C 28 -6.04 -1.31 3.11
N GLN C 29 -6.78 -0.57 2.29
CA GLN C 29 -6.75 -0.89 0.84
C GLN C 29 -6.80 0.34 -0.08
N SER C 30 -6.56 1.54 0.43
CA SER C 30 -6.37 2.76 -0.38
C SER C 30 -7.56 3.02 -1.33
N TYR C 31 -8.80 2.85 -0.86
CA TYR C 31 -10.00 3.32 -1.59
C TYR C 31 -10.65 4.45 -0.79
N PHE C 32 -11.25 5.39 -1.51
CA PHE C 32 -12.21 6.37 -0.97
C PHE C 32 -13.16 6.78 -2.08
N VAL C 33 -14.46 6.57 -1.87
CA VAL C 33 -15.50 7.06 -2.80
C VAL C 33 -16.49 7.88 -1.98
N SER C 34 -16.87 9.04 -2.50
CA SER C 34 -17.55 10.12 -1.74
C SER C 34 -18.96 9.67 -1.34
N ASP C 35 -19.71 9.09 -2.28
CA ASP C 35 -21.16 8.86 -2.12
C ASP C 35 -21.44 7.37 -2.37
N TYR C 36 -20.70 6.50 -1.71
CA TYR C 36 -20.68 5.05 -2.01
C TYR C 36 -20.32 4.31 -0.74
N ASP C 37 -21.34 3.84 0.00
N ASP C 37 -21.35 3.88 0.00
CA ASP C 37 -21.16 3.11 1.27
CA ASP C 37 -21.20 3.15 1.27
C ASP C 37 -21.75 1.71 1.12
C ASP C 37 -21.77 1.74 1.10
N PRO C 38 -21.15 0.86 0.27
CA PRO C 38 -21.66 -0.49 0.07
C PRO C 38 -21.47 -1.30 1.36
N ASN C 39 -22.41 -2.19 1.63
CA ASN C 39 -22.44 -2.98 2.89
C ASN C 39 -21.44 -4.11 2.75
N ILE C 40 -20.17 -3.75 2.76
CA ILE C 40 -19.07 -4.68 2.49
C ILE C 40 -18.75 -5.45 3.76
N GLU C 41 -18.00 -6.53 3.60
CA GLU C 41 -17.38 -7.24 4.74
C GLU C 41 -16.58 -6.21 5.54
N ASP C 42 -16.66 -6.28 6.87
CA ASP C 42 -16.10 -5.23 7.77
C ASP C 42 -15.08 -5.80 8.76
N SER C 43 -14.49 -6.97 8.54
CA SER C 43 -13.45 -7.47 9.46
C SER C 43 -12.08 -7.19 8.84
N TYR C 44 -11.70 -5.91 8.90
CA TYR C 44 -10.53 -5.29 8.24
C TYR C 44 -9.23 -5.82 8.82
N THR C 45 -8.37 -6.35 7.94
CA THR C 45 -7.04 -6.87 8.29
C THR C 45 -6.03 -6.24 7.35
N LYS C 46 -4.84 -5.95 7.86
CA LYS C 46 -3.72 -5.46 7.02
C LYS C 46 -2.41 -5.95 7.63
N ILE C 47 -1.47 -6.31 6.78
CA ILE C 47 -0.06 -6.49 7.23
C ILE C 47 0.62 -5.14 7.07
N CYS C 48 1.23 -4.70 8.16
CA CYS C 48 1.83 -3.35 8.31
C CYS C 48 3.26 -3.53 8.78
N SER C 49 4.16 -2.71 8.25
CA SER C 49 5.56 -2.64 8.72
C SER C 49 5.74 -1.28 9.40
N VAL C 50 6.02 -1.29 10.70
CA VAL C 50 6.19 -0.05 11.51
C VAL C 50 7.59 -0.06 12.07
N ASP C 51 8.40 0.94 11.72
CA ASP C 51 9.78 1.08 12.24
C ASP C 51 10.56 -0.21 11.93
N GLY C 52 10.31 -0.80 10.76
CA GLY C 52 11.04 -1.98 10.26
C GLY C 52 10.47 -3.31 10.73
N ILE C 53 9.45 -3.30 11.59
CA ILE C 53 8.94 -4.53 12.25
C ILE C 53 7.53 -4.81 11.76
N PRO C 54 7.31 -5.92 11.02
CA PRO C 54 5.97 -6.25 10.56
C PRO C 54 5.02 -6.52 11.73
N ALA C 55 3.76 -6.13 11.55
CA ALA C 55 2.63 -6.41 12.47
C ALA C 55 1.40 -6.73 11.64
N ARG C 56 0.66 -7.74 12.06
CA ARG C 56 -0.68 -7.99 11.49
C ARG C 56 -1.68 -7.19 12.32
N LEU C 57 -2.50 -6.37 11.67
CA LEU C 57 -3.48 -5.52 12.35
C LEU C 57 -4.89 -5.99 12.02
N ASP C 58 -5.66 -6.33 13.06
CA ASP C 58 -7.12 -6.59 12.95
C ASP C 58 -7.82 -5.33 13.42
N ILE C 59 -8.53 -4.65 12.52
CA ILE C 59 -9.14 -3.33 12.83
C ILE C 59 -10.65 -3.49 12.88
N LEU C 60 -11.22 -3.06 14.00
CA LEU C 60 -12.67 -3.12 14.27
C LEU C 60 -13.18 -1.68 14.37
N ASP C 61 -14.13 -1.33 13.51
CA ASP C 61 -14.84 -0.03 13.54
C ASP C 61 -16.10 -0.16 14.38
N THR C 62 -16.25 0.71 15.38
CA THR C 62 -17.53 0.81 16.14
C THR C 62 -18.59 1.40 15.21
N ALA C 63 -19.85 1.32 15.62
CA ALA C 63 -21.01 1.79 14.81
C ALA C 63 -21.56 3.08 15.40
N GLY C 64 -20.70 3.94 15.95
CA GLY C 64 -21.13 5.23 16.51
C GLY C 64 -21.73 5.09 17.90
N GLN C 65 -22.84 5.80 18.15
CA GLN C 65 -23.33 6.04 19.53
C GLN C 65 -24.12 4.82 19.99
N GLU C 66 -23.52 4.05 20.90
CA GLU C 66 -24.13 2.83 21.47
C GLU C 66 -24.73 3.18 22.83
N GLU C 67 -26.04 3.02 22.99
CA GLU C 67 -26.75 3.42 24.23
C GLU C 67 -26.40 2.46 25.38
N PHE C 68 -26.31 1.17 25.12
CA PHE C 68 -26.19 0.15 26.19
C PHE C 68 -24.71 -0.06 26.53
N GLY C 69 -24.36 0.16 27.80
CA GLY C 69 -22.97 0.13 28.27
C GLY C 69 -22.36 -1.25 28.16
N ALA C 70 -23.18 -2.30 28.20
CA ALA C 70 -22.68 -3.69 28.12
C ALA C 70 -22.16 -3.98 26.71
N MET C 71 -22.77 -3.38 25.68
CA MET C 71 -22.34 -3.62 24.27
C MET C 71 -21.20 -2.68 23.92
N ARG C 72 -21.27 -1.42 24.35
CA ARG C 72 -20.13 -0.48 24.31
C ARG C 72 -18.87 -1.18 24.82
N GLU C 73 -19.00 -1.97 25.89
CA GLU C 73 -17.83 -2.58 26.58
C GLU C 73 -17.18 -3.65 25.70
N GLN C 74 -17.95 -4.37 24.89
CA GLN C 74 -17.37 -5.45 24.04
C GLN C 74 -16.40 -4.83 23.03
N TYR C 75 -16.73 -3.66 22.49
CA TYR C 75 -15.85 -2.93 21.54
C TYR C 75 -14.55 -2.56 22.26
N MET C 76 -14.67 -2.06 23.49
CA MET C 76 -13.49 -1.58 24.25
C MET C 76 -12.66 -2.77 24.72
N ARG C 77 -13.27 -3.92 25.00
CA ARG C 77 -12.51 -5.13 25.39
C ARG C 77 -11.73 -5.66 24.17
N ALA C 78 -12.33 -5.56 22.97
CA ALA C 78 -11.74 -6.07 21.71
C ALA C 78 -10.44 -5.34 21.35
N GLY C 79 -10.11 -4.23 22.00
CA GLY C 79 -9.04 -3.34 21.51
C GLY C 79 -7.79 -3.41 22.37
N HIS C 80 -6.63 -3.59 21.74
CA HIS C 80 -5.31 -3.40 22.38
C HIS C 80 -4.87 -1.95 22.19
N GLY C 81 -5.61 -1.21 21.36
CA GLY C 81 -5.27 0.15 20.97
C GLY C 81 -6.45 0.79 20.28
N PHE C 82 -6.60 2.08 20.45
CA PHE C 82 -7.80 2.81 20.00
C PHE C 82 -7.39 3.99 19.14
N LEU C 83 -8.01 4.08 17.99
CA LEU C 83 -7.96 5.30 17.16
C LEU C 83 -9.20 6.13 17.50
N LEU C 84 -8.97 7.25 18.18
CA LEU C 84 -10.06 8.07 18.75
C LEU C 84 -10.35 9.19 17.75
N VAL C 85 -11.46 9.07 17.04
CA VAL C 85 -11.70 9.85 15.79
C VAL C 85 -12.83 10.85 16.03
N PHE C 86 -12.59 12.09 15.60
CA PHE C 86 -13.64 13.13 15.49
C PHE C 86 -13.43 13.87 14.18
N ALA C 87 -14.37 14.74 13.85
CA ALA C 87 -14.35 15.50 12.57
C ALA C 87 -14.13 16.96 12.91
N ILE C 88 -13.08 17.55 12.35
CA ILE C 88 -12.63 18.92 12.73
C ILE C 88 -13.74 19.92 12.42
N ASN C 89 -14.72 19.52 11.60
CA ASN C 89 -15.85 20.38 11.18
C ASN C 89 -17.09 20.10 12.05
N ASP C 90 -16.90 19.54 13.24
CA ASP C 90 -18.04 19.02 14.06
C ASP C 90 -17.62 19.03 15.52
N ARG C 91 -17.88 20.14 16.21
CA ARG C 91 -17.52 20.29 17.63
C ARG C 91 -18.16 19.19 18.47
N GLN C 92 -19.36 18.73 18.10
CA GLN C 92 -20.07 17.73 18.93
C GLN C 92 -19.33 16.39 18.86
N SER C 93 -18.78 16.05 17.69
CA SER C 93 -17.92 14.85 17.52
C SER C 93 -16.68 14.98 18.42
N PHE C 94 -16.21 16.21 18.66
CA PHE C 94 -15.02 16.48 19.51
C PHE C 94 -15.36 16.28 20.99
N ASN C 95 -16.48 16.85 21.44
CA ASN C 95 -16.99 16.61 22.81
C ASN C 95 -17.15 15.11 23.04
N GLU C 96 -17.59 14.38 22.01
CA GLU C 96 -17.93 12.94 22.15
C GLU C 96 -16.66 12.12 22.44
N VAL C 97 -15.50 12.55 21.95
CA VAL C 97 -14.27 11.70 22.07
C VAL C 97 -13.77 11.75 23.51
N GLY C 98 -13.85 12.91 24.17
CA GLY C 98 -13.47 13.04 25.58
C GLY C 98 -14.22 12.04 26.45
N LYS C 99 -15.52 11.85 26.18
CA LYS C 99 -16.33 10.80 26.85
C LYS C 99 -15.78 9.42 26.47
N LEU C 100 -15.62 9.16 25.18
CA LEU C 100 -15.14 7.84 24.71
C LEU C 100 -13.78 7.55 25.36
N PHE C 101 -12.90 8.54 25.37
CA PHE C 101 -11.56 8.40 25.99
C PHE C 101 -11.70 7.97 27.45
N THR C 102 -12.55 8.66 28.21
CA THR C 102 -12.77 8.33 29.64
C THR C 102 -13.26 6.89 29.79
N GLN C 103 -14.16 6.45 28.92
CA GLN C 103 -14.73 5.08 29.03
C GLN C 103 -13.64 4.04 28.77
N ILE C 104 -12.74 4.31 27.82
CA ILE C 104 -11.63 3.37 27.47
C ILE C 104 -10.76 3.19 28.71
N LEU C 105 -10.32 4.29 29.31
CA LEU C 105 -9.37 4.21 30.46
C LEU C 105 -10.04 3.51 31.63
N ARG C 106 -11.34 3.74 31.85
CA ARG C 106 -12.05 3.09 32.97
C ARG C 106 -12.16 1.59 32.69
N VAL C 107 -12.58 1.21 31.49
CA VAL C 107 -12.74 -0.23 31.11
C VAL C 107 -11.37 -0.93 31.16
N LYS C 108 -10.32 -0.27 30.67
CA LYS C 108 -8.96 -0.88 30.67
C LYS C 108 -8.33 -0.77 32.06
N ASP C 109 -8.81 0.14 32.91
CA ASP C 109 -8.32 0.36 34.29
C ASP C 109 -6.86 0.83 34.24
N ARG C 110 -6.59 1.84 33.42
CA ARG C 110 -5.27 2.50 33.36
C ARG C 110 -5.48 4.00 33.21
N ASP C 111 -4.39 4.76 33.29
CA ASP C 111 -4.38 6.21 32.98
C ASP C 111 -3.58 6.45 31.70
N ASP C 112 -3.18 5.41 30.96
CA ASP C 112 -2.20 5.60 29.85
C ASP C 112 -2.40 4.57 28.74
N PHE C 113 -3.62 4.13 28.49
CA PHE C 113 -3.87 3.06 27.50
C PHE C 113 -3.52 3.58 26.10
N PRO C 114 -2.95 2.75 25.20
CA PRO C 114 -2.62 3.19 23.84
C PRO C 114 -3.82 3.79 23.10
N VAL C 115 -3.71 5.08 22.81
CA VAL C 115 -4.74 5.86 22.08
C VAL C 115 -4.02 6.83 21.18
N VAL C 116 -4.53 7.02 19.97
CA VAL C 116 -4.13 8.15 19.09
C VAL C 116 -5.38 8.91 18.72
N LEU C 117 -5.32 10.23 18.90
CA LEU C 117 -6.45 11.14 18.62
C LEU C 117 -6.34 11.58 17.17
N VAL C 118 -7.42 11.44 16.41
CA VAL C 118 -7.44 11.82 14.98
C VAL C 118 -8.55 12.83 14.73
N GLY C 119 -8.16 14.02 14.26
CA GLY C 119 -9.11 15.00 13.71
C GLY C 119 -9.30 14.80 12.23
N ASN C 120 -10.42 14.19 11.83
CA ASN C 120 -10.67 13.80 10.41
C ASN C 120 -11.31 14.96 9.64
N LYS C 121 -11.33 14.82 8.31
CA LYS C 121 -11.96 15.77 7.36
C LYS C 121 -11.22 17.10 7.40
N ALA C 122 -9.89 17.06 7.49
CA ALA C 122 -9.03 18.26 7.49
C ALA C 122 -9.07 18.95 6.12
N ASP C 123 -9.51 18.24 5.08
CA ASP C 123 -9.75 18.82 3.74
C ASP C 123 -10.92 19.83 3.77
N LEU C 124 -11.71 19.84 4.84
CA LEU C 124 -12.88 20.75 4.98
C LEU C 124 -12.54 21.91 5.91
N GLU C 125 -11.39 22.55 5.66
CA GLU C 125 -10.80 23.56 6.58
C GLU C 125 -11.76 24.75 6.73
N SER C 126 -12.54 25.07 5.71
CA SER C 126 -13.54 26.18 5.75
C SER C 126 -14.59 25.89 6.85
N GLN C 127 -15.00 24.63 7.00
CA GLN C 127 -16.08 24.26 7.95
C GLN C 127 -15.50 23.95 9.34
N ARG C 128 -14.19 24.14 9.53
CA ARG C 128 -13.53 23.76 10.80
C ARG C 128 -14.28 24.38 11.97
N GLN C 129 -14.69 23.54 12.93
CA GLN C 129 -15.40 23.97 14.16
C GLN C 129 -14.49 23.85 15.39
N VAL C 130 -13.46 23.00 15.31
CA VAL C 130 -12.50 22.76 16.42
C VAL C 130 -11.14 23.20 15.92
N PRO C 131 -10.55 24.26 16.51
CA PRO C 131 -9.24 24.73 16.06
C PRO C 131 -8.17 23.70 16.41
N ARG C 132 -7.14 23.66 15.58
CA ARG C 132 -6.00 22.72 15.70
C ARG C 132 -5.38 22.86 17.10
N SER C 133 -5.24 24.08 17.60
CA SER C 133 -4.57 24.36 18.90
C SER C 133 -5.39 23.74 20.04
N GLU C 134 -6.72 23.72 19.94
CA GLU C 134 -7.60 23.20 21.02
C GLU C 134 -7.52 21.66 21.04
N ALA C 135 -7.46 21.03 19.87
CA ALA C 135 -7.30 19.56 19.77
C ALA C 135 -5.87 19.16 20.16
N SER C 136 -4.87 19.98 19.85
CA SER C 136 -3.47 19.72 20.23
C SER C 136 -3.34 19.78 21.76
N ALA C 137 -3.88 20.83 22.37
CA ALA C 137 -3.86 20.98 23.84
C ALA C 137 -4.55 19.78 24.50
N PHE C 138 -5.64 19.28 23.93
CA PHE C 138 -6.33 18.10 24.49
C PHE C 138 -5.45 16.87 24.30
N GLY C 139 -4.83 16.72 23.13
CA GLY C 139 -3.81 15.67 22.91
C GLY C 139 -2.73 15.72 23.96
N ALA C 140 -2.06 16.87 24.12
CA ALA C 140 -0.86 17.02 24.97
C ALA C 140 -1.22 16.79 26.44
N SER C 141 -2.34 17.35 26.88
CA SER C 141 -2.81 17.26 28.29
C SER C 141 -3.01 15.79 28.69
N HIS C 142 -3.31 14.90 27.75
CA HIS C 142 -3.55 13.46 28.04
C HIS C 142 -2.41 12.58 27.51
N HIS C 143 -1.32 13.18 27.02
CA HIS C 143 -0.10 12.47 26.55
C HIS C 143 -0.47 11.45 25.48
N VAL C 144 -1.31 11.85 24.52
CA VAL C 144 -1.57 11.04 23.30
C VAL C 144 -1.25 11.88 22.09
N ALA C 145 -0.63 11.27 21.10
CA ALA C 145 -0.37 11.92 19.79
C ALA C 145 -1.70 12.35 19.20
N TYR C 146 -1.63 13.40 18.40
CA TYR C 146 -2.80 13.98 17.70
C TYR C 146 -2.43 14.13 16.24
N PHE C 147 -3.30 13.62 15.37
CA PHE C 147 -3.11 13.75 13.91
C PHE C 147 -4.35 14.41 13.33
N GLU C 148 -4.12 15.43 12.50
CA GLU C 148 -5.17 15.94 11.61
C GLU C 148 -5.07 15.16 10.30
N ALA C 149 -6.16 14.52 9.91
CA ALA C 149 -6.16 13.57 8.79
C ALA C 149 -7.26 13.91 7.81
N SER C 150 -7.11 13.41 6.59
CA SER C 150 -8.19 13.38 5.57
C SER C 150 -8.24 11.98 4.96
N ALA C 151 -9.29 11.23 5.26
CA ALA C 151 -9.59 9.96 4.57
C ALA C 151 -9.73 10.23 3.07
N LYS C 152 -10.39 11.34 2.72
CA LYS C 152 -10.67 11.69 1.30
C LYS C 152 -9.38 11.95 0.54
N LEU C 153 -8.48 12.76 1.08
CA LEU C 153 -7.20 13.11 0.38
C LEU C 153 -6.10 12.13 0.78
N ARG C 154 -6.40 11.18 1.65
CA ARG C 154 -5.42 10.22 2.23
C ARG C 154 -4.26 10.99 2.84
N LEU C 155 -4.59 11.92 3.73
CA LEU C 155 -3.60 12.72 4.49
C LEU C 155 -3.52 12.16 5.91
N ASN C 156 -2.33 11.73 6.31
CA ASN C 156 -2.04 11.29 7.71
C ASN C 156 -2.88 10.06 8.08
N VAL C 157 -3.24 9.24 7.10
CA VAL C 157 -4.02 8.00 7.37
C VAL C 157 -3.05 6.94 7.90
N ASP C 158 -2.04 6.60 7.12
CA ASP C 158 -0.98 5.64 7.55
C ASP C 158 -0.33 6.13 8.84
N GLU C 159 0.01 7.42 8.92
CA GLU C 159 0.83 7.97 10.02
C GLU C 159 0.10 7.78 11.35
N ALA C 160 -1.23 7.99 11.37
CA ALA C 160 -2.02 7.92 12.62
C ALA C 160 -2.10 6.46 13.08
N PHE C 161 -2.44 5.54 12.18
CA PHE C 161 -2.49 4.09 12.49
C PHE C 161 -1.12 3.60 12.93
N GLU C 162 -0.07 3.99 12.21
CA GLU C 162 1.31 3.54 12.52
C GLU C 162 1.75 4.09 13.87
N GLN C 163 1.35 5.30 14.21
CA GLN C 163 1.67 5.87 15.54
C GLN C 163 0.92 5.06 16.62
N LEU C 164 -0.30 4.62 16.32
CA LEU C 164 -1.06 3.80 17.29
C LEU C 164 -0.34 2.47 17.52
N VAL C 165 0.26 1.89 16.47
CA VAL C 165 1.02 0.62 16.62
C VAL C 165 2.21 0.89 17.54
N ARG C 166 2.87 2.04 17.37
CA ARG C 166 4.03 2.43 18.22
C ARG C 166 3.61 2.53 19.68
N ALA C 167 2.50 3.22 19.96
CA ALA C 167 2.00 3.39 21.35
C ALA C 167 1.60 2.02 21.92
N VAL C 168 1.05 1.15 21.09
CA VAL C 168 0.64 -0.22 21.53
C VAL C 168 1.89 -1.01 21.92
N ARG C 169 2.92 -0.96 21.10
CA ARG C 169 4.19 -1.67 21.40
C ARG C 169 4.83 -1.09 22.67
N LYS C 170 4.92 0.23 22.75
CA LYS C 170 5.55 0.91 23.92
C LYS C 170 4.77 0.52 25.17
N TYR C 171 3.45 0.51 25.10
CA TYR C 171 2.59 0.24 26.29
C TYR C 171 2.74 -1.22 26.71
N GLN C 172 2.74 -2.15 25.74
CA GLN C 172 2.78 -3.60 26.05
C GLN C 172 4.16 -3.97 26.62
N GLU C 173 5.23 -3.32 26.15
CA GLU C 173 6.59 -3.58 26.71
C GLU C 173 6.65 -3.11 28.16
N GLN C 174 6.14 -1.92 28.46
CA GLN C 174 6.24 -1.39 29.85
C GLN C 174 5.23 -2.11 30.75
N GLU C 175 4.26 -2.84 30.19
CA GLU C 175 3.31 -3.67 30.97
C GLU C 175 3.90 -5.04 31.32
N LEU C 176 5.02 -5.43 30.72
CA LEU C 176 5.61 -6.78 30.96
C LEU C 176 5.87 -6.94 32.45
N PRO C 177 5.52 -8.13 33.02
CA PRO C 177 5.77 -8.41 34.44
C PRO C 177 7.25 -8.42 34.78
N PRO C 178 7.66 -7.87 35.95
CA PRO C 178 6.77 -7.12 36.84
C PRO C 178 6.78 -5.64 36.46
N SER C 179 5.63 -5.09 36.08
CA SER C 179 5.54 -3.66 35.66
C SER C 179 5.75 -2.76 36.88
N ASP D 1 4.57 -18.72 15.58
CA ASP D 1 4.82 -20.13 15.17
C ASP D 1 4.80 -20.29 13.64
N PRO D 2 4.29 -19.34 12.82
CA PRO D 2 4.35 -19.49 11.36
C PRO D 2 5.80 -19.42 10.87
N PRO D 3 6.12 -19.96 9.68
CA PRO D 3 7.51 -19.96 9.21
C PRO D 3 8.03 -18.54 9.04
N PRO D 4 9.32 -18.30 9.34
CA PRO D 4 9.91 -16.99 9.10
C PRO D 4 9.77 -16.56 7.64
N SER D 5 9.53 -15.27 7.44
CA SER D 5 9.41 -14.64 6.11
C SER D 5 10.59 -15.05 5.23
N GLU D 6 10.27 -15.39 3.99
CA GLU D 6 11.26 -15.65 2.92
C GLU D 6 11.73 -14.29 2.42
N THR D 7 12.96 -14.21 1.92
CA THR D 7 13.45 -12.98 1.25
C THR D 7 13.73 -13.34 -0.20
N HIS D 8 13.21 -12.57 -1.14
CA HIS D 8 13.42 -12.88 -2.56
C HIS D 8 14.13 -11.71 -3.23
N LYS D 9 15.12 -12.05 -4.04
CA LYS D 9 15.86 -11.09 -4.87
C LYS D 9 15.25 -11.09 -6.26
N LEU D 10 14.56 -10.01 -6.61
CA LEU D 10 13.89 -9.88 -7.92
C LEU D 10 14.62 -8.82 -8.73
N VAL D 11 14.86 -9.12 -9.99
CA VAL D 11 15.57 -8.21 -10.91
C VAL D 11 14.60 -7.81 -12.01
N VAL D 12 14.43 -6.51 -12.18
CA VAL D 12 13.59 -5.94 -13.26
C VAL D 12 14.52 -5.56 -14.42
N VAL D 13 14.34 -6.24 -15.55
CA VAL D 13 15.23 -6.11 -16.74
C VAL D 13 14.39 -5.68 -17.94
N GLY D 14 15.08 -5.11 -18.92
CA GLY D 14 14.47 -4.59 -20.14
C GLY D 14 15.22 -3.36 -20.62
N GLY D 15 14.90 -2.88 -21.82
CA GLY D 15 15.59 -1.73 -22.41
C GLY D 15 15.44 -0.50 -21.53
N GLY D 16 16.38 0.44 -21.67
CA GLY D 16 16.27 1.75 -21.00
C GLY D 16 15.03 2.50 -21.49
N GLY D 17 14.32 3.16 -20.57
CA GLY D 17 13.13 3.96 -20.90
C GLY D 17 11.85 3.15 -20.98
N VAL D 18 11.88 1.82 -20.75
CA VAL D 18 10.63 1.01 -20.88
C VAL D 18 9.75 1.19 -19.63
N GLY D 19 10.30 1.74 -18.55
CA GLY D 19 9.52 2.01 -17.31
C GLY D 19 9.83 1.06 -16.17
N LYS D 20 11.06 0.56 -16.07
CA LYS D 20 11.45 -0.38 -14.98
C LYS D 20 11.39 0.35 -13.63
N SER D 21 11.98 1.54 -13.55
CA SER D 21 11.98 2.38 -12.32
C SER D 21 10.55 2.78 -11.98
N ALA D 22 9.77 3.21 -12.97
CA ALA D 22 8.38 3.65 -12.75
C ALA D 22 7.57 2.49 -12.19
N LEU D 23 7.69 1.29 -12.75
CA LEU D 23 6.96 0.10 -12.24
C LEU D 23 7.41 -0.18 -10.80
N THR D 24 8.72 -0.24 -10.57
CA THR D 24 9.29 -0.62 -9.26
C THR D 24 8.82 0.36 -8.20
N ILE D 25 8.94 1.66 -8.48
CA ILE D 25 8.55 2.73 -7.52
C ILE D 25 7.04 2.65 -7.26
N GLN D 26 6.24 2.46 -8.29
CA GLN D 26 4.77 2.28 -8.11
C GLN D 26 4.49 1.08 -7.20
N PHE D 27 5.19 -0.03 -7.42
CA PHE D 27 5.01 -1.28 -6.63
C PHE D 27 5.37 -1.02 -5.16
N ILE D 28 6.53 -0.41 -4.90
CA ILE D 28 7.03 -0.20 -3.50
C ILE D 28 6.18 0.87 -2.80
N GLN D 29 6.05 2.04 -3.42
CA GLN D 29 5.69 3.30 -2.71
C GLN D 29 4.43 3.94 -3.30
N SER D 30 3.88 3.38 -4.38
CA SER D 30 2.64 3.90 -5.02
C SER D 30 2.81 5.37 -5.40
N TYR D 31 3.96 5.73 -5.96
CA TYR D 31 4.20 7.07 -6.57
C TYR D 31 4.50 6.91 -8.06
N PHE D 32 3.88 7.78 -8.84
CA PHE D 32 4.25 8.04 -10.25
C PHE D 32 4.11 9.53 -10.49
N VAL D 33 5.12 10.10 -11.13
CA VAL D 33 5.11 11.54 -11.53
C VAL D 33 5.77 11.63 -12.91
N SER D 34 5.02 12.11 -13.90
CA SER D 34 5.56 12.41 -15.23
C SER D 34 6.56 13.55 -15.10
N ASP D 35 7.62 13.53 -15.90
CA ASP D 35 8.58 14.65 -16.02
C ASP D 35 9.32 14.89 -14.70
N TYR D 36 9.42 13.89 -13.82
CA TYR D 36 10.10 14.04 -12.50
C TYR D 36 10.81 12.75 -12.14
N ASP D 37 12.09 12.67 -12.49
CA ASP D 37 12.94 11.48 -12.27
C ASP D 37 14.09 11.87 -11.35
N PRO D 38 13.82 12.12 -10.05
CA PRO D 38 14.89 12.44 -9.12
C PRO D 38 15.86 11.26 -9.00
N ASN D 39 17.13 11.58 -8.74
CA ASN D 39 18.20 10.57 -8.63
C ASN D 39 18.18 9.99 -7.23
N ILE D 40 17.07 9.32 -6.92
CA ILE D 40 16.77 8.79 -5.57
C ILE D 40 17.57 7.52 -5.35
N GLU D 41 17.63 7.09 -4.10
CA GLU D 41 18.22 5.78 -3.70
C GLU D 41 17.44 4.68 -4.42
N ASP D 42 18.15 3.68 -4.96
CA ASP D 42 17.56 2.66 -5.86
C ASP D 42 17.71 1.25 -5.29
N SER D 43 17.67 1.09 -3.96
CA SER D 43 17.85 -0.26 -3.36
C SER D 43 16.50 -0.74 -2.81
N TYR D 44 15.52 -0.85 -3.71
CA TYR D 44 14.08 -0.91 -3.33
C TYR D 44 13.81 -2.20 -2.58
N THR D 45 13.14 -2.05 -1.46
CA THR D 45 12.69 -3.20 -0.65
C THR D 45 11.23 -2.98 -0.31
N LYS D 46 10.53 -4.08 -0.10
CA LYS D 46 9.16 -4.03 0.40
C LYS D 46 8.82 -5.37 1.05
N ILE D 47 8.06 -5.30 2.14
CA ILE D 47 7.39 -6.48 2.72
C ILE D 47 6.11 -6.70 1.94
N CYS D 48 5.89 -7.93 1.51
CA CYS D 48 4.76 -8.27 0.62
C CYS D 48 3.94 -9.39 1.24
N SER D 49 2.67 -9.44 0.88
CA SER D 49 1.77 -10.56 1.24
C SER D 49 1.27 -11.18 -0.05
N VAL D 50 1.67 -12.41 -0.34
CA VAL D 50 1.19 -13.12 -1.56
C VAL D 50 0.50 -14.39 -1.11
N ASP D 51 -0.76 -14.54 -1.52
CA ASP D 51 -1.62 -15.68 -1.10
C ASP D 51 -1.57 -15.83 0.41
N GLY D 52 -1.52 -14.71 1.13
CA GLY D 52 -1.52 -14.68 2.60
C GLY D 52 -0.19 -15.05 3.24
N ILE D 53 0.89 -15.20 2.47
CA ILE D 53 2.23 -15.48 3.04
C ILE D 53 3.10 -14.25 2.84
N PRO D 54 3.58 -13.59 3.92
CA PRO D 54 4.48 -12.47 3.74
C PRO D 54 5.83 -12.89 3.15
N ALA D 55 6.45 -11.97 2.42
CA ALA D 55 7.80 -12.14 1.87
C ALA D 55 8.49 -10.79 1.82
N ARG D 56 9.79 -10.79 2.11
CA ARG D 56 10.64 -9.61 1.91
C ARG D 56 11.18 -9.65 0.50
N LEU D 57 10.92 -8.61 -0.28
CA LEU D 57 11.38 -8.52 -1.69
C LEU D 57 12.45 -7.44 -1.79
N ASP D 58 13.67 -7.83 -2.16
CA ASP D 58 14.71 -6.88 -2.60
C ASP D 58 14.62 -6.82 -4.11
N ILE D 59 14.41 -5.64 -4.65
CA ILE D 59 14.17 -5.45 -6.10
C ILE D 59 15.32 -4.63 -6.66
N LEU D 60 15.91 -5.14 -7.73
CA LEU D 60 17.07 -4.54 -8.41
C LEU D 60 16.67 -4.25 -9.85
N ASP D 61 16.66 -2.98 -10.22
CA ASP D 61 16.40 -2.54 -11.60
C ASP D 61 17.72 -2.47 -12.34
N THR D 62 17.75 -2.94 -13.59
CA THR D 62 18.96 -2.82 -14.43
C THR D 62 19.01 -1.43 -15.03
N ALA D 63 20.09 -1.10 -15.74
CA ALA D 63 20.32 0.30 -16.20
C ALA D 63 19.83 0.58 -17.64
N GLY D 64 20.46 -0.09 -18.59
CA GLY D 64 20.17 0.17 -20.02
C GLY D 64 20.48 -1.13 -20.69
N GLN D 65 20.47 -1.16 -22.00
CA GLN D 65 21.04 -2.33 -22.70
C GLN D 65 22.53 -2.34 -22.34
N GLU D 66 22.95 -3.34 -21.55
CA GLU D 66 24.36 -3.47 -21.13
C GLU D 66 25.10 -4.25 -22.21
N GLU D 67 26.18 -3.67 -22.72
CA GLU D 67 26.94 -4.24 -23.87
C GLU D 67 27.80 -5.42 -23.40
N PHE D 68 28.43 -5.31 -22.23
CA PHE D 68 29.47 -6.26 -21.78
C PHE D 68 28.82 -7.42 -21.03
N GLY D 69 29.10 -8.64 -21.49
CA GLY D 69 28.48 -9.86 -20.94
C GLY D 69 28.81 -10.03 -19.47
N ALA D 70 30.04 -9.68 -19.07
CA ALA D 70 30.49 -9.79 -17.67
C ALA D 70 29.60 -8.93 -16.76
N MET D 71 29.21 -7.74 -17.22
CA MET D 71 28.39 -6.82 -16.39
C MET D 71 26.93 -7.29 -16.36
N ARG D 72 26.39 -7.69 -17.52
CA ARG D 72 25.00 -8.20 -17.60
C ARG D 72 24.87 -9.44 -16.71
N GLU D 73 25.92 -10.24 -16.63
CA GLU D 73 25.93 -11.50 -15.83
C GLU D 73 25.73 -11.20 -14.35
N GLN D 74 26.31 -10.11 -13.84
CA GLN D 74 26.23 -9.80 -12.39
C GLN D 74 24.76 -9.51 -12.03
N TYR D 75 24.04 -8.82 -12.91
CA TYR D 75 22.59 -8.54 -12.70
C TYR D 75 21.80 -9.84 -12.61
N MET D 76 22.23 -10.88 -13.31
CA MET D 76 21.44 -12.13 -13.43
C MET D 76 21.79 -13.10 -12.31
N ARG D 77 23.03 -13.10 -11.85
CA ARG D 77 23.39 -13.84 -10.61
C ARG D 77 22.49 -13.34 -9.47
N ALA D 78 22.16 -12.05 -9.45
CA ALA D 78 21.46 -11.42 -8.30
C ALA D 78 19.99 -11.86 -8.23
N GLY D 79 19.40 -12.36 -9.31
CA GLY D 79 17.95 -12.56 -9.39
C GLY D 79 17.55 -13.98 -9.05
N HIS D 80 16.66 -14.15 -8.08
CA HIS D 80 15.91 -15.41 -7.88
C HIS D 80 14.73 -15.45 -8.85
N GLY D 81 14.43 -14.32 -9.47
CA GLY D 81 13.34 -14.21 -10.46
C GLY D 81 13.44 -12.89 -11.17
N PHE D 82 12.83 -12.80 -12.34
CA PHE D 82 13.03 -11.67 -13.26
C PHE D 82 11.68 -11.12 -13.72
N LEU D 83 11.49 -9.82 -13.50
CA LEU D 83 10.44 -9.07 -14.22
C LEU D 83 11.04 -8.58 -15.54
N LEU D 84 10.53 -9.12 -16.64
CA LEU D 84 11.09 -8.89 -17.98
C LEU D 84 10.18 -7.91 -18.71
N VAL D 85 10.59 -6.64 -18.72
CA VAL D 85 9.71 -5.50 -19.09
C VAL D 85 10.09 -5.03 -20.49
N PHE D 86 9.06 -4.81 -21.30
CA PHE D 86 9.14 -4.00 -22.54
C PHE D 86 7.99 -2.99 -22.49
N ALA D 87 7.96 -2.07 -23.44
CA ALA D 87 6.87 -1.08 -23.58
C ALA D 87 6.08 -1.40 -24.85
N ILE D 88 4.76 -1.48 -24.73
CA ILE D 88 3.88 -1.95 -25.84
C ILE D 88 3.97 -0.99 -27.03
N ASN D 89 4.35 0.26 -26.79
CA ASN D 89 4.48 1.30 -27.85
C ASN D 89 5.91 1.30 -28.40
N ASP D 90 6.61 0.16 -28.36
CA ASP D 90 8.06 0.16 -28.71
C ASP D 90 8.50 -1.27 -29.06
N ARG D 91 8.23 -1.69 -30.30
CA ARG D 91 8.59 -3.06 -30.75
C ARG D 91 10.07 -3.35 -30.50
N GLN D 92 10.94 -2.35 -30.63
CA GLN D 92 12.39 -2.56 -30.41
C GLN D 92 12.63 -3.04 -28.98
N SER D 93 11.88 -2.54 -27.99
CA SER D 93 12.03 -2.97 -26.58
C SER D 93 11.52 -4.40 -26.43
N PHE D 94 10.49 -4.77 -27.17
CA PHE D 94 9.99 -6.17 -27.23
C PHE D 94 11.07 -7.08 -27.82
N ASN D 95 11.76 -6.63 -28.87
CA ASN D 95 12.89 -7.37 -29.47
C ASN D 95 13.95 -7.65 -28.41
N GLU D 96 14.19 -6.70 -27.51
CA GLU D 96 15.28 -6.82 -26.50
C GLU D 96 14.91 -7.91 -25.48
N VAL D 97 13.63 -8.12 -25.18
CA VAL D 97 13.24 -9.04 -24.07
C VAL D 97 13.47 -10.49 -24.52
N GLY D 98 13.28 -10.77 -25.81
CA GLY D 98 13.64 -12.09 -26.37
C GLY D 98 15.10 -12.40 -26.10
N LYS D 99 15.99 -11.41 -26.24
CA LYS D 99 17.44 -11.60 -26.01
C LYS D 99 17.69 -11.88 -24.51
N LEU D 100 17.06 -11.10 -23.63
CA LEU D 100 17.31 -11.19 -22.17
C LEU D 100 16.83 -12.54 -21.63
N PHE D 101 15.77 -13.10 -22.20
CA PHE D 101 15.26 -14.42 -21.80
C PHE D 101 16.34 -15.48 -22.02
N THR D 102 16.95 -15.47 -23.20
CA THR D 102 18.05 -16.40 -23.55
C THR D 102 19.16 -16.29 -22.50
N GLN D 103 19.59 -15.08 -22.16
CA GLN D 103 20.73 -14.86 -21.23
C GLN D 103 20.38 -15.42 -19.86
N ILE D 104 19.18 -15.13 -19.36
CA ILE D 104 18.73 -15.56 -18.01
C ILE D 104 18.84 -17.08 -17.91
N LEU D 105 18.34 -17.81 -18.91
CA LEU D 105 18.37 -19.30 -18.92
C LEU D 105 19.84 -19.77 -18.95
N ARG D 106 20.64 -19.11 -19.79
CA ARG D 106 22.08 -19.44 -19.96
C ARG D 106 22.80 -19.26 -18.62
N VAL D 107 22.47 -18.23 -17.85
CA VAL D 107 23.26 -17.92 -16.62
C VAL D 107 22.75 -18.76 -15.44
N LYS D 108 21.45 -19.03 -15.35
CA LYS D 108 20.89 -19.89 -14.26
C LYS D 108 21.04 -21.37 -14.63
N ASP D 109 21.15 -21.66 -15.92
CA ASP D 109 21.36 -23.04 -16.45
C ASP D 109 20.06 -23.85 -16.29
N ARG D 110 18.94 -23.30 -16.76
CA ARG D 110 17.63 -23.97 -16.74
C ARG D 110 16.88 -23.70 -18.04
N ASP D 111 15.73 -24.36 -18.19
CA ASP D 111 14.75 -24.07 -19.26
C ASP D 111 13.57 -23.28 -18.69
N ASP D 112 13.44 -23.18 -17.36
CA ASP D 112 12.18 -22.76 -16.70
C ASP D 112 12.46 -21.89 -15.47
N PHE D 113 13.26 -20.83 -15.61
CA PHE D 113 13.57 -19.97 -14.45
C PHE D 113 12.40 -19.01 -14.21
N PRO D 114 12.12 -18.62 -12.94
CA PRO D 114 11.00 -17.73 -12.65
C PRO D 114 11.11 -16.40 -13.38
N VAL D 115 10.23 -16.21 -14.35
CA VAL D 115 10.18 -14.98 -15.19
C VAL D 115 8.71 -14.63 -15.39
N VAL D 116 8.41 -13.34 -15.27
CA VAL D 116 7.07 -12.80 -15.61
C VAL D 116 7.28 -11.72 -16.66
N LEU D 117 6.53 -11.78 -17.75
CA LEU D 117 6.69 -10.84 -18.88
C LEU D 117 5.69 -9.70 -18.70
N VAL D 118 6.17 -8.48 -18.86
CA VAL D 118 5.34 -7.26 -18.67
C VAL D 118 5.48 -6.35 -19.89
N GLY D 119 4.35 -6.14 -20.58
CA GLY D 119 4.23 -5.03 -21.55
C GLY D 119 3.78 -3.79 -20.81
N ASN D 120 4.70 -2.88 -20.51
CA ASN D 120 4.38 -1.65 -19.75
C ASN D 120 3.85 -0.58 -20.69
N LYS D 121 3.22 0.44 -20.10
CA LYS D 121 2.63 1.62 -20.79
C LYS D 121 1.38 1.18 -21.55
N ALA D 122 0.54 0.37 -20.90
CA ALA D 122 -0.79 0.00 -21.44
C ALA D 122 -1.66 1.26 -21.56
N ASP D 123 -1.31 2.34 -20.86
CA ASP D 123 -2.05 3.63 -20.99
C ASP D 123 -1.90 4.18 -22.41
N LEU D 124 -0.79 3.87 -23.09
CA LEU D 124 -0.49 4.38 -24.45
C LEU D 124 -0.98 3.37 -25.50
N GLU D 125 -2.22 2.91 -25.40
CA GLU D 125 -2.80 1.92 -26.34
C GLU D 125 -2.83 2.50 -27.76
N SER D 126 -3.14 3.79 -27.88
CA SER D 126 -3.27 4.51 -29.17
C SER D 126 -1.94 4.47 -29.96
N GLN D 127 -0.81 4.13 -29.32
CA GLN D 127 0.51 4.12 -30.00
C GLN D 127 1.14 2.74 -29.94
N ARG D 128 0.32 1.69 -29.87
CA ARG D 128 0.83 0.31 -29.72
C ARG D 128 1.67 -0.08 -30.94
N GLN D 129 2.80 -0.73 -30.69
CA GLN D 129 3.70 -1.28 -31.74
C GLN D 129 3.84 -2.79 -31.64
N VAL D 130 3.36 -3.41 -30.55
CA VAL D 130 3.37 -4.90 -30.39
C VAL D 130 1.95 -5.32 -30.05
N PRO D 131 1.29 -6.15 -30.89
CA PRO D 131 -0.07 -6.58 -30.57
C PRO D 131 -0.08 -7.40 -29.29
N ARG D 132 -1.17 -7.30 -28.54
CA ARG D 132 -1.31 -8.06 -27.28
C ARG D 132 -1.15 -9.56 -27.56
N SER D 133 -1.79 -10.05 -28.63
CA SER D 133 -1.75 -11.48 -29.02
C SER D 133 -0.31 -11.92 -29.28
N GLU D 134 0.51 -11.06 -29.90
CA GLU D 134 1.91 -11.46 -30.25
C GLU D 134 2.73 -11.57 -28.97
N ALA D 135 2.58 -10.64 -28.04
CA ALA D 135 3.33 -10.65 -26.76
C ALA D 135 2.87 -11.84 -25.92
N SER D 136 1.57 -12.03 -25.76
CA SER D 136 1.03 -13.11 -24.88
C SER D 136 1.30 -14.48 -25.53
N ALA D 137 1.46 -14.54 -26.86
CA ALA D 137 1.93 -15.78 -27.53
C ALA D 137 3.39 -16.04 -27.16
N PHE D 138 4.21 -15.01 -27.08
CA PHE D 138 5.62 -15.13 -26.62
C PHE D 138 5.64 -15.65 -25.19
N GLY D 139 4.70 -15.17 -24.35
CA GLY D 139 4.55 -15.67 -22.98
C GLY D 139 4.14 -17.13 -22.95
N ALA D 140 3.08 -17.48 -23.68
CA ALA D 140 2.51 -18.86 -23.68
C ALA D 140 3.55 -19.86 -24.21
N SER D 141 4.35 -19.45 -25.19
CA SER D 141 5.35 -20.35 -25.83
C SER D 141 6.54 -20.61 -24.91
N HIS D 142 6.75 -19.79 -23.87
CA HIS D 142 7.88 -20.00 -22.93
C HIS D 142 7.37 -20.31 -21.52
N HIS D 143 6.07 -20.57 -21.36
CA HIS D 143 5.43 -20.93 -20.06
C HIS D 143 5.76 -19.86 -19.01
N VAL D 144 5.58 -18.58 -19.37
CA VAL D 144 5.69 -17.45 -18.41
C VAL D 144 4.40 -16.63 -18.50
N ALA D 145 3.91 -16.14 -17.36
CA ALA D 145 2.70 -15.29 -17.32
C ALA D 145 3.01 -13.96 -18.00
N TYR D 146 2.02 -13.41 -18.71
CA TYR D 146 2.13 -12.11 -19.40
C TYR D 146 1.11 -11.15 -18.80
N PHE D 147 1.57 -9.98 -18.37
CA PHE D 147 0.70 -8.88 -17.90
C PHE D 147 0.96 -7.64 -18.75
N GLU D 148 -0.09 -7.07 -19.28
CA GLU D 148 -0.07 -5.69 -19.82
C GLU D 148 -0.29 -4.76 -18.64
N ALA D 149 0.67 -3.87 -18.41
CA ALA D 149 0.70 -3.04 -17.19
C ALA D 149 0.84 -1.58 -17.57
N SER D 150 0.50 -0.72 -16.62
CA SER D 150 0.74 0.73 -16.71
C SER D 150 1.21 1.22 -15.35
N ALA D 151 2.48 1.61 -15.24
CA ALA D 151 3.00 2.28 -14.03
C ALA D 151 2.26 3.61 -13.85
N LYS D 152 1.88 4.27 -14.94
CA LYS D 152 1.23 5.60 -14.88
C LYS D 152 -0.15 5.49 -14.20
N LEU D 153 -0.95 4.48 -14.55
CA LEU D 153 -2.31 4.33 -13.96
C LEU D 153 -2.30 3.30 -12.83
N ARG D 154 -1.14 2.76 -12.50
CA ARG D 154 -0.96 1.66 -11.53
C ARG D 154 -1.92 0.53 -11.90
N LEU D 155 -1.79 0.04 -13.13
CA LEU D 155 -2.58 -1.09 -13.68
C LEU D 155 -1.69 -2.33 -13.75
N ASN D 156 -2.13 -3.41 -13.10
CA ASN D 156 -1.45 -4.72 -13.06
C ASN D 156 -0.04 -4.61 -12.45
N VAL D 157 0.29 -3.54 -11.73
CA VAL D 157 1.67 -3.41 -11.17
C VAL D 157 1.84 -4.41 -10.03
N ASP D 158 0.98 -4.36 -9.02
CA ASP D 158 0.99 -5.34 -7.91
C ASP D 158 0.84 -6.75 -8.47
N GLU D 159 -0.09 -6.92 -9.43
CA GLU D 159 -0.46 -8.27 -9.95
C GLU D 159 0.76 -8.94 -10.58
N ALA D 160 1.57 -8.20 -11.34
CA ALA D 160 2.71 -8.77 -12.09
C ALA D 160 3.82 -9.18 -11.11
N PHE D 161 4.18 -8.30 -10.16
CA PHE D 161 5.19 -8.60 -9.13
C PHE D 161 4.74 -9.79 -8.26
N GLU D 162 3.46 -9.79 -7.86
CA GLU D 162 2.89 -10.87 -7.03
C GLU D 162 2.96 -12.20 -7.76
N GLN D 163 2.65 -12.20 -9.06
CA GLN D 163 2.74 -13.44 -9.88
C GLN D 163 4.19 -13.90 -9.96
N LEU D 164 5.16 -12.97 -9.94
CA LEU D 164 6.59 -13.37 -10.02
C LEU D 164 6.99 -14.05 -8.70
N VAL D 165 6.47 -13.59 -7.58
CA VAL D 165 6.71 -14.24 -6.26
C VAL D 165 6.17 -15.68 -6.32
N ARG D 166 4.96 -15.85 -6.84
CA ARG D 166 4.34 -17.20 -6.98
C ARG D 166 5.26 -18.11 -7.78
N ALA D 167 5.76 -17.63 -8.92
CA ALA D 167 6.61 -18.45 -9.82
C ALA D 167 7.93 -18.78 -9.11
N VAL D 168 8.50 -17.83 -8.39
CA VAL D 168 9.75 -18.07 -7.61
C VAL D 168 9.48 -19.17 -6.57
N ARG D 169 8.44 -19.00 -5.75
CA ARG D 169 8.10 -19.98 -4.70
C ARG D 169 7.95 -21.37 -5.32
N LYS D 170 7.17 -21.47 -6.38
CA LYS D 170 6.85 -22.78 -7.02
C LYS D 170 8.14 -23.39 -7.57
N TYR D 171 8.97 -22.59 -8.24
CA TYR D 171 10.26 -23.07 -8.79
C TYR D 171 11.16 -23.54 -7.65
N GLN D 172 11.27 -22.78 -6.56
CA GLN D 172 12.18 -23.14 -5.44
C GLN D 172 11.69 -24.43 -4.77
N GLU D 173 10.38 -24.64 -4.69
CA GLU D 173 9.80 -25.88 -4.11
C GLU D 173 10.17 -27.07 -5.02
N GLN D 174 10.08 -26.89 -6.34
CA GLN D 174 10.41 -27.97 -7.30
C GLN D 174 11.90 -28.30 -7.25
N GLU D 175 12.74 -27.31 -6.93
CA GLU D 175 14.22 -27.46 -6.87
C GLU D 175 14.67 -28.14 -5.58
N LEU D 176 13.79 -28.36 -4.61
CA LEU D 176 14.23 -28.97 -3.35
C LEU D 176 14.77 -30.37 -3.65
N PRO D 177 15.94 -30.75 -3.09
CA PRO D 177 16.52 -32.08 -3.30
C PRO D 177 15.63 -33.21 -2.81
N PRO D 178 15.52 -34.36 -3.51
CA PRO D 178 15.89 -34.50 -4.92
C PRO D 178 14.97 -33.86 -5.97
N SER D 179 15.58 -33.04 -6.84
CA SER D 179 14.94 -32.27 -7.95
C SER D 179 13.91 -33.14 -8.68
#